data_5QRG
# 
_entry.id   5QRG 
# 
_audit_conform.dict_name       mmcif_pdbx.dic 
_audit_conform.dict_version    5.387 
_audit_conform.dict_location   http://mmcif.pdb.org/dictionaries/ascii/mmcif_pdbx.dic 
# 
loop_
_database_2.database_id 
_database_2.database_code 
_database_2.pdbx_database_accession 
_database_2.pdbx_DOI 
PDB   5QRG         pdb_00005qrg 10.2210/pdb5qrg/pdb 
WWPDB D_1001402313 ?            ?                   
# 
loop_
_pdbx_audit_revision_history.ordinal 
_pdbx_audit_revision_history.data_content_type 
_pdbx_audit_revision_history.major_revision 
_pdbx_audit_revision_history.minor_revision 
_pdbx_audit_revision_history.revision_date 
1 'Structure model' 1 0 2019-07-10 
2 'Structure model' 1 1 2019-08-07 
3 'Structure model' 1 2 2024-03-06 
# 
_pdbx_audit_revision_details.ordinal             1 
_pdbx_audit_revision_details.revision_ordinal    1 
_pdbx_audit_revision_details.data_content_type   'Structure model' 
_pdbx_audit_revision_details.provider            repository 
_pdbx_audit_revision_details.type                'Initial release' 
_pdbx_audit_revision_details.description         ? 
_pdbx_audit_revision_details.details             ? 
# 
loop_
_pdbx_audit_revision_group.ordinal 
_pdbx_audit_revision_group.revision_ordinal 
_pdbx_audit_revision_group.data_content_type 
_pdbx_audit_revision_group.group 
1 2 'Structure model' 'Author supporting evidence' 
2 2 'Structure model' 'Data collection'            
3 2 'Structure model' 'Structure summary'          
4 3 'Structure model' 'Data collection'            
5 3 'Structure model' 'Database references'        
6 3 'Structure model' 'Derived calculations'       
# 
loop_
_pdbx_audit_revision_category.ordinal 
_pdbx_audit_revision_category.revision_ordinal 
_pdbx_audit_revision_category.data_content_type 
_pdbx_audit_revision_category.category 
1 2 'Structure model' pdbx_entity_instance_feature 
2 2 'Structure model' pdbx_entry_details           
3 3 'Structure model' chem_comp_atom               
4 3 'Structure model' chem_comp_bond               
5 3 'Structure model' database_2                   
6 3 'Structure model' pdbx_struct_conn_angle       
7 3 'Structure model' struct_conn                  
# 
loop_
_pdbx_audit_revision_item.ordinal 
_pdbx_audit_revision_item.revision_ordinal 
_pdbx_audit_revision_item.data_content_type 
_pdbx_audit_revision_item.item 
1  3 'Structure model' '_database_2.pdbx_DOI'                        
2  3 'Structure model' '_database_2.pdbx_database_accession'         
3  3 'Structure model' '_pdbx_struct_conn_angle.ptnr1_auth_comp_id'  
4  3 'Structure model' '_pdbx_struct_conn_angle.ptnr1_auth_seq_id'   
5  3 'Structure model' '_pdbx_struct_conn_angle.ptnr1_label_alt_id'  
6  3 'Structure model' '_pdbx_struct_conn_angle.ptnr1_label_asym_id' 
7  3 'Structure model' '_pdbx_struct_conn_angle.ptnr1_label_atom_id' 
8  3 'Structure model' '_pdbx_struct_conn_angle.ptnr1_label_comp_id' 
9  3 'Structure model' '_pdbx_struct_conn_angle.ptnr1_label_seq_id'  
10 3 'Structure model' '_pdbx_struct_conn_angle.ptnr1_symmetry'      
11 3 'Structure model' '_pdbx_struct_conn_angle.ptnr3_auth_comp_id'  
12 3 'Structure model' '_pdbx_struct_conn_angle.ptnr3_auth_seq_id'   
13 3 'Structure model' '_pdbx_struct_conn_angle.ptnr3_label_alt_id'  
14 3 'Structure model' '_pdbx_struct_conn_angle.ptnr3_label_asym_id' 
15 3 'Structure model' '_pdbx_struct_conn_angle.ptnr3_label_atom_id' 
16 3 'Structure model' '_pdbx_struct_conn_angle.ptnr3_label_comp_id' 
17 3 'Structure model' '_pdbx_struct_conn_angle.ptnr3_label_seq_id'  
18 3 'Structure model' '_pdbx_struct_conn_angle.ptnr3_symmetry'      
19 3 'Structure model' '_pdbx_struct_conn_angle.value'               
20 3 'Structure model' '_struct_conn.pdbx_dist_value'                
21 3 'Structure model' '_struct_conn.pdbx_ptnr1_label_alt_id'        
22 3 'Structure model' '_struct_conn.ptnr1_auth_comp_id'             
23 3 'Structure model' '_struct_conn.ptnr1_auth_seq_id'              
24 3 'Structure model' '_struct_conn.ptnr1_label_asym_id'            
25 3 'Structure model' '_struct_conn.ptnr1_label_atom_id'            
26 3 'Structure model' '_struct_conn.ptnr1_label_comp_id'            
27 3 'Structure model' '_struct_conn.ptnr1_label_seq_id'             
28 3 'Structure model' '_struct_conn.ptnr2_auth_comp_id'             
29 3 'Structure model' '_struct_conn.ptnr2_auth_seq_id'              
30 3 'Structure model' '_struct_conn.ptnr2_label_asym_id'            
31 3 'Structure model' '_struct_conn.ptnr2_label_atom_id'            
32 3 'Structure model' '_struct_conn.ptnr2_label_comp_id'            
33 3 'Structure model' '_struct_conn.ptnr2_symmetry'                 
# 
_pdbx_database_status.entry_id                        5QRG 
_pdbx_database_status.status_code                     REL 
_pdbx_database_status.status_code_sf                  REL 
_pdbx_database_status.status_code_mr                  ? 
_pdbx_database_status.status_code_cs                  ? 
_pdbx_database_status.recvd_initial_deposition_date   2019-05-25 
_pdbx_database_status.deposit_site                    RCSB 
_pdbx_database_status.process_site                    RCSB 
_pdbx_database_status.SG_entry                        ? 
_pdbx_database_status.pdb_format_compatible           Y 
_pdbx_database_status.methods_development_category    ? 
_pdbx_database_status.status_code_nmr_data            ? 
# 
loop_
_audit_author.name 
_audit_author.pdbx_ordinal 
'Newman, J.A.'        1  
'Gavard, A.E.'        2  
'Fernandez-Cid, A.'   3  
'Sherestha, L.'       4  
'Burgess-Brown, N.A.' 5  
'von Delft, F.'       6  
'Arrowsmith, C.H.'    7  
'Edwards, A.'         8  
'Bountra, C.'         9  
'Gileadi, O.'         10 
# 
_citation.id                        primary 
_citation.title                     'PanDDA analysis group deposition' 
_citation.journal_abbrev            'To Be Published' 
_citation.journal_volume            ? 
_citation.page_first                ? 
_citation.page_last                 ? 
_citation.year                      ? 
_citation.journal_id_ASTM           ? 
_citation.country                   ? 
_citation.journal_id_ISSN           ? 
_citation.journal_id_CSD            0353 
_citation.book_publisher            ? 
_citation.pdbx_database_id_PubMed   ? 
_citation.pdbx_database_id_DOI      ? 
# 
loop_
_citation_author.citation_id 
_citation_author.name 
_citation_author.identifier_ORCID 
_citation_author.ordinal 
primary 'Newman, J.A.'        ? 1  
primary 'Gavard, A.E.'        ? 2  
primary 'Fernandez-Cid, A.'   ? 3  
primary 'Sherestha, L.'       ? 4  
primary 'Burgess-Brown, N.A.' ? 5  
primary 'von Delft, F.'       ? 6  
primary 'Arrowsmith, C.H.'    ? 7  
primary 'Edwards, A.'         ? 8  
primary 'Bountra, C.'         ? 9  
primary 'Gileadi, O.'         ? 10 
# 
loop_
_entity.id 
_entity.type 
_entity.src_method 
_entity.pdbx_description 
_entity.formula_weight 
_entity.pdbx_number_of_molecules 
_entity.pdbx_ec 
_entity.pdbx_mutation 
_entity.pdbx_fragment 
_entity.details 
1 polymer     man 'T-box transcription factor T'                            19597.586 1  ? ? ? ? 
2 non-polymer syn 'CADMIUM ION'                                             112.411   5  ? ? ? ? 
3 non-polymer syn 4-chloro-N-cyclopentyl-1-methyl-1H-pyrazole-3-carboxamide 227.691   1  ? ? ? ? 
4 water       nat water                                                     18.015    70 ? ? ? ? 
# 
_entity_name_com.entity_id   1 
_entity_name_com.name        'Brachyury protein,Protein T' 
# 
_entity_poly.entity_id                      1 
_entity_poly.type                           'polypeptide(L)' 
_entity_poly.nstd_linkage                   no 
_entity_poly.nstd_monomer                   no 
_entity_poly.pdbx_seq_one_letter_code       
;GELRVGLEESELWLRFKELTNEMIVTKNGRRMFPVLKVNVSGLDPNAMYSFLLDFVAADNHRWKYVNGEWVPGGKPEPQA
PSCVYIHPDSPNFGAHWMKAPVSFSKVKLTNKLNGGGQIMLNSLHKYEPRIHIVRVGGPQRMITSHCFPETQFIAVTAYQ
NEEITALKIKYN
;
_entity_poly.pdbx_seq_one_letter_code_can   
;GELRVGLEESELWLRFKELTNEMIVTKNGRRMFPVLKVNVSGLDPNAMYSFLLDFVAADNHRWKYVNGEWVPGGKPEPQA
PSCVYIHPDSPNFGAHWMKAPVSFSKVKLTNKLNGGGQIMLNSLHKYEPRIHIVRVGGPQRMITSHCFPETQFIAVTAYQ
NEEITALKIKYN
;
_entity_poly.pdbx_strand_id                 A 
_entity_poly.pdbx_target_identifier         ? 
# 
loop_
_pdbx_entity_nonpoly.entity_id 
_pdbx_entity_nonpoly.name 
_pdbx_entity_nonpoly.comp_id 
2 'CADMIUM ION'                                             CD  
3 4-chloro-N-cyclopentyl-1-methyl-1H-pyrazole-3-carboxamide JHP 
4 water                                                     HOH 
# 
loop_
_entity_poly_seq.entity_id 
_entity_poly_seq.num 
_entity_poly_seq.mon_id 
_entity_poly_seq.hetero 
1 1   GLY n 
1 2   GLU n 
1 3   LEU n 
1 4   ARG n 
1 5   VAL n 
1 6   GLY n 
1 7   LEU n 
1 8   GLU n 
1 9   GLU n 
1 10  SER n 
1 11  GLU n 
1 12  LEU n 
1 13  TRP n 
1 14  LEU n 
1 15  ARG n 
1 16  PHE n 
1 17  LYS n 
1 18  GLU n 
1 19  LEU n 
1 20  THR n 
1 21  ASN n 
1 22  GLU n 
1 23  MET n 
1 24  ILE n 
1 25  VAL n 
1 26  THR n 
1 27  LYS n 
1 28  ASN n 
1 29  GLY n 
1 30  ARG n 
1 31  ARG n 
1 32  MET n 
1 33  PHE n 
1 34  PRO n 
1 35  VAL n 
1 36  LEU n 
1 37  LYS n 
1 38  VAL n 
1 39  ASN n 
1 40  VAL n 
1 41  SER n 
1 42  GLY n 
1 43  LEU n 
1 44  ASP n 
1 45  PRO n 
1 46  ASN n 
1 47  ALA n 
1 48  MET n 
1 49  TYR n 
1 50  SER n 
1 51  PHE n 
1 52  LEU n 
1 53  LEU n 
1 54  ASP n 
1 55  PHE n 
1 56  VAL n 
1 57  ALA n 
1 58  ALA n 
1 59  ASP n 
1 60  ASN n 
1 61  HIS n 
1 62  ARG n 
1 63  TRP n 
1 64  LYS n 
1 65  TYR n 
1 66  VAL n 
1 67  ASN n 
1 68  GLY n 
1 69  GLU n 
1 70  TRP n 
1 71  VAL n 
1 72  PRO n 
1 73  GLY n 
1 74  GLY n 
1 75  LYS n 
1 76  PRO n 
1 77  GLU n 
1 78  PRO n 
1 79  GLN n 
1 80  ALA n 
1 81  PRO n 
1 82  SER n 
1 83  CYS n 
1 84  VAL n 
1 85  TYR n 
1 86  ILE n 
1 87  HIS n 
1 88  PRO n 
1 89  ASP n 
1 90  SER n 
1 91  PRO n 
1 92  ASN n 
1 93  PHE n 
1 94  GLY n 
1 95  ALA n 
1 96  HIS n 
1 97  TRP n 
1 98  MET n 
1 99  LYS n 
1 100 ALA n 
1 101 PRO n 
1 102 VAL n 
1 103 SER n 
1 104 PHE n 
1 105 SER n 
1 106 LYS n 
1 107 VAL n 
1 108 LYS n 
1 109 LEU n 
1 110 THR n 
1 111 ASN n 
1 112 LYS n 
1 113 LEU n 
1 114 ASN n 
1 115 GLY n 
1 116 GLY n 
1 117 GLY n 
1 118 GLN n 
1 119 ILE n 
1 120 MET n 
1 121 LEU n 
1 122 ASN n 
1 123 SER n 
1 124 LEU n 
1 125 HIS n 
1 126 LYS n 
1 127 TYR n 
1 128 GLU n 
1 129 PRO n 
1 130 ARG n 
1 131 ILE n 
1 132 HIS n 
1 133 ILE n 
1 134 VAL n 
1 135 ARG n 
1 136 VAL n 
1 137 GLY n 
1 138 GLY n 
1 139 PRO n 
1 140 GLN n 
1 141 ARG n 
1 142 MET n 
1 143 ILE n 
1 144 THR n 
1 145 SER n 
1 146 HIS n 
1 147 CYS n 
1 148 PHE n 
1 149 PRO n 
1 150 GLU n 
1 151 THR n 
1 152 GLN n 
1 153 PHE n 
1 154 ILE n 
1 155 ALA n 
1 156 VAL n 
1 157 THR n 
1 158 ALA n 
1 159 TYR n 
1 160 GLN n 
1 161 ASN n 
1 162 GLU n 
1 163 GLU n 
1 164 ILE n 
1 165 THR n 
1 166 ALA n 
1 167 LEU n 
1 168 LYS n 
1 169 ILE n 
1 170 LYS n 
1 171 TYR n 
1 172 ASN n 
# 
_entity_src_gen.entity_id                          1 
_entity_src_gen.pdbx_src_id                        1 
_entity_src_gen.pdbx_alt_source_flag               sample 
_entity_src_gen.pdbx_seq_type                      'Biological sequence' 
_entity_src_gen.pdbx_beg_seq_num                   1 
_entity_src_gen.pdbx_end_seq_num                   172 
_entity_src_gen.gene_src_common_name               Human 
_entity_src_gen.gene_src_genus                     ? 
_entity_src_gen.pdbx_gene_src_gene                 'TBXT, T' 
_entity_src_gen.gene_src_species                   ? 
_entity_src_gen.gene_src_strain                    ? 
_entity_src_gen.gene_src_tissue                    ? 
_entity_src_gen.gene_src_tissue_fraction           ? 
_entity_src_gen.gene_src_details                   ? 
_entity_src_gen.pdbx_gene_src_fragment             ? 
_entity_src_gen.pdbx_gene_src_scientific_name      'Homo sapiens' 
_entity_src_gen.pdbx_gene_src_ncbi_taxonomy_id     9606 
_entity_src_gen.pdbx_gene_src_variant              ? 
_entity_src_gen.pdbx_gene_src_cell_line            ? 
_entity_src_gen.pdbx_gene_src_atcc                 ? 
_entity_src_gen.pdbx_gene_src_organ                ? 
_entity_src_gen.pdbx_gene_src_organelle            ? 
_entity_src_gen.pdbx_gene_src_cell                 ? 
_entity_src_gen.pdbx_gene_src_cellular_location    ? 
_entity_src_gen.host_org_common_name               ? 
_entity_src_gen.pdbx_host_org_scientific_name      'Escherichia coli' 
_entity_src_gen.pdbx_host_org_ncbi_taxonomy_id     562 
_entity_src_gen.host_org_genus                     ? 
_entity_src_gen.pdbx_host_org_gene                 ? 
_entity_src_gen.pdbx_host_org_organ                ? 
_entity_src_gen.host_org_species                   ? 
_entity_src_gen.pdbx_host_org_tissue               ? 
_entity_src_gen.pdbx_host_org_tissue_fraction      ? 
_entity_src_gen.pdbx_host_org_strain               ? 
_entity_src_gen.pdbx_host_org_variant              ? 
_entity_src_gen.pdbx_host_org_cell_line            ? 
_entity_src_gen.pdbx_host_org_atcc                 ? 
_entity_src_gen.pdbx_host_org_culture_collection   ? 
_entity_src_gen.pdbx_host_org_cell                 ? 
_entity_src_gen.pdbx_host_org_organelle            ? 
_entity_src_gen.pdbx_host_org_cellular_location    ? 
_entity_src_gen.pdbx_host_org_vector_type          ? 
_entity_src_gen.pdbx_host_org_vector               ? 
_entity_src_gen.host_org_details                   ? 
_entity_src_gen.expression_system_id               ? 
_entity_src_gen.plasmid_name                       ? 
_entity_src_gen.plasmid_details                    ? 
_entity_src_gen.pdbx_description                   ? 
# 
loop_
_chem_comp.id 
_chem_comp.type 
_chem_comp.mon_nstd_flag 
_chem_comp.name 
_chem_comp.pdbx_synonyms 
_chem_comp.formula 
_chem_comp.formula_weight 
ALA 'L-peptide linking' y ALANINE                                                   ? 'C3 H7 N O2'      89.093  
ARG 'L-peptide linking' y ARGININE                                                  ? 'C6 H15 N4 O2 1'  175.209 
ASN 'L-peptide linking' y ASPARAGINE                                                ? 'C4 H8 N2 O3'     132.118 
ASP 'L-peptide linking' y 'ASPARTIC ACID'                                           ? 'C4 H7 N O4'      133.103 
CD  non-polymer         . 'CADMIUM ION'                                             ? 'Cd 2'            112.411 
CYS 'L-peptide linking' y CYSTEINE                                                  ? 'C3 H7 N O2 S'    121.158 
GLN 'L-peptide linking' y GLUTAMINE                                                 ? 'C5 H10 N2 O3'    146.144 
GLU 'L-peptide linking' y 'GLUTAMIC ACID'                                           ? 'C5 H9 N O4'      147.129 
GLY 'peptide linking'   y GLYCINE                                                   ? 'C2 H5 N O2'      75.067  
HIS 'L-peptide linking' y HISTIDINE                                                 ? 'C6 H10 N3 O2 1'  156.162 
HOH non-polymer         . WATER                                                     ? 'H2 O'            18.015  
ILE 'L-peptide linking' y ISOLEUCINE                                                ? 'C6 H13 N O2'     131.173 
JHP non-polymer         . 4-chloro-N-cyclopentyl-1-methyl-1H-pyrazole-3-carboxamide ? 'C10 H14 Cl N3 O' 227.691 
LEU 'L-peptide linking' y LEUCINE                                                   ? 'C6 H13 N O2'     131.173 
LYS 'L-peptide linking' y LYSINE                                                    ? 'C6 H15 N2 O2 1'  147.195 
MET 'L-peptide linking' y METHIONINE                                                ? 'C5 H11 N O2 S'   149.211 
PHE 'L-peptide linking' y PHENYLALANINE                                             ? 'C9 H11 N O2'     165.189 
PRO 'L-peptide linking' y PROLINE                                                   ? 'C5 H9 N O2'      115.130 
SER 'L-peptide linking' y SERINE                                                    ? 'C3 H7 N O3'      105.093 
THR 'L-peptide linking' y THREONINE                                                 ? 'C4 H9 N O3'      119.119 
TRP 'L-peptide linking' y TRYPTOPHAN                                                ? 'C11 H12 N2 O2'   204.225 
TYR 'L-peptide linking' y TYROSINE                                                  ? 'C9 H11 N O3'     181.189 
VAL 'L-peptide linking' y VALINE                                                    ? 'C5 H11 N O2'     117.146 
# 
loop_
_pdbx_poly_seq_scheme.asym_id 
_pdbx_poly_seq_scheme.entity_id 
_pdbx_poly_seq_scheme.seq_id 
_pdbx_poly_seq_scheme.mon_id 
_pdbx_poly_seq_scheme.ndb_seq_num 
_pdbx_poly_seq_scheme.pdb_seq_num 
_pdbx_poly_seq_scheme.auth_seq_num 
_pdbx_poly_seq_scheme.pdb_mon_id 
_pdbx_poly_seq_scheme.auth_mon_id 
_pdbx_poly_seq_scheme.pdb_strand_id 
_pdbx_poly_seq_scheme.pdb_ins_code 
_pdbx_poly_seq_scheme.hetero 
A 1 1   GLY 1   40  ?   ?   ?   A . n 
A 1 2   GLU 2   41  41  GLU GLU A . n 
A 1 3   LEU 3   42  42  LEU LEU A . n 
A 1 4   ARG 4   43  43  ARG ARG A . n 
A 1 5   VAL 5   44  44  VAL VAL A . n 
A 1 6   GLY 6   45  45  GLY GLY A . n 
A 1 7   LEU 7   46  46  LEU LEU A . n 
A 1 8   GLU 8   47  47  GLU GLU A . n 
A 1 9   GLU 9   48  48  GLU GLU A . n 
A 1 10  SER 10  49  49  SER SER A . n 
A 1 11  GLU 11  50  50  GLU GLU A . n 
A 1 12  LEU 12  51  51  LEU LEU A . n 
A 1 13  TRP 13  52  52  TRP TRP A . n 
A 1 14  LEU 14  53  53  LEU LEU A . n 
A 1 15  ARG 15  54  54  ARG ARG A . n 
A 1 16  PHE 16  55  55  PHE PHE A . n 
A 1 17  LYS 17  56  56  LYS LYS A . n 
A 1 18  GLU 18  57  57  GLU GLU A . n 
A 1 19  LEU 19  58  58  LEU LEU A . n 
A 1 20  THR 20  59  59  THR THR A . n 
A 1 21  ASN 21  60  60  ASN ASN A . n 
A 1 22  GLU 22  61  61  GLU GLU A . n 
A 1 23  MET 23  62  62  MET MET A . n 
A 1 24  ILE 24  63  63  ILE ILE A . n 
A 1 25  VAL 25  64  64  VAL VAL A . n 
A 1 26  THR 26  65  65  THR THR A . n 
A 1 27  LYS 27  66  66  LYS LYS A . n 
A 1 28  ASN 28  67  67  ASN ASN A . n 
A 1 29  GLY 29  68  68  GLY GLY A . n 
A 1 30  ARG 30  69  69  ARG ARG A . n 
A 1 31  ARG 31  70  70  ARG ARG A . n 
A 1 32  MET 32  71  71  MET MET A . n 
A 1 33  PHE 33  72  72  PHE PHE A . n 
A 1 34  PRO 34  73  73  PRO PRO A . n 
A 1 35  VAL 35  74  74  VAL VAL A . n 
A 1 36  LEU 36  75  75  LEU LEU A . n 
A 1 37  LYS 37  76  76  LYS LYS A . n 
A 1 38  VAL 38  77  77  VAL VAL A . n 
A 1 39  ASN 39  78  78  ASN ASN A . n 
A 1 40  VAL 40  79  79  VAL VAL A . n 
A 1 41  SER 41  80  80  SER SER A . n 
A 1 42  GLY 42  81  81  GLY GLY A . n 
A 1 43  LEU 43  82  82  LEU LEU A . n 
A 1 44  ASP 44  83  83  ASP ASP A . n 
A 1 45  PRO 45  84  84  PRO PRO A . n 
A 1 46  ASN 46  85  85  ASN ASN A . n 
A 1 47  ALA 47  86  86  ALA ALA A . n 
A 1 48  MET 48  87  87  MET MET A . n 
A 1 49  TYR 49  88  88  TYR TYR A . n 
A 1 50  SER 50  89  89  SER SER A . n 
A 1 51  PHE 51  90  90  PHE PHE A . n 
A 1 52  LEU 52  91  91  LEU LEU A . n 
A 1 53  LEU 53  92  92  LEU LEU A . n 
A 1 54  ASP 54  93  93  ASP ASP A . n 
A 1 55  PHE 55  94  94  PHE PHE A . n 
A 1 56  VAL 56  95  95  VAL VAL A . n 
A 1 57  ALA 57  96  96  ALA ALA A . n 
A 1 58  ALA 58  97  97  ALA ALA A . n 
A 1 59  ASP 59  98  98  ASP ASP A . n 
A 1 60  ASN 60  99  99  ASN ASN A . n 
A 1 61  HIS 61  100 100 HIS HIS A . n 
A 1 62  ARG 62  101 101 ARG ARG A . n 
A 1 63  TRP 63  102 102 TRP TRP A . n 
A 1 64  LYS 64  103 103 LYS LYS A . n 
A 1 65  TYR 65  104 104 TYR TYR A . n 
A 1 66  VAL 66  105 105 VAL VAL A . n 
A 1 67  ASN 67  106 106 ASN ASN A . n 
A 1 68  GLY 68  107 107 GLY GLY A . n 
A 1 69  GLU 69  108 108 GLU GLU A . n 
A 1 70  TRP 70  109 109 TRP TRP A . n 
A 1 71  VAL 71  110 110 VAL VAL A . n 
A 1 72  PRO 72  111 111 PRO PRO A . n 
A 1 73  GLY 73  112 112 GLY GLY A . n 
A 1 74  GLY 74  113 113 GLY GLY A . n 
A 1 75  LYS 75  114 114 LYS LYS A . n 
A 1 76  PRO 76  115 115 PRO PRO A . n 
A 1 77  GLU 77  116 116 GLU GLU A . n 
A 1 78  PRO 78  117 117 PRO PRO A . n 
A 1 79  GLN 79  118 118 GLN GLN A . n 
A 1 80  ALA 80  119 119 ALA ALA A . n 
A 1 81  PRO 81  120 120 PRO PRO A . n 
A 1 82  SER 82  121 121 SER SER A . n 
A 1 83  CYS 83  122 122 CYS CYS A . n 
A 1 84  VAL 84  123 123 VAL VAL A . n 
A 1 85  TYR 85  124 124 TYR TYR A . n 
A 1 86  ILE 86  125 125 ILE ILE A . n 
A 1 87  HIS 87  126 126 HIS HIS A . n 
A 1 88  PRO 88  127 127 PRO PRO A . n 
A 1 89  ASP 89  128 128 ASP ASP A . n 
A 1 90  SER 90  129 129 SER SER A . n 
A 1 91  PRO 91  130 130 PRO PRO A . n 
A 1 92  ASN 92  131 131 ASN ASN A . n 
A 1 93  PHE 93  132 132 PHE PHE A . n 
A 1 94  GLY 94  133 133 GLY GLY A . n 
A 1 95  ALA 95  134 134 ALA ALA A . n 
A 1 96  HIS 96  135 135 HIS HIS A . n 
A 1 97  TRP 97  136 136 TRP TRP A . n 
A 1 98  MET 98  137 137 MET MET A . n 
A 1 99  LYS 99  138 138 LYS LYS A . n 
A 1 100 ALA 100 139 139 ALA ALA A . n 
A 1 101 PRO 101 140 140 PRO PRO A . n 
A 1 102 VAL 102 141 141 VAL VAL A . n 
A 1 103 SER 103 142 142 SER SER A . n 
A 1 104 PHE 104 143 143 PHE PHE A . n 
A 1 105 SER 105 144 144 SER SER A . n 
A 1 106 LYS 106 145 145 LYS LYS A . n 
A 1 107 VAL 107 146 146 VAL VAL A . n 
A 1 108 LYS 108 147 147 LYS LYS A . n 
A 1 109 LEU 109 148 148 LEU LEU A . n 
A 1 110 THR 110 149 149 THR THR A . n 
A 1 111 ASN 111 150 150 ASN ASN A . n 
A 1 112 LYS 112 151 151 LYS LYS A . n 
A 1 113 LEU 113 152 152 LEU LEU A . n 
A 1 114 ASN 114 153 153 ASN ASN A . n 
A 1 115 GLY 115 154 154 GLY GLY A . n 
A 1 116 GLY 116 155 155 GLY GLY A . n 
A 1 117 GLY 117 156 156 GLY GLY A . n 
A 1 118 GLN 118 157 157 GLN GLN A . n 
A 1 119 ILE 119 158 158 ILE ILE A . n 
A 1 120 MET 120 159 159 MET MET A . n 
A 1 121 LEU 121 160 160 LEU LEU A . n 
A 1 122 ASN 122 161 161 ASN ASN A . n 
A 1 123 SER 123 162 162 SER SER A . n 
A 1 124 LEU 124 163 163 LEU LEU A . n 
A 1 125 HIS 125 164 164 HIS HIS A . n 
A 1 126 LYS 126 165 165 LYS LYS A . n 
A 1 127 TYR 127 166 166 TYR TYR A . n 
A 1 128 GLU 128 167 167 GLU GLU A . n 
A 1 129 PRO 129 168 168 PRO PRO A . n 
A 1 130 ARG 130 169 169 ARG ARG A . n 
A 1 131 ILE 131 170 170 ILE ILE A . n 
A 1 132 HIS 132 171 171 HIS HIS A . n 
A 1 133 ILE 133 172 172 ILE ILE A . n 
A 1 134 VAL 134 173 173 VAL VAL A . n 
A 1 135 ARG 135 174 174 ARG ARG A . n 
A 1 136 VAL 136 175 175 VAL VAL A . n 
A 1 137 GLY 137 176 176 GLY GLY A . n 
A 1 138 GLY 138 177 177 GLY GLY A . n 
A 1 139 PRO 139 178 178 PRO PRO A . n 
A 1 140 GLN 140 179 179 GLN GLN A . n 
A 1 141 ARG 141 180 180 ARG ARG A . n 
A 1 142 MET 142 181 181 MET MET A . n 
A 1 143 ILE 143 182 182 ILE ILE A . n 
A 1 144 THR 144 183 183 THR THR A . n 
A 1 145 SER 145 184 184 SER SER A . n 
A 1 146 HIS 146 185 185 HIS HIS A . n 
A 1 147 CYS 147 186 186 CYS CYS A . n 
A 1 148 PHE 148 187 187 PHE PHE A . n 
A 1 149 PRO 149 188 188 PRO PRO A . n 
A 1 150 GLU 150 189 189 GLU GLU A . n 
A 1 151 THR 151 190 190 THR THR A . n 
A 1 152 GLN 152 191 191 GLN GLN A . n 
A 1 153 PHE 153 192 192 PHE PHE A . n 
A 1 154 ILE 154 193 193 ILE ILE A . n 
A 1 155 ALA 155 194 194 ALA ALA A . n 
A 1 156 VAL 156 195 195 VAL VAL A . n 
A 1 157 THR 157 196 196 THR THR A . n 
A 1 158 ALA 158 197 197 ALA ALA A . n 
A 1 159 TYR 159 198 198 TYR TYR A . n 
A 1 160 GLN 160 199 199 GLN GLN A . n 
A 1 161 ASN 161 200 200 ASN ASN A . n 
A 1 162 GLU 162 201 201 GLU GLU A . n 
A 1 163 GLU 163 202 202 GLU GLU A . n 
A 1 164 ILE 164 203 203 ILE ILE A . n 
A 1 165 THR 165 204 204 THR THR A . n 
A 1 166 ALA 166 205 205 ALA ALA A . n 
A 1 167 LEU 167 206 206 LEU LEU A . n 
A 1 168 LYS 168 207 207 LYS LYS A . n 
A 1 169 ILE 169 208 208 ILE ILE A . n 
A 1 170 LYS 170 209 209 LYS LYS A . n 
A 1 171 TYR 171 210 210 TYR TYR A . n 
A 1 172 ASN 172 211 211 ASN ASN A . n 
# 
loop_
_pdbx_nonpoly_scheme.asym_id 
_pdbx_nonpoly_scheme.entity_id 
_pdbx_nonpoly_scheme.mon_id 
_pdbx_nonpoly_scheme.ndb_seq_num 
_pdbx_nonpoly_scheme.pdb_seq_num 
_pdbx_nonpoly_scheme.auth_seq_num 
_pdbx_nonpoly_scheme.pdb_mon_id 
_pdbx_nonpoly_scheme.auth_mon_id 
_pdbx_nonpoly_scheme.pdb_strand_id 
_pdbx_nonpoly_scheme.pdb_ins_code 
B 2 CD  1  301 1  CD  CD  A . 
C 2 CD  1  302 2  CD  CD  A . 
D 2 CD  1  303 3  CD  CD  A . 
E 2 CD  1  304 4  CD  CD  A . 
F 2 CD  1  305 5  CD  CD  A . 
G 3 JHP 1  306 1  JHP LIG A . 
H 4 HOH 1  401 53 HOH HOH A . 
H 4 HOH 2  402 16 HOH HOH A . 
H 4 HOH 3  403 79 HOH HOH A . 
H 4 HOH 4  404 45 HOH HOH A . 
H 4 HOH 5  405 44 HOH HOH A . 
H 4 HOH 6  406 24 HOH HOH A . 
H 4 HOH 7  407 68 HOH HOH A . 
H 4 HOH 8  408 61 HOH HOH A . 
H 4 HOH 9  409 41 HOH HOH A . 
H 4 HOH 10 410 58 HOH HOH A . 
H 4 HOH 11 411 31 HOH HOH A . 
H 4 HOH 12 412 71 HOH HOH A . 
H 4 HOH 13 413 21 HOH HOH A . 
H 4 HOH 14 414 54 HOH HOH A . 
H 4 HOH 15 415 14 HOH HOH A . 
H 4 HOH 16 416 52 HOH HOH A . 
H 4 HOH 17 417 48 HOH HOH A . 
H 4 HOH 18 418 50 HOH HOH A . 
H 4 HOH 19 419 52 HOH HOH A . 
H 4 HOH 20 420 56 HOH HOH A . 
H 4 HOH 21 421 51 HOH HOH A . 
H 4 HOH 22 422 10 HOH HOH A . 
H 4 HOH 23 423 17 HOH HOH A . 
H 4 HOH 24 424 32 HOH HOH A . 
H 4 HOH 25 425 49 HOH HOH A . 
H 4 HOH 26 426 1  HOH HOH A . 
H 4 HOH 27 427 55 HOH HOH A . 
H 4 HOH 28 428 33 HOH HOH A . 
H 4 HOH 29 429 47 HOH HOH A . 
H 4 HOH 30 430 60 HOH HOH A . 
H 4 HOH 31 431 6  HOH HOH A . 
H 4 HOH 32 432 69 HOH HOH A . 
H 4 HOH 33 433 4  HOH HOH A . 
H 4 HOH 34 434 70 HOH HOH A . 
H 4 HOH 35 435 45 HOH HOH A . 
H 4 HOH 36 436 73 HOH HOH A . 
H 4 HOH 37 437 75 HOH HOH A . 
H 4 HOH 38 438 8  HOH HOH A . 
H 4 HOH 39 439 8  HOH HOH A . 
H 4 HOH 40 440 67 HOH HOH A . 
H 4 HOH 41 441 2  HOH HOH A . 
H 4 HOH 42 442 28 HOH HOH A . 
H 4 HOH 43 443 64 HOH HOH A . 
H 4 HOH 44 444 11 HOH HOH A . 
H 4 HOH 45 445 46 HOH HOH A . 
H 4 HOH 46 446 57 HOH HOH A . 
H 4 HOH 47 447 12 HOH HOH A . 
H 4 HOH 48 448 14 HOH HOH A . 
H 4 HOH 49 449 77 HOH HOH A . 
H 4 HOH 50 450 66 HOH HOH A . 
H 4 HOH 51 451 18 HOH HOH A . 
H 4 HOH 52 452 65 HOH HOH A . 
H 4 HOH 53 453 63 HOH HOH A . 
H 4 HOH 54 454 4  HOH HOH A . 
H 4 HOH 55 455 1  HOH HOH A . 
H 4 HOH 56 456 5  HOH HOH A . 
H 4 HOH 57 457 23 HOH HOH A . 
H 4 HOH 58 458 3  HOH HOH A . 
H 4 HOH 59 459 3  HOH HOH A . 
H 4 HOH 60 460 7  HOH HOH A . 
H 4 HOH 61 461 6  HOH HOH A . 
H 4 HOH 62 462 62 HOH HOH A . 
H 4 HOH 63 463 72 HOH HOH A . 
H 4 HOH 64 464 30 HOH HOH A . 
H 4 HOH 65 465 10 HOH HOH A . 
H 4 HOH 66 466 78 HOH HOH A . 
H 4 HOH 67 467 43 HOH HOH A . 
H 4 HOH 68 468 16 HOH HOH A . 
H 4 HOH 69 469 17 HOH HOH A . 
H 4 HOH 70 470 18 HOH HOH A . 
# 
loop_
_pdbx_unobs_or_zero_occ_atoms.id 
_pdbx_unobs_or_zero_occ_atoms.PDB_model_num 
_pdbx_unobs_or_zero_occ_atoms.polymer_flag 
_pdbx_unobs_or_zero_occ_atoms.occupancy_flag 
_pdbx_unobs_or_zero_occ_atoms.auth_asym_id 
_pdbx_unobs_or_zero_occ_atoms.auth_comp_id 
_pdbx_unobs_or_zero_occ_atoms.auth_seq_id 
_pdbx_unobs_or_zero_occ_atoms.PDB_ins_code 
_pdbx_unobs_or_zero_occ_atoms.auth_atom_id 
_pdbx_unobs_or_zero_occ_atoms.label_alt_id 
_pdbx_unobs_or_zero_occ_atoms.label_asym_id 
_pdbx_unobs_or_zero_occ_atoms.label_comp_id 
_pdbx_unobs_or_zero_occ_atoms.label_seq_id 
_pdbx_unobs_or_zero_occ_atoms.label_atom_id 
1 1 Y 1 A ARG 43 ? CG  ? A ARG 4 CG  
2 1 Y 1 A ARG 43 ? CD  ? A ARG 4 CD  
3 1 Y 1 A ARG 43 ? NE  ? A ARG 4 NE  
4 1 Y 1 A ARG 43 ? CZ  ? A ARG 4 CZ  
5 1 Y 1 A ARG 43 ? NH1 ? A ARG 4 NH1 
6 1 Y 1 A ARG 43 ? NH2 ? A ARG 4 NH2 
# 
loop_
_software.pdbx_ordinal 
_software.name 
_software.version 
_software.date 
_software.type 
_software.contact_author 
_software.contact_author_email 
_software.classification 
_software.location 
_software.language 
_software.citation_id 
1 REFMAC      5.8.0238 ?               program 'Garib N. Murshudov' garib@ysbl.york.ac.uk    refinement        
http://www.ccp4.ac.uk/dist/html/refmac5.html        Fortran_77 ? 
2 Aimless     0.7.1    27/03/18        program 'Phil Evans'         ?                        'data scaling'    
http://www.mrc-lmb.cam.ac.uk/harry/pre/aimless.html ?          ? 
3 PDB_EXTRACT 3.23     'SEP. 23, 2016' package PDB                  deposit@deposit.rcsb.org 'data extraction' 
http://sw-tools.pdb.org/apps/PDB_EXTRACT/           C++        ? 
4 XDS         .        ?               program ?                    ?                        'data reduction'  ? ?          ? 
5 REFMAC      .        ?               program ?                    ?                        phasing           ? ?          ? 
# 
_cell.entry_id           5QRG 
_cell.length_a           59.740 
_cell.length_b           59.740 
_cell.length_c           110.350 
_cell.angle_alpha        90.000 
_cell.angle_beta         90.000 
_cell.angle_gamma        90.000 
_cell.Z_PDB              8 
_cell.pdbx_unique_axis   ? 
# 
_symmetry.entry_id                         5QRG 
_symmetry.Int_Tables_number                91 
_symmetry.space_group_name_H-M             'P 41 2 2' 
_symmetry.pdbx_full_space_group_name_H-M   ? 
_symmetry.cell_setting                     ? 
# 
_exptl.crystals_number   1 
_exptl.entry_id          5QRG 
_exptl.method            'X-RAY DIFFRACTION' 
# 
_exptl_crystal.id                    1 
_exptl_crystal.pdbx_mosaicity        0.000 
_exptl_crystal.pdbx_mosaicity_esd    ? 
_exptl_crystal.density_Matthews      2.51 
_exptl_crystal.density_diffrn        ? 
_exptl_crystal.density_meas          ? 
_exptl_crystal.density_meas_temp     ? 
_exptl_crystal.density_percent_sol   51.03 
_exptl_crystal.size_max              ? 
_exptl_crystal.size_mid              ? 
_exptl_crystal.size_min              ? 
_exptl_crystal.size_rad              ? 
_exptl_crystal.description           ? 
# 
_exptl_crystal_grow.crystal_id      1 
_exptl_crystal_grow.method          'VAPOR DIFFUSION, SITTING DROP' 
_exptl_crystal_grow.pH              4.5 
_exptl_crystal_grow.temp            298 
_exptl_crystal_grow.pdbx_details    '0.1 M CdCl, 0.1 M Acetate pH 4.5, 32% PEG 400' 
_exptl_crystal_grow.temp_details    ? 
_exptl_crystal_grow.pdbx_pH_range   ? 
# 
_diffrn.id                     1 
_diffrn.ambient_temp           100 
_diffrn.crystal_id             1 
_diffrn.ambient_temp_details   ? 
# 
_diffrn_detector.detector               PIXEL 
_diffrn_detector.type                   'DECTRIS PILATUS 6M' 
_diffrn_detector.pdbx_collection_date   2018-07-15 
_diffrn_detector.diffrn_id              1 
_diffrn_detector.details                ? 
# 
_diffrn_radiation.diffrn_id                        1 
_diffrn_radiation.wavelength_id                    1 
_diffrn_radiation.pdbx_diffrn_protocol             'SINGLE WAVELENGTH' 
_diffrn_radiation.pdbx_monochromatic_or_laue_m_l   M 
_diffrn_radiation.monochromator                    ? 
_diffrn_radiation.pdbx_scattering_type             x-ray 
# 
_diffrn_radiation_wavelength.id           1 
_diffrn_radiation_wavelength.wavelength   0.91587 
_diffrn_radiation_wavelength.wt           1.0 
# 
_diffrn_source.diffrn_id                   1 
_diffrn_source.source                      SYNCHROTRON 
_diffrn_source.type                        'DIAMOND BEAMLINE I04-1' 
_diffrn_source.pdbx_wavelength_list        0.91587 
_diffrn_source.pdbx_synchrotron_site       Diamond 
_diffrn_source.pdbx_synchrotron_beamline   I04-1 
_diffrn_source.pdbx_wavelength             ? 
# 
_reflns.entry_id                     5QRG 
_reflns.pdbx_diffrn_id               1 
_reflns.pdbx_ordinal                 1 
_reflns.observed_criterion_sigma_I   ? 
_reflns.observed_criterion_sigma_F   ? 
_reflns.d_resolution_low             59.740 
_reflns.d_resolution_high            1.950 
_reflns.number_obs                   15203 
_reflns.number_all                   ? 
_reflns.percent_possible_obs         99.600 
_reflns.pdbx_Rmerge_I_obs            0.157 
_reflns.pdbx_Rsym_value              ? 
_reflns.pdbx_netI_over_sigmaI        10.500 
_reflns.B_iso_Wilson_estimate        ? 
_reflns.pdbx_redundancy              12.400 
_reflns.pdbx_Rrim_I_all              0.164 
_reflns.pdbx_Rpim_I_all              0.047 
_reflns.pdbx_CC_half                 0.997 
_reflns.pdbx_netI_over_av_sigmaI     ? 
_reflns.pdbx_number_measured_all     188761 
_reflns.pdbx_scaling_rejects         39 
_reflns.pdbx_chi_squared             ? 
_reflns.Rmerge_F_all                 ? 
_reflns.Rmerge_F_obs                 ? 
_reflns.observed_criterion_F_max     ? 
_reflns.observed_criterion_F_min     ? 
_reflns.observed_criterion_I_max     ? 
_reflns.observed_criterion_I_min     ? 
_reflns.pdbx_d_res_high_opt          ? 
_reflns.pdbx_d_res_low_opt           ? 
_reflns.details                      ? 
# 
loop_
_reflns_shell.pdbx_diffrn_id 
_reflns_shell.pdbx_ordinal 
_reflns_shell.d_res_high 
_reflns_shell.d_res_low 
_reflns_shell.number_measured_obs 
_reflns_shell.number_measured_all 
_reflns_shell.number_unique_obs 
_reflns_shell.pdbx_rejects 
_reflns_shell.Rmerge_I_obs 
_reflns_shell.meanI_over_sigI_obs 
_reflns_shell.pdbx_Rsym_value 
_reflns_shell.pdbx_chi_squared 
_reflns_shell.pdbx_redundancy 
_reflns_shell.percent_possible_obs 
_reflns_shell.pdbx_netI_over_sigmaI_obs 
_reflns_shell.number_possible 
_reflns_shell.number_unique_all 
_reflns_shell.Rmerge_F_all 
_reflns_shell.Rmerge_F_obs 
_reflns_shell.Rmerge_I_all 
_reflns_shell.meanI_over_sigI_all 
_reflns_shell.percent_possible_all 
_reflns_shell.pdbx_Rrim_I_all 
_reflns_shell.pdbx_Rpim_I_all 
_reflns_shell.pdbx_CC_half 
1 1 1.950 2.000  ? 14488 ? ? 2.485 ? ? ? 13.200 ? 1.300  ? 1098 ? ? ? ? 99.500 2.583 0.701 0.689 
1 2 8.720 59.740 ? 2284  ? ? 0.060 ? ? ? 10.200 ? 30.800 ? 223  ? ? ? ? 99.700 0.063 0.020 0.997 
# 
_refine.entry_id                                 5QRG 
_refine.pdbx_refine_id                           'X-RAY DIFFRACTION' 
_refine.ls_d_res_high                            1.9500 
_refine.ls_d_res_low                             59.7400 
_refine.pdbx_ls_sigma_F                          0.000 
_refine.pdbx_data_cutoff_high_absF               ? 
_refine.pdbx_data_cutoff_low_absF                ? 
_refine.ls_percent_reflns_obs                    99.4800 
_refine.ls_number_reflns_obs                     14451 
_refine.ls_number_reflns_all                     ? 
_refine.pdbx_ls_cross_valid_method               THROUGHOUT 
_refine.ls_matrix_type                           ? 
_refine.pdbx_R_Free_selection_details            RANDOM 
_refine.details                                  
'HYDROGENS HAVE BEEN ADDED IN THE RIDING POSITIONS U VALUES      : REFINED INDIVIDUALLY' 
_refine.ls_R_factor_all                          ? 
_refine.ls_R_factor_obs                          0.2211 
_refine.ls_R_factor_R_work                       0.2184 
_refine.ls_wR_factor_R_work                      ? 
_refine.ls_R_factor_R_free                       0.2814 
_refine.ls_wR_factor_R_free                      ? 
_refine.ls_percent_reflns_R_free                 4.8000 
_refine.ls_number_reflns_R_free                  726 
_refine.ls_number_reflns_R_work                  ? 
_refine.ls_R_factor_R_free_error                 ? 
_refine.B_iso_mean                               43.6900 
_refine.solvent_model_param_bsol                 ? 
_refine.solvent_model_param_ksol                 ? 
_refine.pdbx_isotropic_thermal_model             ? 
_refine.aniso_B[1][1]                            1.4400 
_refine.aniso_B[2][2]                            1.4400 
_refine.aniso_B[3][3]                            -2.8800 
_refine.aniso_B[1][2]                            -0.0000 
_refine.aniso_B[1][3]                            -0.0000 
_refine.aniso_B[2][3]                            -0.0000 
_refine.correlation_coeff_Fo_to_Fc               0.9540 
_refine.correlation_coeff_Fo_to_Fc_free          0.9240 
_refine.overall_SU_R_Cruickshank_DPI             ? 
_refine.pdbx_overall_SU_R_free_Cruickshank_DPI   ? 
_refine.pdbx_overall_SU_R_Blow_DPI               ? 
_refine.pdbx_overall_SU_R_free_Blow_DPI          ? 
_refine.overall_SU_R_free                        ? 
_refine.pdbx_overall_ESU_R                       0.1870 
_refine.pdbx_overall_ESU_R_Free                  0.1830 
_refine.overall_SU_ML                            0.1520 
_refine.overall_SU_B                             5.7510 
_refine.solvent_model_details                    MASK 
_refine.pdbx_solvent_vdw_probe_radii             1.2000 
_refine.pdbx_solvent_ion_probe_radii             0.8000 
_refine.pdbx_solvent_shrinkage_radii             0.8000 
_refine.ls_number_parameters                     ? 
_refine.ls_number_restraints                     ? 
_refine.pdbx_starting_model                      6f58 
_refine.pdbx_method_to_determine_struct          'FOURIER SYNTHESIS' 
_refine.pdbx_stereochemistry_target_values       'MAXIMUM LIKELIHOOD' 
_refine.pdbx_stereochem_target_val_spec_case     ? 
_refine.overall_FOM_work_R_set                   ? 
_refine.B_iso_max                                115.800 
_refine.B_iso_min                                17.990 
_refine.pdbx_overall_phase_error                 ? 
_refine.occupancy_max                            ? 
_refine.occupancy_min                            ? 
_refine.pdbx_diffrn_id                           1 
_refine.pdbx_TLS_residual_ADP_flag               ? 
_refine.pdbx_ls_sigma_I                          ? 
_refine.pdbx_data_cutoff_high_rms_absF           ? 
_refine.ls_R_factor_R_free_error_details         ? 
# 
_refine_hist.cycle_id                         final 
_refine_hist.pdbx_refine_id                   'X-RAY DIFFRACTION' 
_refine_hist.d_res_high                       1.9500 
_refine_hist.d_res_low                        59.7400 
_refine_hist.pdbx_number_atoms_ligand         19 
_refine_hist.number_atoms_solvent             70 
_refine_hist.number_atoms_total               1458 
_refine_hist.pdbx_number_residues_total       172 
_refine_hist.pdbx_B_iso_mean_ligand           60.39 
_refine_hist.pdbx_B_iso_mean_solvent          41.94 
_refine_hist.pdbx_number_atoms_protein        1369 
_refine_hist.pdbx_number_atoms_nucleic_acid   0 
# 
loop_
_refine_ls_restr.pdbx_refine_id 
_refine_ls_restr.type 
_refine_ls_restr.number 
_refine_ls_restr.dev_ideal 
_refine_ls_restr.dev_ideal_target 
_refine_ls_restr.weight 
_refine_ls_restr.pdbx_restraint_function 
'X-RAY DIFFRACTION' r_bond_refined_d       1564 0.008  0.013  ? ? 
'X-RAY DIFFRACTION' r_bond_other_d         1377 0.001  0.017  ? ? 
'X-RAY DIFFRACTION' r_angle_refined_deg    2062 1.554  1.673  ? ? 
'X-RAY DIFFRACTION' r_angle_other_deg      3219 1.257  1.599  ? ? 
'X-RAY DIFFRACTION' r_dihedral_angle_1_deg 186  7.528  5.000  ? ? 
'X-RAY DIFFRACTION' r_dihedral_angle_2_deg 71   31.472 22.676 ? ? 
'X-RAY DIFFRACTION' r_dihedral_angle_3_deg 244  16.801 15.000 ? ? 
'X-RAY DIFFRACTION' r_dihedral_angle_4_deg 7    14.423 15.000 ? ? 
'X-RAY DIFFRACTION' r_chiral_restr         187  0.078  0.200  ? ? 
'X-RAY DIFFRACTION' r_gen_planes_refined   1763 0.007  0.020  ? ? 
'X-RAY DIFFRACTION' r_gen_planes_other     310  0.002  0.020  ? ? 
'X-RAY DIFFRACTION' r_mcbond_it            759  3.874  4.437  ? ? 
'X-RAY DIFFRACTION' r_mcbond_other         760  3.872  4.441  ? ? 
'X-RAY DIFFRACTION' r_mcangle_it           920  6.087  6.637  ? ? 
# 
_refine_ls_shell.d_res_high                       1.9500 
_refine_ls_shell.d_res_low                        2.0010 
_refine_ls_shell.pdbx_total_number_of_bins_used   20 
_refine_ls_shell.percent_reflns_obs               99.1000 
_refine_ls_shell.number_reflns_R_work             1040 
_refine_ls_shell.R_factor_all                     ? 
_refine_ls_shell.R_factor_R_work                  0.3440 
_refine_ls_shell.R_factor_R_free                  0.4690 
_refine_ls_shell.percent_reflns_R_free            ? 
_refine_ls_shell.number_reflns_R_free             55 
_refine_ls_shell.R_factor_R_free_error            ? 
_refine_ls_shell.number_reflns_all                1095 
_refine_ls_shell.number_reflns_obs                ? 
_refine_ls_shell.pdbx_refine_id                   'X-RAY DIFFRACTION' 
# 
_struct.entry_id                  5QRG 
_struct.title                     
'PanDDA analysis group deposition -- Crystal Structure of human Brachyury in complex with Z275151340' 
_struct.pdbx_model_details        ? 
_struct.pdbx_CASP_flag            ? 
_struct.pdbx_model_type_details   ? 
# 
_struct_keywords.entry_id        5QRG 
_struct_keywords.text            'SGC - Diamond I04-1 fragment screening, PanDDA, XChemExplorer, TRANSCRIPTION' 
_struct_keywords.pdbx_keywords   TRANSCRIPTION 
# 
loop_
_struct_asym.id 
_struct_asym.pdbx_blank_PDB_chainid_flag 
_struct_asym.pdbx_modified 
_struct_asym.entity_id 
_struct_asym.details 
A N N 1 ? 
B N N 2 ? 
C N N 2 ? 
D N N 2 ? 
E N N 2 ? 
F N N 2 ? 
G N N 3 ? 
H N N 4 ? 
# 
_struct_ref.id                         1 
_struct_ref.db_name                    UNP 
_struct_ref.db_code                    TBXT_HUMAN 
_struct_ref.pdbx_db_accession          O15178 
_struct_ref.pdbx_db_isoform            ? 
_struct_ref.entity_id                  1 
_struct_ref.pdbx_seq_one_letter_code   
;ELRVGLEESELWLRFKELTNEMIVTKNGRRMFPVLKVNVSGLDPNAMYSFLLDFVAADNHRWKYVNGEWVPGGKPEPQAP
SCVYIHPDSPNFGAHWMKAPVSFSKVKLTNKLNGGGQIMLNSLHKYEPRIHIVRVGGPQRMITSHCFPETQFIAVTAYQN
EEITALKIKYN
;
_struct_ref.pdbx_align_begin           41 
# 
_struct_ref_seq.align_id                      1 
_struct_ref_seq.ref_id                        1 
_struct_ref_seq.pdbx_PDB_id_code              5QRG 
_struct_ref_seq.pdbx_strand_id                A 
_struct_ref_seq.seq_align_beg                 2 
_struct_ref_seq.pdbx_seq_align_beg_ins_code   ? 
_struct_ref_seq.seq_align_end                 172 
_struct_ref_seq.pdbx_seq_align_end_ins_code   ? 
_struct_ref_seq.pdbx_db_accession             O15178 
_struct_ref_seq.db_align_beg                  41 
_struct_ref_seq.pdbx_db_align_beg_ins_code    ? 
_struct_ref_seq.db_align_end                  211 
_struct_ref_seq.pdbx_db_align_end_ins_code    ? 
_struct_ref_seq.pdbx_auth_seq_align_beg       41 
_struct_ref_seq.pdbx_auth_seq_align_end       211 
# 
_struct_ref_seq_dif.align_id                     1 
_struct_ref_seq_dif.pdbx_pdb_id_code             5QRG 
_struct_ref_seq_dif.mon_id                       GLY 
_struct_ref_seq_dif.pdbx_pdb_strand_id           A 
_struct_ref_seq_dif.seq_num                      1 
_struct_ref_seq_dif.pdbx_pdb_ins_code            ? 
_struct_ref_seq_dif.pdbx_seq_db_name             UNP 
_struct_ref_seq_dif.pdbx_seq_db_accession_code   O15178 
_struct_ref_seq_dif.db_mon_id                    ? 
_struct_ref_seq_dif.pdbx_seq_db_seq_num          ? 
_struct_ref_seq_dif.details                      'expression tag' 
_struct_ref_seq_dif.pdbx_auth_seq_num            40 
_struct_ref_seq_dif.pdbx_ordinal                 1 
# 
_pdbx_struct_assembly.id                   1 
_pdbx_struct_assembly.details              author_defined_assembly 
_pdbx_struct_assembly.method_details       ? 
_pdbx_struct_assembly.oligomeric_details   monomeric 
_pdbx_struct_assembly.oligomeric_count     1 
# 
_pdbx_struct_assembly_gen.assembly_id       1 
_pdbx_struct_assembly_gen.oper_expression   1 
_pdbx_struct_assembly_gen.asym_id_list      A,B,C,D,E,F,G,H 
# 
_pdbx_struct_oper_list.id                   1 
_pdbx_struct_oper_list.type                 'identity operation' 
_pdbx_struct_oper_list.name                 1_555 
_pdbx_struct_oper_list.symmetry_operation   x,y,z 
_pdbx_struct_oper_list.matrix[1][1]         1.0000000000 
_pdbx_struct_oper_list.matrix[1][2]         0.0000000000 
_pdbx_struct_oper_list.matrix[1][3]         0.0000000000 
_pdbx_struct_oper_list.vector[1]            0.0000000000 
_pdbx_struct_oper_list.matrix[2][1]         0.0000000000 
_pdbx_struct_oper_list.matrix[2][2]         1.0000000000 
_pdbx_struct_oper_list.matrix[2][3]         0.0000000000 
_pdbx_struct_oper_list.vector[2]            0.0000000000 
_pdbx_struct_oper_list.matrix[3][1]         0.0000000000 
_pdbx_struct_oper_list.matrix[3][2]         0.0000000000 
_pdbx_struct_oper_list.matrix[3][3]         1.0000000000 
_pdbx_struct_oper_list.vector[3]            0.0000000000 
# 
loop_
_struct_conf.conf_type_id 
_struct_conf.id 
_struct_conf.pdbx_PDB_helix_id 
_struct_conf.beg_label_comp_id 
_struct_conf.beg_label_asym_id 
_struct_conf.beg_label_seq_id 
_struct_conf.pdbx_beg_PDB_ins_code 
_struct_conf.end_label_comp_id 
_struct_conf.end_label_asym_id 
_struct_conf.end_label_seq_id 
_struct_conf.pdbx_end_PDB_ins_code 
_struct_conf.beg_auth_comp_id 
_struct_conf.beg_auth_asym_id 
_struct_conf.beg_auth_seq_id 
_struct_conf.end_auth_comp_id 
_struct_conf.end_auth_asym_id 
_struct_conf.end_auth_seq_id 
_struct_conf.pdbx_PDB_helix_class 
_struct_conf.details 
_struct_conf.pdbx_PDB_helix_length 
HELX_P HELX_P1 AA1 GLU A 9   ? GLU A 18  ? GLU A 48  GLU A 57  1 ? 10 
HELX_P HELX_P2 AA2 GLY A 94  ? ALA A 100 ? GLY A 133 ALA A 139 1 ? 7  
HELX_P HELX_P3 AA3 PRO A 149 ? GLN A 152 ? PRO A 188 GLN A 191 5 ? 4  
HELX_P HELX_P4 AA4 ASN A 161 ? ASN A 172 ? ASN A 200 ASN A 211 1 ? 12 
# 
_struct_conf_type.id          HELX_P 
_struct_conf_type.criteria    ? 
_struct_conf_type.reference   ? 
# 
loop_
_struct_conn.id 
_struct_conn.conn_type_id 
_struct_conn.pdbx_leaving_atom_flag 
_struct_conn.pdbx_PDB_id 
_struct_conn.ptnr1_label_asym_id 
_struct_conn.ptnr1_label_comp_id 
_struct_conn.ptnr1_label_seq_id 
_struct_conn.ptnr1_label_atom_id 
_struct_conn.pdbx_ptnr1_label_alt_id 
_struct_conn.pdbx_ptnr1_PDB_ins_code 
_struct_conn.pdbx_ptnr1_standard_comp_id 
_struct_conn.ptnr1_symmetry 
_struct_conn.ptnr2_label_asym_id 
_struct_conn.ptnr2_label_comp_id 
_struct_conn.ptnr2_label_seq_id 
_struct_conn.ptnr2_label_atom_id 
_struct_conn.pdbx_ptnr2_label_alt_id 
_struct_conn.pdbx_ptnr2_PDB_ins_code 
_struct_conn.ptnr1_auth_asym_id 
_struct_conn.ptnr1_auth_comp_id 
_struct_conn.ptnr1_auth_seq_id 
_struct_conn.ptnr2_auth_asym_id 
_struct_conn.ptnr2_auth_comp_id 
_struct_conn.ptnr2_auth_seq_id 
_struct_conn.ptnr2_symmetry 
_struct_conn.pdbx_ptnr3_label_atom_id 
_struct_conn.pdbx_ptnr3_label_seq_id 
_struct_conn.pdbx_ptnr3_label_comp_id 
_struct_conn.pdbx_ptnr3_label_asym_id 
_struct_conn.pdbx_ptnr3_label_alt_id 
_struct_conn.pdbx_ptnr3_PDB_ins_code 
_struct_conn.details 
_struct_conn.pdbx_dist_value 
_struct_conn.pdbx_value_order 
_struct_conn.pdbx_role 
metalc1  metalc ? ? A HIS 61  NE2 ? ? ? 1_555 E CD  . CD ? ? A HIS 100 A CD  304 1_555 ? ? ? ? ? ? ? 2.247 ? ? 
metalc2  metalc ? ? A CYS 83  SG  ? ? ? 1_555 D CD  . CD ? ? A CYS 122 A CD  303 1_555 ? ? ? ? ? ? ? 2.716 ? ? 
metalc3  metalc ? ? A CYS 83  SG  ? ? ? 1_555 F CD  . CD ? ? A CYS 122 A CD  305 1_555 ? ? ? ? ? ? ? 2.653 ? ? 
metalc4  metalc ? ? A GLU 128 OE1 ? ? ? 1_555 B CD  . CD ? ? A GLU 167 A CD  301 1_555 ? ? ? ? ? ? ? 2.554 ? ? 
metalc5  metalc ? ? A GLU 128 OE1 ? ? ? 1_555 B CD  . CD ? ? A GLU 167 A CD  301 5_655 ? ? ? ? ? ? ? 2.554 ? ? 
metalc6  metalc ? ? A GLU 128 OE2 ? ? ? 1_555 C CD  . CD ? ? A GLU 167 A CD  302 1_555 ? ? ? ? ? ? ? 2.406 ? ? 
metalc7  metalc ? ? A CYS 147 SG  A ? ? 1_555 B CD  . CD ? ? A CYS 186 A CD  301 1_555 ? ? ? ? ? ? ? 2.507 ? ? 
metalc8  metalc ? ? A CYS 147 SG  B ? ? 1_555 B CD  . CD ? ? A CYS 186 A CD  301 1_555 ? ? ? ? ? ? ? 2.423 ? ? 
metalc9  metalc ? ? A CYS 147 SG  A ? ? 1_555 B CD  . CD ? ? A CYS 186 A CD  301 5_655 ? ? ? ? ? ? ? 2.507 ? ? 
metalc10 metalc ? ? A CYS 147 SG  B ? ? 1_555 B CD  . CD ? ? A CYS 186 A CD  301 5_655 ? ? ? ? ? ? ? 2.423 ? ? 
metalc11 metalc ? ? A CYS 147 SG  A ? ? 1_555 C CD  . CD ? ? A CYS 186 A CD  302 5_655 ? ? ? ? ? ? ? 2.638 ? ? 
metalc12 metalc ? ? A CYS 147 SG  B ? ? 1_555 C CD  . CD ? ? A CYS 186 A CD  302 5_655 ? ? ? ? ? ? ? 2.488 ? ? 
metalc13 metalc ? ? B CD  .   CD  ? ? ? 1_555 H HOH . O  ? ? A CD  301 A HOH 455 1_555 ? ? ? ? ? ? ? 2.057 ? ? 
metalc14 metalc ? ? B CD  .   CD  ? ? ? 1_555 H HOH . O  ? ? A CD  301 A HOH 455 5_655 ? ? ? ? ? ? ? 2.057 ? ? 
metalc15 metalc ? ? C CD  .   CD  ? ? ? 1_555 H HOH . O  ? ? A CD  302 A HOH 454 5_655 ? ? ? ? ? ? ? 2.243 ? ? 
metalc16 metalc ? ? C CD  .   CD  ? ? ? 1_555 H HOH . O  ? ? A CD  302 A HOH 459 1_555 ? ? ? ? ? ? ? 2.324 ? ? 
metalc17 metalc ? ? D CD  .   CD  ? ? ? 1_555 H HOH . O  ? ? A CD  303 A HOH 449 1_555 ? ? ? ? ? ? ? 2.510 ? ? 
metalc18 metalc ? ? D CD  .   CD  ? ? ? 1_555 H HOH . O  ? ? A CD  303 A HOH 469 1_555 ? ? ? ? ? ? ? 2.579 ? ? 
metalc19 metalc ? ? E CD  .   CD  ? ? ? 1_555 H HOH . O  ? ? A CD  304 A HOH 456 1_555 ? ? ? ? ? ? ? 2.058 ? ? 
metalc20 metalc ? ? E CD  .   CD  ? ? ? 1_555 H HOH . O  ? ? A CD  304 A HOH 460 1_555 ? ? ? ? ? ? ? 2.468 ? ? 
metalc21 metalc ? ? E CD  .   CD  ? ? ? 1_555 H HOH . O  ? ? A CD  304 A HOH 461 1_555 ? ? ? ? ? ? ? 2.260 ? ? 
metalc22 metalc ? ? F CD  .   CD  ? ? ? 1_555 H HOH . O  ? ? A CD  305 A HOH 447 1_555 ? ? ? ? ? ? ? 2.515 ? ? 
metalc23 metalc ? ? F CD  .   CD  ? ? ? 1_555 H HOH . O  ? ? A CD  305 A HOH 469 1_555 ? ? ? ? ? ? ? 2.638 ? ? 
metalc24 metalc ? ? F CD  .   CD  ? ? ? 1_555 H HOH . O  ? ? A CD  305 A HOH 470 1_555 ? ? ? ? ? ? ? 2.558 ? ? 
# 
_struct_conn_type.id          metalc 
_struct_conn_type.criteria    ? 
_struct_conn_type.reference   ? 
# 
loop_
_pdbx_struct_conn_angle.id 
_pdbx_struct_conn_angle.ptnr1_label_atom_id 
_pdbx_struct_conn_angle.ptnr1_label_alt_id 
_pdbx_struct_conn_angle.ptnr1_label_asym_id 
_pdbx_struct_conn_angle.ptnr1_label_comp_id 
_pdbx_struct_conn_angle.ptnr1_label_seq_id 
_pdbx_struct_conn_angle.ptnr1_auth_atom_id 
_pdbx_struct_conn_angle.ptnr1_auth_asym_id 
_pdbx_struct_conn_angle.ptnr1_auth_comp_id 
_pdbx_struct_conn_angle.ptnr1_auth_seq_id 
_pdbx_struct_conn_angle.ptnr1_PDB_ins_code 
_pdbx_struct_conn_angle.ptnr1_symmetry 
_pdbx_struct_conn_angle.ptnr2_label_atom_id 
_pdbx_struct_conn_angle.ptnr2_label_alt_id 
_pdbx_struct_conn_angle.ptnr2_label_asym_id 
_pdbx_struct_conn_angle.ptnr2_label_comp_id 
_pdbx_struct_conn_angle.ptnr2_label_seq_id 
_pdbx_struct_conn_angle.ptnr2_auth_atom_id 
_pdbx_struct_conn_angle.ptnr2_auth_asym_id 
_pdbx_struct_conn_angle.ptnr2_auth_comp_id 
_pdbx_struct_conn_angle.ptnr2_auth_seq_id 
_pdbx_struct_conn_angle.ptnr2_PDB_ins_code 
_pdbx_struct_conn_angle.ptnr2_symmetry 
_pdbx_struct_conn_angle.ptnr3_label_atom_id 
_pdbx_struct_conn_angle.ptnr3_label_alt_id 
_pdbx_struct_conn_angle.ptnr3_label_asym_id 
_pdbx_struct_conn_angle.ptnr3_label_comp_id 
_pdbx_struct_conn_angle.ptnr3_label_seq_id 
_pdbx_struct_conn_angle.ptnr3_auth_atom_id 
_pdbx_struct_conn_angle.ptnr3_auth_asym_id 
_pdbx_struct_conn_angle.ptnr3_auth_comp_id 
_pdbx_struct_conn_angle.ptnr3_auth_seq_id 
_pdbx_struct_conn_angle.ptnr3_PDB_ins_code 
_pdbx_struct_conn_angle.ptnr3_symmetry 
_pdbx_struct_conn_angle.value 
_pdbx_struct_conn_angle.value_esd 
1  NE2 ? A HIS 61  ? A HIS 100 ? 1_555 CD ? E CD . ? A CD 304 ? 1_555 O   ? H HOH .   ? A HOH 456 ? 1_555 103.7 ? 
2  NE2 ? A HIS 61  ? A HIS 100 ? 1_555 CD ? E CD . ? A CD 304 ? 1_555 O   ? H HOH .   ? A HOH 460 ? 1_555 95.5  ? 
3  O   ? H HOH .   ? A HOH 456 ? 1_555 CD ? E CD . ? A CD 304 ? 1_555 O   ? H HOH .   ? A HOH 460 ? 1_555 116.5 ? 
4  NE2 ? A HIS 61  ? A HIS 100 ? 1_555 CD ? E CD . ? A CD 304 ? 1_555 O   ? H HOH .   ? A HOH 461 ? 1_555 105.2 ? 
5  O   ? H HOH .   ? A HOH 456 ? 1_555 CD ? E CD . ? A CD 304 ? 1_555 O   ? H HOH .   ? A HOH 461 ? 1_555 113.0 ? 
6  O   ? H HOH .   ? A HOH 460 ? 1_555 CD ? E CD . ? A CD 304 ? 1_555 O   ? H HOH .   ? A HOH 461 ? 1_555 119.1 ? 
7  SG  ? A CYS 83  ? A CYS 122 ? 1_555 CD ? D CD . ? A CD 303 ? 1_555 O   ? H HOH .   ? A HOH 449 ? 1_555 89.9  ? 
8  SG  ? A CYS 83  ? A CYS 122 ? 1_555 CD ? D CD . ? A CD 303 ? 1_555 O   ? H HOH .   ? A HOH 469 ? 1_555 89.8  ? 
9  O   ? H HOH .   ? A HOH 449 ? 1_555 CD ? D CD . ? A CD 303 ? 1_555 O   ? H HOH .   ? A HOH 469 ? 1_555 170.1 ? 
10 SG  ? A CYS 83  ? A CYS 122 ? 1_555 CD ? F CD . ? A CD 305 ? 1_555 O   ? H HOH .   ? A HOH 447 ? 1_555 100.0 ? 
11 SG  ? A CYS 83  ? A CYS 122 ? 1_555 CD ? F CD . ? A CD 305 ? 1_555 O   ? H HOH .   ? A HOH 469 ? 1_555 90.0  ? 
12 O   ? H HOH .   ? A HOH 447 ? 1_555 CD ? F CD . ? A CD 305 ? 1_555 O   ? H HOH .   ? A HOH 469 ? 1_555 98.7  ? 
13 SG  ? A CYS 83  ? A CYS 122 ? 1_555 CD ? F CD . ? A CD 305 ? 1_555 O   ? H HOH .   ? A HOH 470 ? 1_555 84.0  ? 
14 O   ? H HOH .   ? A HOH 447 ? 1_555 CD ? F CD . ? A CD 305 ? 1_555 O   ? H HOH .   ? A HOH 470 ? 1_555 173.1 ? 
15 O   ? H HOH .   ? A HOH 469 ? 1_555 CD ? F CD . ? A CD 305 ? 1_555 O   ? H HOH .   ? A HOH 470 ? 1_555 75.5  ? 
16 OE1 ? A GLU 128 ? A GLU 167 ? 1_555 CD ? B CD . ? A CD 301 ? 1_555 OE1 ? A GLU 128 ? A GLU 167 ? 1_555 0.0   ? 
17 OE1 ? A GLU 128 ? A GLU 167 ? 1_555 CD ? B CD . ? A CD 301 ? 1_555 SG  A A CYS 147 ? A CYS 186 ? 1_555 90.9  ? 
18 OE1 ? A GLU 128 ? A GLU 167 ? 1_555 CD ? B CD . ? A CD 301 ? 1_555 SG  A A CYS 147 ? A CYS 186 ? 1_555 90.9  ? 
19 OE1 ? A GLU 128 ? A GLU 167 ? 1_555 CD ? B CD . ? A CD 301 ? 1_555 SG  B A CYS 147 ? A CYS 186 ? 1_555 87.0  ? 
20 OE1 ? A GLU 128 ? A GLU 167 ? 1_555 CD ? B CD . ? A CD 301 ? 1_555 SG  B A CYS 147 ? A CYS 186 ? 1_555 87.0  ? 
21 SG  A A CYS 147 ? A CYS 186 ? 1_555 CD ? B CD . ? A CD 301 ? 1_555 SG  B A CYS 147 ? A CYS 186 ? 1_555 41.0  ? 
22 OE1 ? A GLU 128 ? A GLU 167 ? 1_555 CD ? B CD . ? A CD 301 ? 1_555 SG  A A CYS 147 ? A CYS 186 ? 1_555 90.9  ? 
23 OE1 ? A GLU 128 ? A GLU 167 ? 1_555 CD ? B CD . ? A CD 301 ? 1_555 SG  A A CYS 147 ? A CYS 186 ? 1_555 90.9  ? 
24 SG  A A CYS 147 ? A CYS 186 ? 1_555 CD ? B CD . ? A CD 301 ? 1_555 SG  A A CYS 147 ? A CYS 186 ? 1_555 0.0   ? 
25 SG  B A CYS 147 ? A CYS 186 ? 1_555 CD ? B CD . ? A CD 301 ? 1_555 SG  A A CYS 147 ? A CYS 186 ? 1_555 41.0  ? 
26 OE1 ? A GLU 128 ? A GLU 167 ? 1_555 CD ? B CD . ? A CD 301 ? 1_555 SG  B A CYS 147 ? A CYS 186 ? 1_555 87.0  ? 
27 OE1 ? A GLU 128 ? A GLU 167 ? 1_555 CD ? B CD . ? A CD 301 ? 1_555 SG  B A CYS 147 ? A CYS 186 ? 1_555 87.0  ? 
28 SG  A A CYS 147 ? A CYS 186 ? 1_555 CD ? B CD . ? A CD 301 ? 1_555 SG  B A CYS 147 ? A CYS 186 ? 1_555 41.0  ? 
29 SG  B A CYS 147 ? A CYS 186 ? 1_555 CD ? B CD . ? A CD 301 ? 1_555 SG  B A CYS 147 ? A CYS 186 ? 1_555 0.0   ? 
30 SG  A A CYS 147 ? A CYS 186 ? 1_555 CD ? B CD . ? A CD 301 ? 1_555 SG  B A CYS 147 ? A CYS 186 ? 1_555 41.0  ? 
31 OE1 ? A GLU 128 ? A GLU 167 ? 1_555 CD ? B CD . ? A CD 301 ? 1_555 O   ? H HOH .   ? A HOH 455 ? 1_555 93.3  ? 
32 OE1 ? A GLU 128 ? A GLU 167 ? 1_555 CD ? B CD . ? A CD 301 ? 1_555 O   ? H HOH .   ? A HOH 455 ? 1_555 93.3  ? 
33 SG  A A CYS 147 ? A CYS 186 ? 1_555 CD ? B CD . ? A CD 301 ? 1_555 O   ? H HOH .   ? A HOH 455 ? 1_555 107.7 ? 
34 SG  B A CYS 147 ? A CYS 186 ? 1_555 CD ? B CD . ? A CD 301 ? 1_555 O   ? H HOH .   ? A HOH 455 ? 1_555 148.7 ? 
35 SG  A A CYS 147 ? A CYS 186 ? 1_555 CD ? B CD . ? A CD 301 ? 1_555 O   ? H HOH .   ? A HOH 455 ? 1_555 107.7 ? 
36 SG  B A CYS 147 ? A CYS 186 ? 1_555 CD ? B CD . ? A CD 301 ? 1_555 O   ? H HOH .   ? A HOH 455 ? 1_555 148.7 ? 
37 OE1 ? A GLU 128 ? A GLU 167 ? 1_555 CD ? B CD . ? A CD 301 ? 1_555 O   ? H HOH .   ? A HOH 455 ? 5_655 95.1  ? 
38 OE1 ? A GLU 128 ? A GLU 167 ? 1_555 CD ? B CD . ? A CD 301 ? 1_555 O   ? H HOH .   ? A HOH 455 ? 5_655 95.1  ? 
39 SG  A A CYS 147 ? A CYS 186 ? 1_555 CD ? B CD . ? A CD 301 ? 1_555 O   ? H HOH .   ? A HOH 455 ? 5_655 76.7  ? 
40 SG  B A CYS 147 ? A CYS 186 ? 1_555 CD ? B CD . ? A CD 301 ? 1_555 O   ? H HOH .   ? A HOH 455 ? 5_655 117.7 ? 
41 SG  A A CYS 147 ? A CYS 186 ? 1_555 CD ? B CD . ? A CD 301 ? 1_555 O   ? H HOH .   ? A HOH 455 ? 5_655 76.7  ? 
42 SG  B A CYS 147 ? A CYS 186 ? 1_555 CD ? B CD . ? A CD 301 ? 1_555 O   ? H HOH .   ? A HOH 455 ? 5_655 117.7 ? 
43 O   ? H HOH .   ? A HOH 455 ? 1_555 CD ? B CD . ? A CD 301 ? 1_555 O   ? H HOH .   ? A HOH 455 ? 5_655 31.0  ? 
44 OE2 ? A GLU 128 ? A GLU 167 ? 1_555 CD ? C CD . ? A CD 302 ? 1_555 SG  A A CYS 147 ? A CYS 186 ? 1_555 76.8  ? 
45 OE2 ? A GLU 128 ? A GLU 167 ? 1_555 CD ? C CD . ? A CD 302 ? 1_555 SG  B A CYS 147 ? A CYS 186 ? 1_555 81.0  ? 
46 SG  A A CYS 147 ? A CYS 186 ? 1_555 CD ? C CD . ? A CD 302 ? 1_555 SG  B A CYS 147 ? A CYS 186 ? 1_555 16.8  ? 
47 OE2 ? A GLU 128 ? A GLU 167 ? 1_555 CD ? C CD . ? A CD 302 ? 1_555 O   ? H HOH .   ? A HOH 454 ? 5_655 102.1 ? 
48 SG  A A CYS 147 ? A CYS 186 ? 1_555 CD ? C CD . ? A CD 302 ? 1_555 O   ? H HOH .   ? A HOH 454 ? 5_655 129.6 ? 
49 SG  B A CYS 147 ? A CYS 186 ? 1_555 CD ? C CD . ? A CD 302 ? 1_555 O   ? H HOH .   ? A HOH 454 ? 5_655 112.9 ? 
50 OE2 ? A GLU 128 ? A GLU 167 ? 1_555 CD ? C CD . ? A CD 302 ? 1_555 O   ? H HOH .   ? A HOH 459 ? 1_555 101.0 ? 
51 SG  A A CYS 147 ? A CYS 186 ? 1_555 CD ? C CD . ? A CD 302 ? 1_555 O   ? H HOH .   ? A HOH 459 ? 1_555 122.8 ? 
52 SG  B A CYS 147 ? A CYS 186 ? 1_555 CD ? C CD . ? A CD 302 ? 1_555 O   ? H HOH .   ? A HOH 459 ? 1_555 138.7 ? 
53 O   ? H HOH .   ? A HOH 454 ? 5_655 CD ? C CD . ? A CD 302 ? 1_555 O   ? H HOH .   ? A HOH 459 ? 1_555 107.0 ? 
# 
loop_
_struct_mon_prot_cis.pdbx_id 
_struct_mon_prot_cis.label_comp_id 
_struct_mon_prot_cis.label_seq_id 
_struct_mon_prot_cis.label_asym_id 
_struct_mon_prot_cis.label_alt_id 
_struct_mon_prot_cis.pdbx_PDB_ins_code 
_struct_mon_prot_cis.auth_comp_id 
_struct_mon_prot_cis.auth_seq_id 
_struct_mon_prot_cis.auth_asym_id 
_struct_mon_prot_cis.pdbx_label_comp_id_2 
_struct_mon_prot_cis.pdbx_label_seq_id_2 
_struct_mon_prot_cis.pdbx_label_asym_id_2 
_struct_mon_prot_cis.pdbx_PDB_ins_code_2 
_struct_mon_prot_cis.pdbx_auth_comp_id_2 
_struct_mon_prot_cis.pdbx_auth_seq_id_2 
_struct_mon_prot_cis.pdbx_auth_asym_id_2 
_struct_mon_prot_cis.pdbx_PDB_model_num 
_struct_mon_prot_cis.pdbx_omega_angle 
1 PHE 33 A . ? PHE 72  A PRO 34 A ? PRO 73  A 1 -6.66  
2 SER 90 A . ? SER 129 A PRO 91 A ? PRO 130 A 1 -13.41 
# 
loop_
_struct_sheet.id 
_struct_sheet.type 
_struct_sheet.number_strands 
_struct_sheet.details 
AA1 ? 3 ? 
AA2 ? 5 ? 
AA3 ? 4 ? 
AA4 ? 3 ? 
AA5 ? 2 ? 
# 
loop_
_struct_sheet_order.sheet_id 
_struct_sheet_order.range_id_1 
_struct_sheet_order.range_id_2 
_struct_sheet_order.offset 
_struct_sheet_order.sense 
AA1 1 2 ? anti-parallel 
AA1 2 3 ? anti-parallel 
AA2 1 2 ? parallel      
AA2 2 3 ? anti-parallel 
AA2 3 4 ? anti-parallel 
AA2 4 5 ? anti-parallel 
AA3 1 2 ? anti-parallel 
AA3 2 3 ? anti-parallel 
AA3 3 4 ? anti-parallel 
AA4 1 2 ? anti-parallel 
AA4 2 3 ? parallel      
AA5 1 2 ? anti-parallel 
# 
loop_
_struct_sheet_range.sheet_id 
_struct_sheet_range.id 
_struct_sheet_range.beg_label_comp_id 
_struct_sheet_range.beg_label_asym_id 
_struct_sheet_range.beg_label_seq_id 
_struct_sheet_range.pdbx_beg_PDB_ins_code 
_struct_sheet_range.end_label_comp_id 
_struct_sheet_range.end_label_asym_id 
_struct_sheet_range.end_label_seq_id 
_struct_sheet_range.pdbx_end_PDB_ins_code 
_struct_sheet_range.beg_auth_comp_id 
_struct_sheet_range.beg_auth_asym_id 
_struct_sheet_range.beg_auth_seq_id 
_struct_sheet_range.end_auth_comp_id 
_struct_sheet_range.end_auth_asym_id 
_struct_sheet_range.end_auth_seq_id 
AA1 1 ARG A 4   ? LEU A 7   ? ARG A 43  LEU A 46  
AA1 2 LYS A 37  ? SER A 41  ? LYS A 76  SER A 80  
AA1 3 VAL A 102 ? SER A 103 ? VAL A 141 SER A 142 
AA2 1 GLU A 22  ? ILE A 24  ? GLU A 61  ILE A 63  
AA2 2 PHE A 153 ? VAL A 156 ? PHE A 192 VAL A 195 
AA2 3 LYS A 126 ? VAL A 136 ? LYS A 165 VAL A 175 
AA2 4 MET A 48  ? ALA A 57  ? MET A 87  ALA A 96  
AA2 5 ASN A 92  ? PHE A 93  ? ASN A 131 PHE A 132 
AA3 1 TYR A 85  ? ILE A 86  ? TYR A 124 ILE A 125 
AA3 2 MET A 48  ? ALA A 57  ? MET A 87  ALA A 96  
AA3 3 LYS A 126 ? VAL A 136 ? LYS A 165 VAL A 175 
AA3 4 MET A 142 ? CYS A 147 ? MET A 181 CYS A 186 
AA4 1 ARG A 30  ? ARG A 31  ? ARG A 69  ARG A 70  
AA4 2 LYS A 108 ? THR A 110 ? LYS A 147 THR A 149 
AA4 3 ILE A 119 ? MET A 120 ? ILE A 158 MET A 159 
AA5 1 TRP A 63  ? VAL A 66  ? TRP A 102 VAL A 105 
AA5 2 GLU A 69  ? PRO A 72  ? GLU A 108 PRO A 111 
# 
loop_
_pdbx_struct_sheet_hbond.sheet_id 
_pdbx_struct_sheet_hbond.range_id_1 
_pdbx_struct_sheet_hbond.range_id_2 
_pdbx_struct_sheet_hbond.range_1_label_atom_id 
_pdbx_struct_sheet_hbond.range_1_label_comp_id 
_pdbx_struct_sheet_hbond.range_1_label_asym_id 
_pdbx_struct_sheet_hbond.range_1_label_seq_id 
_pdbx_struct_sheet_hbond.range_1_PDB_ins_code 
_pdbx_struct_sheet_hbond.range_1_auth_atom_id 
_pdbx_struct_sheet_hbond.range_1_auth_comp_id 
_pdbx_struct_sheet_hbond.range_1_auth_asym_id 
_pdbx_struct_sheet_hbond.range_1_auth_seq_id 
_pdbx_struct_sheet_hbond.range_2_label_atom_id 
_pdbx_struct_sheet_hbond.range_2_label_comp_id 
_pdbx_struct_sheet_hbond.range_2_label_asym_id 
_pdbx_struct_sheet_hbond.range_2_label_seq_id 
_pdbx_struct_sheet_hbond.range_2_PDB_ins_code 
_pdbx_struct_sheet_hbond.range_2_auth_atom_id 
_pdbx_struct_sheet_hbond.range_2_auth_comp_id 
_pdbx_struct_sheet_hbond.range_2_auth_asym_id 
_pdbx_struct_sheet_hbond.range_2_auth_seq_id 
AA1 1 2 N GLY A 6   ? N GLY A 45  O ASN A 39  ? O ASN A 78  
AA1 2 3 N VAL A 38  ? N VAL A 77  O VAL A 102 ? O VAL A 141 
AA2 1 2 N MET A 23  ? N MET A 62  O VAL A 156 ? O VAL A 195 
AA2 2 3 O PHE A 153 ? O PHE A 192 N TYR A 127 ? N TYR A 166 
AA2 3 4 O ARG A 130 ? O ARG A 169 N ASP A 54  ? N ASP A 93  
AA2 4 5 N TYR A 49  ? N TYR A 88  O ASN A 92  ? O ASN A 131 
AA3 1 2 O TYR A 85  ? O TYR A 124 N LEU A 53  ? N LEU A 92  
AA3 2 3 N ASP A 54  ? N ASP A 93  O ARG A 130 ? O ARG A 169 
AA3 3 4 N ILE A 133 ? N ILE A 172 O THR A 144 ? O THR A 183 
AA4 1 2 N ARG A 30  ? N ARG A 69  O LEU A 109 ? O LEU A 148 
AA4 2 3 N THR A 110 ? N THR A 149 O ILE A 119 ? O ILE A 158 
AA5 1 2 N VAL A 66  ? N VAL A 105 O GLU A 69  ? O GLU A 108 
# 
loop_
_struct_site.id 
_struct_site.pdbx_evidence_code 
_struct_site.pdbx_auth_asym_id 
_struct_site.pdbx_auth_comp_id 
_struct_site.pdbx_auth_seq_id 
_struct_site.pdbx_auth_ins_code 
_struct_site.pdbx_num_residues 
_struct_site.details 
AC1 Software A CD  301 ? 8 'binding site for residue CD A 301'  
AC2 Software A CD  302 ? 6 'binding site for residue CD A 302'  
AC3 Software A CD  303 ? 4 'binding site for residue CD A 303'  
AC4 Software A CD  304 ? 4 'binding site for residue CD A 304'  
AC5 Software A CD  305 ? 4 'binding site for residue CD A 305'  
AC6 Software A JHP 306 ? 6 'binding site for residue JHP A 306' 
# 
loop_
_struct_site_gen.id 
_struct_site_gen.site_id 
_struct_site_gen.pdbx_num_res 
_struct_site_gen.label_comp_id 
_struct_site_gen.label_asym_id 
_struct_site_gen.label_seq_id 
_struct_site_gen.pdbx_auth_ins_code 
_struct_site_gen.auth_comp_id 
_struct_site_gen.auth_asym_id 
_struct_site_gen.auth_seq_id 
_struct_site_gen.label_atom_id 
_struct_site_gen.label_alt_id 
_struct_site_gen.symmetry 
_struct_site_gen.details 
1  AC1 8 GLU A 128 ? GLU A 167 . ? 1_555 ? 
2  AC1 8 GLU A 128 ? GLU A 167 . ? 5_655 ? 
3  AC1 8 CYS A 147 ? CYS A 186 . ? 1_555 ? 
4  AC1 8 CYS A 147 ? CYS A 186 . ? 5_655 ? 
5  AC1 8 CD  C .   ? CD  A 302 . ? 5_655 ? 
6  AC1 8 CD  C .   ? CD  A 302 . ? 1_555 ? 
7  AC1 8 HOH H .   ? HOH A 455 . ? 5_655 ? 
8  AC1 8 HOH H .   ? HOH A 455 . ? 1_555 ? 
9  AC2 6 GLU A 128 ? GLU A 167 . ? 1_555 ? 
10 AC2 6 CYS A 147 ? CYS A 186 . ? 5_655 ? 
11 AC2 6 CD  B .   ? CD  A 301 . ? 5_655 ? 
12 AC2 6 CD  B .   ? CD  A 301 . ? 1_555 ? 
13 AC2 6 HOH H .   ? HOH A 454 . ? 5_655 ? 
14 AC2 6 HOH H .   ? HOH A 459 . ? 1_555 ? 
15 AC3 4 CYS A 83  ? CYS A 122 . ? 1_555 ? 
16 AC3 4 HOH H .   ? HOH A 449 . ? 1_555 ? 
17 AC3 4 HOH H .   ? HOH A 457 . ? 1_555 ? 
18 AC3 4 HOH H .   ? HOH A 469 . ? 1_555 ? 
19 AC4 4 HIS A 61  ? HIS A 100 . ? 1_555 ? 
20 AC4 4 HOH H .   ? HOH A 456 . ? 1_555 ? 
21 AC4 4 HOH H .   ? HOH A 460 . ? 1_555 ? 
22 AC4 4 HOH H .   ? HOH A 461 . ? 1_555 ? 
23 AC5 4 CYS A 83  ? CYS A 122 . ? 1_555 ? 
24 AC5 4 HOH H .   ? HOH A 447 . ? 1_555 ? 
25 AC5 4 HOH H .   ? HOH A 469 . ? 1_555 ? 
26 AC5 4 HOH H .   ? HOH A 470 . ? 1_555 ? 
27 AC6 6 SER A 50  ? SER A 89  . ? 1_555 ? 
28 AC6 6 SER A 90  ? SER A 129 . ? 1_555 ? 
29 AC6 6 PHE A 93  ? PHE A 132 . ? 6_555 ? 
30 AC6 6 VAL A 134 ? VAL A 173 . ? 1_555 ? 
31 AC6 6 VAL A 136 ? VAL A 175 . ? 1_555 ? 
32 AC6 6 HOH H .   ? HOH A 460 . ? 5_655 ? 
# 
loop_
_pdbx_validate_torsion.id 
_pdbx_validate_torsion.PDB_model_num 
_pdbx_validate_torsion.auth_comp_id 
_pdbx_validate_torsion.auth_asym_id 
_pdbx_validate_torsion.auth_seq_id 
_pdbx_validate_torsion.PDB_ins_code 
_pdbx_validate_torsion.label_alt_id 
_pdbx_validate_torsion.phi 
_pdbx_validate_torsion.psi 
1 1 THR A 59  ? ? 72.16  103.57 
2 1 PHE A 143 ? ? -97.40 53.34  
# 
_pdbx_struct_special_symmetry.id              1 
_pdbx_struct_special_symmetry.PDB_model_num   1 
_pdbx_struct_special_symmetry.auth_asym_id    A 
_pdbx_struct_special_symmetry.auth_comp_id    CD 
_pdbx_struct_special_symmetry.auth_seq_id     301 
_pdbx_struct_special_symmetry.PDB_ins_code    ? 
_pdbx_struct_special_symmetry.label_asym_id   B 
_pdbx_struct_special_symmetry.label_comp_id   CD 
_pdbx_struct_special_symmetry.label_seq_id    . 
# 
_phasing.method   MR 
# 
_pdbx_entry_details.entry_id                 5QRG 
_pdbx_entry_details.has_ligand_of_interest   Y 
_pdbx_entry_details.compound_details         ? 
_pdbx_entry_details.source_details           ? 
_pdbx_entry_details.nonpolymer_details       ? 
_pdbx_entry_details.sequence_details         ? 
# 
loop_
_pdbx_distant_solvent_atoms.id 
_pdbx_distant_solvent_atoms.PDB_model_num 
_pdbx_distant_solvent_atoms.auth_atom_id 
_pdbx_distant_solvent_atoms.label_alt_id 
_pdbx_distant_solvent_atoms.auth_asym_id 
_pdbx_distant_solvent_atoms.auth_comp_id 
_pdbx_distant_solvent_atoms.auth_seq_id 
_pdbx_distant_solvent_atoms.PDB_ins_code 
_pdbx_distant_solvent_atoms.neighbor_macromolecule_distance 
_pdbx_distant_solvent_atoms.neighbor_ligand_distance 
1 1 O ? A HOH 469 ? 6.16 . 
2 1 O ? A HOH 470 ? 6.50 . 
# 
_pdbx_unobs_or_zero_occ_residues.id               1 
_pdbx_unobs_or_zero_occ_residues.PDB_model_num    1 
_pdbx_unobs_or_zero_occ_residues.polymer_flag     Y 
_pdbx_unobs_or_zero_occ_residues.occupancy_flag   1 
_pdbx_unobs_or_zero_occ_residues.auth_asym_id     A 
_pdbx_unobs_or_zero_occ_residues.auth_comp_id     GLY 
_pdbx_unobs_or_zero_occ_residues.auth_seq_id      40 
_pdbx_unobs_or_zero_occ_residues.PDB_ins_code     ? 
_pdbx_unobs_or_zero_occ_residues.label_asym_id    A 
_pdbx_unobs_or_zero_occ_residues.label_comp_id    GLY 
_pdbx_unobs_or_zero_occ_residues.label_seq_id     1 
# 
loop_
_chem_comp_atom.comp_id 
_chem_comp_atom.atom_id 
_chem_comp_atom.type_symbol 
_chem_comp_atom.pdbx_aromatic_flag 
_chem_comp_atom.pdbx_stereo_config 
_chem_comp_atom.pdbx_ordinal 
ALA N    N  N N 1   
ALA CA   C  N S 2   
ALA C    C  N N 3   
ALA O    O  N N 4   
ALA CB   C  N N 5   
ALA OXT  O  N N 6   
ALA H    H  N N 7   
ALA H2   H  N N 8   
ALA HA   H  N N 9   
ALA HB1  H  N N 10  
ALA HB2  H  N N 11  
ALA HB3  H  N N 12  
ALA HXT  H  N N 13  
ARG N    N  N N 14  
ARG CA   C  N S 15  
ARG C    C  N N 16  
ARG O    O  N N 17  
ARG CB   C  N N 18  
ARG CG   C  N N 19  
ARG CD   C  N N 20  
ARG NE   N  N N 21  
ARG CZ   C  N N 22  
ARG NH1  N  N N 23  
ARG NH2  N  N N 24  
ARG OXT  O  N N 25  
ARG H    H  N N 26  
ARG H2   H  N N 27  
ARG HA   H  N N 28  
ARG HB2  H  N N 29  
ARG HB3  H  N N 30  
ARG HG2  H  N N 31  
ARG HG3  H  N N 32  
ARG HD2  H  N N 33  
ARG HD3  H  N N 34  
ARG HE   H  N N 35  
ARG HH11 H  N N 36  
ARG HH12 H  N N 37  
ARG HH21 H  N N 38  
ARG HH22 H  N N 39  
ARG HXT  H  N N 40  
ASN N    N  N N 41  
ASN CA   C  N S 42  
ASN C    C  N N 43  
ASN O    O  N N 44  
ASN CB   C  N N 45  
ASN CG   C  N N 46  
ASN OD1  O  N N 47  
ASN ND2  N  N N 48  
ASN OXT  O  N N 49  
ASN H    H  N N 50  
ASN H2   H  N N 51  
ASN HA   H  N N 52  
ASN HB2  H  N N 53  
ASN HB3  H  N N 54  
ASN HD21 H  N N 55  
ASN HD22 H  N N 56  
ASN HXT  H  N N 57  
ASP N    N  N N 58  
ASP CA   C  N S 59  
ASP C    C  N N 60  
ASP O    O  N N 61  
ASP CB   C  N N 62  
ASP CG   C  N N 63  
ASP OD1  O  N N 64  
ASP OD2  O  N N 65  
ASP OXT  O  N N 66  
ASP H    H  N N 67  
ASP H2   H  N N 68  
ASP HA   H  N N 69  
ASP HB2  H  N N 70  
ASP HB3  H  N N 71  
ASP HD2  H  N N 72  
ASP HXT  H  N N 73  
CD  CD   CD N N 74  
CYS N    N  N N 75  
CYS CA   C  N R 76  
CYS C    C  N N 77  
CYS O    O  N N 78  
CYS CB   C  N N 79  
CYS SG   S  N N 80  
CYS OXT  O  N N 81  
CYS H    H  N N 82  
CYS H2   H  N N 83  
CYS HA   H  N N 84  
CYS HB2  H  N N 85  
CYS HB3  H  N N 86  
CYS HG   H  N N 87  
CYS HXT  H  N N 88  
GLN N    N  N N 89  
GLN CA   C  N S 90  
GLN C    C  N N 91  
GLN O    O  N N 92  
GLN CB   C  N N 93  
GLN CG   C  N N 94  
GLN CD   C  N N 95  
GLN OE1  O  N N 96  
GLN NE2  N  N N 97  
GLN OXT  O  N N 98  
GLN H    H  N N 99  
GLN H2   H  N N 100 
GLN HA   H  N N 101 
GLN HB2  H  N N 102 
GLN HB3  H  N N 103 
GLN HG2  H  N N 104 
GLN HG3  H  N N 105 
GLN HE21 H  N N 106 
GLN HE22 H  N N 107 
GLN HXT  H  N N 108 
GLU N    N  N N 109 
GLU CA   C  N S 110 
GLU C    C  N N 111 
GLU O    O  N N 112 
GLU CB   C  N N 113 
GLU CG   C  N N 114 
GLU CD   C  N N 115 
GLU OE1  O  N N 116 
GLU OE2  O  N N 117 
GLU OXT  O  N N 118 
GLU H    H  N N 119 
GLU H2   H  N N 120 
GLU HA   H  N N 121 
GLU HB2  H  N N 122 
GLU HB3  H  N N 123 
GLU HG2  H  N N 124 
GLU HG3  H  N N 125 
GLU HE2  H  N N 126 
GLU HXT  H  N N 127 
GLY N    N  N N 128 
GLY CA   C  N N 129 
GLY C    C  N N 130 
GLY O    O  N N 131 
GLY OXT  O  N N 132 
GLY H    H  N N 133 
GLY H2   H  N N 134 
GLY HA2  H  N N 135 
GLY HA3  H  N N 136 
GLY HXT  H  N N 137 
HIS N    N  N N 138 
HIS CA   C  N S 139 
HIS C    C  N N 140 
HIS O    O  N N 141 
HIS CB   C  N N 142 
HIS CG   C  Y N 143 
HIS ND1  N  Y N 144 
HIS CD2  C  Y N 145 
HIS CE1  C  Y N 146 
HIS NE2  N  Y N 147 
HIS OXT  O  N N 148 
HIS H    H  N N 149 
HIS H2   H  N N 150 
HIS HA   H  N N 151 
HIS HB2  H  N N 152 
HIS HB3  H  N N 153 
HIS HD1  H  N N 154 
HIS HD2  H  N N 155 
HIS HE1  H  N N 156 
HIS HE2  H  N N 157 
HIS HXT  H  N N 158 
HOH O    O  N N 159 
HOH H1   H  N N 160 
HOH H2   H  N N 161 
ILE N    N  N N 162 
ILE CA   C  N S 163 
ILE C    C  N N 164 
ILE O    O  N N 165 
ILE CB   C  N S 166 
ILE CG1  C  N N 167 
ILE CG2  C  N N 168 
ILE CD1  C  N N 169 
ILE OXT  O  N N 170 
ILE H    H  N N 171 
ILE H2   H  N N 172 
ILE HA   H  N N 173 
ILE HB   H  N N 174 
ILE HG12 H  N N 175 
ILE HG13 H  N N 176 
ILE HG21 H  N N 177 
ILE HG22 H  N N 178 
ILE HG23 H  N N 179 
ILE HD11 H  N N 180 
ILE HD12 H  N N 181 
ILE HD13 H  N N 182 
ILE HXT  H  N N 183 
JHP C10  C  N N 184 
JHP C13  C  N N 185 
JHP C01  C  N N 186 
JHP N02  N  Y N 187 
JHP C03  C  Y N 188 
JHP C04  C  Y N 189 
JHP C05  C  Y N 190 
JHP N06  N  Y N 191 
JHP C07  C  N N 192 
JHP O08  O  N N 193 
JHP N09  N  N N 194 
JHP C11  C  N N 195 
JHP C12  C  N N 196 
JHP C14  C  N N 197 
JHP CL15 CL N N 198 
JHP H101 H  N N 199 
JHP H132 H  N N 200 
JHP H131 H  N N 201 
JHP H013 H  N N 202 
JHP H011 H  N N 203 
JHP H012 H  N N 204 
JHP H031 H  N N 205 
JHP H091 H  N N 206 
JHP H112 H  N N 207 
JHP H111 H  N N 208 
JHP H121 H  N N 209 
JHP H122 H  N N 210 
JHP H141 H  N N 211 
JHP H142 H  N N 212 
LEU N    N  N N 213 
LEU CA   C  N S 214 
LEU C    C  N N 215 
LEU O    O  N N 216 
LEU CB   C  N N 217 
LEU CG   C  N N 218 
LEU CD1  C  N N 219 
LEU CD2  C  N N 220 
LEU OXT  O  N N 221 
LEU H    H  N N 222 
LEU H2   H  N N 223 
LEU HA   H  N N 224 
LEU HB2  H  N N 225 
LEU HB3  H  N N 226 
LEU HG   H  N N 227 
LEU HD11 H  N N 228 
LEU HD12 H  N N 229 
LEU HD13 H  N N 230 
LEU HD21 H  N N 231 
LEU HD22 H  N N 232 
LEU HD23 H  N N 233 
LEU HXT  H  N N 234 
LYS N    N  N N 235 
LYS CA   C  N S 236 
LYS C    C  N N 237 
LYS O    O  N N 238 
LYS CB   C  N N 239 
LYS CG   C  N N 240 
LYS CD   C  N N 241 
LYS CE   C  N N 242 
LYS NZ   N  N N 243 
LYS OXT  O  N N 244 
LYS H    H  N N 245 
LYS H2   H  N N 246 
LYS HA   H  N N 247 
LYS HB2  H  N N 248 
LYS HB3  H  N N 249 
LYS HG2  H  N N 250 
LYS HG3  H  N N 251 
LYS HD2  H  N N 252 
LYS HD3  H  N N 253 
LYS HE2  H  N N 254 
LYS HE3  H  N N 255 
LYS HZ1  H  N N 256 
LYS HZ2  H  N N 257 
LYS HZ3  H  N N 258 
LYS HXT  H  N N 259 
MET N    N  N N 260 
MET CA   C  N S 261 
MET C    C  N N 262 
MET O    O  N N 263 
MET CB   C  N N 264 
MET CG   C  N N 265 
MET SD   S  N N 266 
MET CE   C  N N 267 
MET OXT  O  N N 268 
MET H    H  N N 269 
MET H2   H  N N 270 
MET HA   H  N N 271 
MET HB2  H  N N 272 
MET HB3  H  N N 273 
MET HG2  H  N N 274 
MET HG3  H  N N 275 
MET HE1  H  N N 276 
MET HE2  H  N N 277 
MET HE3  H  N N 278 
MET HXT  H  N N 279 
PHE N    N  N N 280 
PHE CA   C  N S 281 
PHE C    C  N N 282 
PHE O    O  N N 283 
PHE CB   C  N N 284 
PHE CG   C  Y N 285 
PHE CD1  C  Y N 286 
PHE CD2  C  Y N 287 
PHE CE1  C  Y N 288 
PHE CE2  C  Y N 289 
PHE CZ   C  Y N 290 
PHE OXT  O  N N 291 
PHE H    H  N N 292 
PHE H2   H  N N 293 
PHE HA   H  N N 294 
PHE HB2  H  N N 295 
PHE HB3  H  N N 296 
PHE HD1  H  N N 297 
PHE HD2  H  N N 298 
PHE HE1  H  N N 299 
PHE HE2  H  N N 300 
PHE HZ   H  N N 301 
PHE HXT  H  N N 302 
PRO N    N  N N 303 
PRO CA   C  N S 304 
PRO C    C  N N 305 
PRO O    O  N N 306 
PRO CB   C  N N 307 
PRO CG   C  N N 308 
PRO CD   C  N N 309 
PRO OXT  O  N N 310 
PRO H    H  N N 311 
PRO HA   H  N N 312 
PRO HB2  H  N N 313 
PRO HB3  H  N N 314 
PRO HG2  H  N N 315 
PRO HG3  H  N N 316 
PRO HD2  H  N N 317 
PRO HD3  H  N N 318 
PRO HXT  H  N N 319 
SER N    N  N N 320 
SER CA   C  N S 321 
SER C    C  N N 322 
SER O    O  N N 323 
SER CB   C  N N 324 
SER OG   O  N N 325 
SER OXT  O  N N 326 
SER H    H  N N 327 
SER H2   H  N N 328 
SER HA   H  N N 329 
SER HB2  H  N N 330 
SER HB3  H  N N 331 
SER HG   H  N N 332 
SER HXT  H  N N 333 
THR N    N  N N 334 
THR CA   C  N S 335 
THR C    C  N N 336 
THR O    O  N N 337 
THR CB   C  N R 338 
THR OG1  O  N N 339 
THR CG2  C  N N 340 
THR OXT  O  N N 341 
THR H    H  N N 342 
THR H2   H  N N 343 
THR HA   H  N N 344 
THR HB   H  N N 345 
THR HG1  H  N N 346 
THR HG21 H  N N 347 
THR HG22 H  N N 348 
THR HG23 H  N N 349 
THR HXT  H  N N 350 
TRP N    N  N N 351 
TRP CA   C  N S 352 
TRP C    C  N N 353 
TRP O    O  N N 354 
TRP CB   C  N N 355 
TRP CG   C  Y N 356 
TRP CD1  C  Y N 357 
TRP CD2  C  Y N 358 
TRP NE1  N  Y N 359 
TRP CE2  C  Y N 360 
TRP CE3  C  Y N 361 
TRP CZ2  C  Y N 362 
TRP CZ3  C  Y N 363 
TRP CH2  C  Y N 364 
TRP OXT  O  N N 365 
TRP H    H  N N 366 
TRP H2   H  N N 367 
TRP HA   H  N N 368 
TRP HB2  H  N N 369 
TRP HB3  H  N N 370 
TRP HD1  H  N N 371 
TRP HE1  H  N N 372 
TRP HE3  H  N N 373 
TRP HZ2  H  N N 374 
TRP HZ3  H  N N 375 
TRP HH2  H  N N 376 
TRP HXT  H  N N 377 
TYR N    N  N N 378 
TYR CA   C  N S 379 
TYR C    C  N N 380 
TYR O    O  N N 381 
TYR CB   C  N N 382 
TYR CG   C  Y N 383 
TYR CD1  C  Y N 384 
TYR CD2  C  Y N 385 
TYR CE1  C  Y N 386 
TYR CE2  C  Y N 387 
TYR CZ   C  Y N 388 
TYR OH   O  N N 389 
TYR OXT  O  N N 390 
TYR H    H  N N 391 
TYR H2   H  N N 392 
TYR HA   H  N N 393 
TYR HB2  H  N N 394 
TYR HB3  H  N N 395 
TYR HD1  H  N N 396 
TYR HD2  H  N N 397 
TYR HE1  H  N N 398 
TYR HE2  H  N N 399 
TYR HH   H  N N 400 
TYR HXT  H  N N 401 
VAL N    N  N N 402 
VAL CA   C  N S 403 
VAL C    C  N N 404 
VAL O    O  N N 405 
VAL CB   C  N N 406 
VAL CG1  C  N N 407 
VAL CG2  C  N N 408 
VAL OXT  O  N N 409 
VAL H    H  N N 410 
VAL H2   H  N N 411 
VAL HA   H  N N 412 
VAL HB   H  N N 413 
VAL HG11 H  N N 414 
VAL HG12 H  N N 415 
VAL HG13 H  N N 416 
VAL HG21 H  N N 417 
VAL HG22 H  N N 418 
VAL HG23 H  N N 419 
VAL HXT  H  N N 420 
# 
loop_
_chem_comp_bond.comp_id 
_chem_comp_bond.atom_id_1 
_chem_comp_bond.atom_id_2 
_chem_comp_bond.value_order 
_chem_comp_bond.pdbx_aromatic_flag 
_chem_comp_bond.pdbx_stereo_config 
_chem_comp_bond.pdbx_ordinal 
ALA N    CA   sing N N 1   
ALA N    H    sing N N 2   
ALA N    H2   sing N N 3   
ALA CA   C    sing N N 4   
ALA CA   CB   sing N N 5   
ALA CA   HA   sing N N 6   
ALA C    O    doub N N 7   
ALA C    OXT  sing N N 8   
ALA CB   HB1  sing N N 9   
ALA CB   HB2  sing N N 10  
ALA CB   HB3  sing N N 11  
ALA OXT  HXT  sing N N 12  
ARG N    CA   sing N N 13  
ARG N    H    sing N N 14  
ARG N    H2   sing N N 15  
ARG CA   C    sing N N 16  
ARG CA   CB   sing N N 17  
ARG CA   HA   sing N N 18  
ARG C    O    doub N N 19  
ARG C    OXT  sing N N 20  
ARG CB   CG   sing N N 21  
ARG CB   HB2  sing N N 22  
ARG CB   HB3  sing N N 23  
ARG CG   CD   sing N N 24  
ARG CG   HG2  sing N N 25  
ARG CG   HG3  sing N N 26  
ARG CD   NE   sing N N 27  
ARG CD   HD2  sing N N 28  
ARG CD   HD3  sing N N 29  
ARG NE   CZ   sing N N 30  
ARG NE   HE   sing N N 31  
ARG CZ   NH1  sing N N 32  
ARG CZ   NH2  doub N N 33  
ARG NH1  HH11 sing N N 34  
ARG NH1  HH12 sing N N 35  
ARG NH2  HH21 sing N N 36  
ARG NH2  HH22 sing N N 37  
ARG OXT  HXT  sing N N 38  
ASN N    CA   sing N N 39  
ASN N    H    sing N N 40  
ASN N    H2   sing N N 41  
ASN CA   C    sing N N 42  
ASN CA   CB   sing N N 43  
ASN CA   HA   sing N N 44  
ASN C    O    doub N N 45  
ASN C    OXT  sing N N 46  
ASN CB   CG   sing N N 47  
ASN CB   HB2  sing N N 48  
ASN CB   HB3  sing N N 49  
ASN CG   OD1  doub N N 50  
ASN CG   ND2  sing N N 51  
ASN ND2  HD21 sing N N 52  
ASN ND2  HD22 sing N N 53  
ASN OXT  HXT  sing N N 54  
ASP N    CA   sing N N 55  
ASP N    H    sing N N 56  
ASP N    H2   sing N N 57  
ASP CA   C    sing N N 58  
ASP CA   CB   sing N N 59  
ASP CA   HA   sing N N 60  
ASP C    O    doub N N 61  
ASP C    OXT  sing N N 62  
ASP CB   CG   sing N N 63  
ASP CB   HB2  sing N N 64  
ASP CB   HB3  sing N N 65  
ASP CG   OD1  doub N N 66  
ASP CG   OD2  sing N N 67  
ASP OD2  HD2  sing N N 68  
ASP OXT  HXT  sing N N 69  
CYS N    CA   sing N N 70  
CYS N    H    sing N N 71  
CYS N    H2   sing N N 72  
CYS CA   C    sing N N 73  
CYS CA   CB   sing N N 74  
CYS CA   HA   sing N N 75  
CYS C    O    doub N N 76  
CYS C    OXT  sing N N 77  
CYS CB   SG   sing N N 78  
CYS CB   HB2  sing N N 79  
CYS CB   HB3  sing N N 80  
CYS SG   HG   sing N N 81  
CYS OXT  HXT  sing N N 82  
GLN N    CA   sing N N 83  
GLN N    H    sing N N 84  
GLN N    H2   sing N N 85  
GLN CA   C    sing N N 86  
GLN CA   CB   sing N N 87  
GLN CA   HA   sing N N 88  
GLN C    O    doub N N 89  
GLN C    OXT  sing N N 90  
GLN CB   CG   sing N N 91  
GLN CB   HB2  sing N N 92  
GLN CB   HB3  sing N N 93  
GLN CG   CD   sing N N 94  
GLN CG   HG2  sing N N 95  
GLN CG   HG3  sing N N 96  
GLN CD   OE1  doub N N 97  
GLN CD   NE2  sing N N 98  
GLN NE2  HE21 sing N N 99  
GLN NE2  HE22 sing N N 100 
GLN OXT  HXT  sing N N 101 
GLU N    CA   sing N N 102 
GLU N    H    sing N N 103 
GLU N    H2   sing N N 104 
GLU CA   C    sing N N 105 
GLU CA   CB   sing N N 106 
GLU CA   HA   sing N N 107 
GLU C    O    doub N N 108 
GLU C    OXT  sing N N 109 
GLU CB   CG   sing N N 110 
GLU CB   HB2  sing N N 111 
GLU CB   HB3  sing N N 112 
GLU CG   CD   sing N N 113 
GLU CG   HG2  sing N N 114 
GLU CG   HG3  sing N N 115 
GLU CD   OE1  doub N N 116 
GLU CD   OE2  sing N N 117 
GLU OE2  HE2  sing N N 118 
GLU OXT  HXT  sing N N 119 
GLY N    CA   sing N N 120 
GLY N    H    sing N N 121 
GLY N    H2   sing N N 122 
GLY CA   C    sing N N 123 
GLY CA   HA2  sing N N 124 
GLY CA   HA3  sing N N 125 
GLY C    O    doub N N 126 
GLY C    OXT  sing N N 127 
GLY OXT  HXT  sing N N 128 
HIS N    CA   sing N N 129 
HIS N    H    sing N N 130 
HIS N    H2   sing N N 131 
HIS CA   C    sing N N 132 
HIS CA   CB   sing N N 133 
HIS CA   HA   sing N N 134 
HIS C    O    doub N N 135 
HIS C    OXT  sing N N 136 
HIS CB   CG   sing N N 137 
HIS CB   HB2  sing N N 138 
HIS CB   HB3  sing N N 139 
HIS CG   ND1  sing Y N 140 
HIS CG   CD2  doub Y N 141 
HIS ND1  CE1  doub Y N 142 
HIS ND1  HD1  sing N N 143 
HIS CD2  NE2  sing Y N 144 
HIS CD2  HD2  sing N N 145 
HIS CE1  NE2  sing Y N 146 
HIS CE1  HE1  sing N N 147 
HIS NE2  HE2  sing N N 148 
HIS OXT  HXT  sing N N 149 
HOH O    H1   sing N N 150 
HOH O    H2   sing N N 151 
ILE N    CA   sing N N 152 
ILE N    H    sing N N 153 
ILE N    H2   sing N N 154 
ILE CA   C    sing N N 155 
ILE CA   CB   sing N N 156 
ILE CA   HA   sing N N 157 
ILE C    O    doub N N 158 
ILE C    OXT  sing N N 159 
ILE CB   CG1  sing N N 160 
ILE CB   CG2  sing N N 161 
ILE CB   HB   sing N N 162 
ILE CG1  CD1  sing N N 163 
ILE CG1  HG12 sing N N 164 
ILE CG1  HG13 sing N N 165 
ILE CG2  HG21 sing N N 166 
ILE CG2  HG22 sing N N 167 
ILE CG2  HG23 sing N N 168 
ILE CD1  HD11 sing N N 169 
ILE CD1  HD12 sing N N 170 
ILE CD1  HD13 sing N N 171 
ILE OXT  HXT  sing N N 172 
JHP CL15 C04  sing N N 173 
JHP C03  C04  doub Y N 174 
JHP C03  N02  sing Y N 175 
JHP C04  C05  sing Y N 176 
JHP N02  C01  sing N N 177 
JHP N02  N06  sing Y N 178 
JHP C05  N06  doub Y N 179 
JHP C05  C07  sing N N 180 
JHP N09  C07  sing N N 181 
JHP N09  C10  sing N N 182 
JHP C11  C10  sing N N 183 
JHP C11  C12  sing N N 184 
JHP C14  C10  sing N N 185 
JHP C14  C13  sing N N 186 
JHP C07  O08  doub N N 187 
JHP C12  C13  sing N N 188 
JHP C10  H101 sing N N 189 
JHP C13  H132 sing N N 190 
JHP C13  H131 sing N N 191 
JHP C01  H013 sing N N 192 
JHP C01  H011 sing N N 193 
JHP C01  H012 sing N N 194 
JHP C03  H031 sing N N 195 
JHP N09  H091 sing N N 196 
JHP C11  H112 sing N N 197 
JHP C11  H111 sing N N 198 
JHP C12  H121 sing N N 199 
JHP C12  H122 sing N N 200 
JHP C14  H141 sing N N 201 
JHP C14  H142 sing N N 202 
LEU N    CA   sing N N 203 
LEU N    H    sing N N 204 
LEU N    H2   sing N N 205 
LEU CA   C    sing N N 206 
LEU CA   CB   sing N N 207 
LEU CA   HA   sing N N 208 
LEU C    O    doub N N 209 
LEU C    OXT  sing N N 210 
LEU CB   CG   sing N N 211 
LEU CB   HB2  sing N N 212 
LEU CB   HB3  sing N N 213 
LEU CG   CD1  sing N N 214 
LEU CG   CD2  sing N N 215 
LEU CG   HG   sing N N 216 
LEU CD1  HD11 sing N N 217 
LEU CD1  HD12 sing N N 218 
LEU CD1  HD13 sing N N 219 
LEU CD2  HD21 sing N N 220 
LEU CD2  HD22 sing N N 221 
LEU CD2  HD23 sing N N 222 
LEU OXT  HXT  sing N N 223 
LYS N    CA   sing N N 224 
LYS N    H    sing N N 225 
LYS N    H2   sing N N 226 
LYS CA   C    sing N N 227 
LYS CA   CB   sing N N 228 
LYS CA   HA   sing N N 229 
LYS C    O    doub N N 230 
LYS C    OXT  sing N N 231 
LYS CB   CG   sing N N 232 
LYS CB   HB2  sing N N 233 
LYS CB   HB3  sing N N 234 
LYS CG   CD   sing N N 235 
LYS CG   HG2  sing N N 236 
LYS CG   HG3  sing N N 237 
LYS CD   CE   sing N N 238 
LYS CD   HD2  sing N N 239 
LYS CD   HD3  sing N N 240 
LYS CE   NZ   sing N N 241 
LYS CE   HE2  sing N N 242 
LYS CE   HE3  sing N N 243 
LYS NZ   HZ1  sing N N 244 
LYS NZ   HZ2  sing N N 245 
LYS NZ   HZ3  sing N N 246 
LYS OXT  HXT  sing N N 247 
MET N    CA   sing N N 248 
MET N    H    sing N N 249 
MET N    H2   sing N N 250 
MET CA   C    sing N N 251 
MET CA   CB   sing N N 252 
MET CA   HA   sing N N 253 
MET C    O    doub N N 254 
MET C    OXT  sing N N 255 
MET CB   CG   sing N N 256 
MET CB   HB2  sing N N 257 
MET CB   HB3  sing N N 258 
MET CG   SD   sing N N 259 
MET CG   HG2  sing N N 260 
MET CG   HG3  sing N N 261 
MET SD   CE   sing N N 262 
MET CE   HE1  sing N N 263 
MET CE   HE2  sing N N 264 
MET CE   HE3  sing N N 265 
MET OXT  HXT  sing N N 266 
PHE N    CA   sing N N 267 
PHE N    H    sing N N 268 
PHE N    H2   sing N N 269 
PHE CA   C    sing N N 270 
PHE CA   CB   sing N N 271 
PHE CA   HA   sing N N 272 
PHE C    O    doub N N 273 
PHE C    OXT  sing N N 274 
PHE CB   CG   sing N N 275 
PHE CB   HB2  sing N N 276 
PHE CB   HB3  sing N N 277 
PHE CG   CD1  doub Y N 278 
PHE CG   CD2  sing Y N 279 
PHE CD1  CE1  sing Y N 280 
PHE CD1  HD1  sing N N 281 
PHE CD2  CE2  doub Y N 282 
PHE CD2  HD2  sing N N 283 
PHE CE1  CZ   doub Y N 284 
PHE CE1  HE1  sing N N 285 
PHE CE2  CZ   sing Y N 286 
PHE CE2  HE2  sing N N 287 
PHE CZ   HZ   sing N N 288 
PHE OXT  HXT  sing N N 289 
PRO N    CA   sing N N 290 
PRO N    CD   sing N N 291 
PRO N    H    sing N N 292 
PRO CA   C    sing N N 293 
PRO CA   CB   sing N N 294 
PRO CA   HA   sing N N 295 
PRO C    O    doub N N 296 
PRO C    OXT  sing N N 297 
PRO CB   CG   sing N N 298 
PRO CB   HB2  sing N N 299 
PRO CB   HB3  sing N N 300 
PRO CG   CD   sing N N 301 
PRO CG   HG2  sing N N 302 
PRO CG   HG3  sing N N 303 
PRO CD   HD2  sing N N 304 
PRO CD   HD3  sing N N 305 
PRO OXT  HXT  sing N N 306 
SER N    CA   sing N N 307 
SER N    H    sing N N 308 
SER N    H2   sing N N 309 
SER CA   C    sing N N 310 
SER CA   CB   sing N N 311 
SER CA   HA   sing N N 312 
SER C    O    doub N N 313 
SER C    OXT  sing N N 314 
SER CB   OG   sing N N 315 
SER CB   HB2  sing N N 316 
SER CB   HB3  sing N N 317 
SER OG   HG   sing N N 318 
SER OXT  HXT  sing N N 319 
THR N    CA   sing N N 320 
THR N    H    sing N N 321 
THR N    H2   sing N N 322 
THR CA   C    sing N N 323 
THR CA   CB   sing N N 324 
THR CA   HA   sing N N 325 
THR C    O    doub N N 326 
THR C    OXT  sing N N 327 
THR CB   OG1  sing N N 328 
THR CB   CG2  sing N N 329 
THR CB   HB   sing N N 330 
THR OG1  HG1  sing N N 331 
THR CG2  HG21 sing N N 332 
THR CG2  HG22 sing N N 333 
THR CG2  HG23 sing N N 334 
THR OXT  HXT  sing N N 335 
TRP N    CA   sing N N 336 
TRP N    H    sing N N 337 
TRP N    H2   sing N N 338 
TRP CA   C    sing N N 339 
TRP CA   CB   sing N N 340 
TRP CA   HA   sing N N 341 
TRP C    O    doub N N 342 
TRP C    OXT  sing N N 343 
TRP CB   CG   sing N N 344 
TRP CB   HB2  sing N N 345 
TRP CB   HB3  sing N N 346 
TRP CG   CD1  doub Y N 347 
TRP CG   CD2  sing Y N 348 
TRP CD1  NE1  sing Y N 349 
TRP CD1  HD1  sing N N 350 
TRP CD2  CE2  doub Y N 351 
TRP CD2  CE3  sing Y N 352 
TRP NE1  CE2  sing Y N 353 
TRP NE1  HE1  sing N N 354 
TRP CE2  CZ2  sing Y N 355 
TRP CE3  CZ3  doub Y N 356 
TRP CE3  HE3  sing N N 357 
TRP CZ2  CH2  doub Y N 358 
TRP CZ2  HZ2  sing N N 359 
TRP CZ3  CH2  sing Y N 360 
TRP CZ3  HZ3  sing N N 361 
TRP CH2  HH2  sing N N 362 
TRP OXT  HXT  sing N N 363 
TYR N    CA   sing N N 364 
TYR N    H    sing N N 365 
TYR N    H2   sing N N 366 
TYR CA   C    sing N N 367 
TYR CA   CB   sing N N 368 
TYR CA   HA   sing N N 369 
TYR C    O    doub N N 370 
TYR C    OXT  sing N N 371 
TYR CB   CG   sing N N 372 
TYR CB   HB2  sing N N 373 
TYR CB   HB3  sing N N 374 
TYR CG   CD1  doub Y N 375 
TYR CG   CD2  sing Y N 376 
TYR CD1  CE1  sing Y N 377 
TYR CD1  HD1  sing N N 378 
TYR CD2  CE2  doub Y N 379 
TYR CD2  HD2  sing N N 380 
TYR CE1  CZ   doub Y N 381 
TYR CE1  HE1  sing N N 382 
TYR CE2  CZ   sing Y N 383 
TYR CE2  HE2  sing N N 384 
TYR CZ   OH   sing N N 385 
TYR OH   HH   sing N N 386 
TYR OXT  HXT  sing N N 387 
VAL N    CA   sing N N 388 
VAL N    H    sing N N 389 
VAL N    H2   sing N N 390 
VAL CA   C    sing N N 391 
VAL CA   CB   sing N N 392 
VAL CA   HA   sing N N 393 
VAL C    O    doub N N 394 
VAL C    OXT  sing N N 395 
VAL CB   CG1  sing N N 396 
VAL CB   CG2  sing N N 397 
VAL CB   HB   sing N N 398 
VAL CG1  HG11 sing N N 399 
VAL CG1  HG12 sing N N 400 
VAL CG1  HG13 sing N N 401 
VAL CG2  HG21 sing N N 402 
VAL CG2  HG22 sing N N 403 
VAL CG2  HG23 sing N N 404 
VAL OXT  HXT  sing N N 405 
# 
_pdbx_deposit_group.group_id            G_1002080 
_pdbx_deposit_group.group_description   
;Human Brachyury screened against the DSI-poised Fragment Library by X-ray Crystallography at the XChem facility of Diamond Light Source beamline I04-1
;
_pdbx_deposit_group.group_title         'PanDDA analysis group deposition' 
_pdbx_deposit_group.group_type          'changed state' 
# 
_pdbx_entity_instance_feature.ordinal        1 
_pdbx_entity_instance_feature.comp_id        JHP 
_pdbx_entity_instance_feature.asym_id        ? 
_pdbx_entity_instance_feature.seq_num        ? 
_pdbx_entity_instance_feature.auth_comp_id   JHP 
_pdbx_entity_instance_feature.auth_asym_id   ? 
_pdbx_entity_instance_feature.auth_seq_num   ? 
_pdbx_entity_instance_feature.feature_type   'SUBJECT OF INVESTIGATION' 
_pdbx_entity_instance_feature.details        ? 
# 
_atom_sites.entry_id                    5QRG 
_atom_sites.fract_transf_matrix[1][1]   -0.00293024 
_atom_sites.fract_transf_matrix[1][2]   0.01598173 
_atom_sites.fract_transf_matrix[1][3]   -0.00402393 
_atom_sites.fract_transf_matrix[2][1]   -0.01605775 
_atom_sites.fract_transf_matrix[2][2]   -0.00368846 
_atom_sites.fract_transf_matrix[2][3]   -0.00295603 
_atom_sites.fract_transf_matrix[3][1]   -0.00200793 
_atom_sites.fract_transf_matrix[3][2]   0.00180964 
_atom_sites.fract_transf_matrix[3][3]   0.00864947 
_atom_sites.fract_transf_vector[1]      0.344727 
_atom_sites.fract_transf_vector[2]      -0.018533 
_atom_sites.fract_transf_vector[3]      0.060597 
# 
loop_
_atom_type.symbol 
C  
CD 
CL 
N  
O  
S  
# 
loop_
_atom_site.group_PDB 
_atom_site.id 
_atom_site.type_symbol 
_atom_site.label_atom_id 
_atom_site.label_alt_id 
_atom_site.label_comp_id 
_atom_site.label_asym_id 
_atom_site.label_entity_id 
_atom_site.label_seq_id 
_atom_site.pdbx_PDB_ins_code 
_atom_site.Cartn_x 
_atom_site.Cartn_y 
_atom_site.Cartn_z 
_atom_site.occupancy 
_atom_site.B_iso_or_equiv 
_atom_site.pdbx_formal_charge 
_atom_site.auth_seq_id 
_atom_site.auth_comp_id 
_atom_site.auth_asym_id 
_atom_site.auth_atom_id 
_atom_site.pdbx_PDB_model_num 
ATOM   1    N  N    . GLU A 1 2   ? 8.163   22.626  5.678   1.00 80.28  ? 41  GLU A N    1 
ATOM   2    C  CA   . GLU A 1 2   ? 7.821   21.765  4.506   1.00 80.25  ? 41  GLU A CA   1 
ATOM   3    C  C    . GLU A 1 2   ? 7.644   20.320  5.020   1.00 71.79  ? 41  GLU A C    1 
ATOM   4    O  O    . GLU A 1 2   ? 8.612   19.742  5.566   1.00 67.40  ? 41  GLU A O    1 
ATOM   5    C  CB   . GLU A 1 2   ? 8.886   21.942  3.405   1.00 83.17  ? 41  GLU A CB   1 
ATOM   6    C  CG   . GLU A 1 2   ? 8.357   21.989  1.964   1.00 82.77  ? 41  GLU A CG   1 
ATOM   7    C  CD   . GLU A 1 2   ? 8.148   23.368  1.337   1.00 86.68  ? 41  GLU A CD   1 
ATOM   8    O  OE1  . GLU A 1 2   ? 8.689   23.633  0.230   1.00 78.50  ? 41  GLU A OE1  1 
ATOM   9    O  OE2  . GLU A 1 2   ? 7.417   24.171  1.937   1.00 89.17  ? 41  GLU A OE2  1 
ATOM   10   N  N    . LEU A 1 3   ? 6.426   19.783  4.886   1.00 65.06  ? 42  LEU A N    1 
ATOM   11   C  CA   . LEU A 1 3   ? 6.021   18.391  5.245   1.00 59.83  ? 42  LEU A CA   1 
ATOM   12   C  C    . LEU A 1 3   ? 6.757   17.364  4.369   1.00 56.87  ? 42  LEU A C    1 
ATOM   13   O  O    . LEU A 1 3   ? 6.538   17.393  3.170   1.00 51.90  ? 42  LEU A O    1 
ATOM   14   C  CB   . LEU A 1 3   ? 4.502   18.304  5.054   1.00 57.90  ? 42  LEU A CB   1 
ATOM   15   C  CG   . LEU A 1 3   ? 3.846   16.927  5.167   1.00 60.70  ? 42  LEU A CG   1 
ATOM   16   C  CD1  . LEU A 1 3   ? 4.537   16.044  6.198   1.00 63.32  ? 42  LEU A CD1  1 
ATOM   17   C  CD2  . LEU A 1 3   ? 2.368   17.086  5.507   1.00 63.46  ? 42  LEU A CD2  1 
ATOM   18   N  N    . ARG A 1 4   ? 7.567   16.478  4.962   1.00 50.64  ? 43  ARG A N    1 
ATOM   19   C  CA   . ARG A 1 4   ? 8.419   15.493  4.246   1.00 48.82  ? 43  ARG A CA   1 
ATOM   20   C  C    . ARG A 1 4   ? 7.922   14.065  4.557   1.00 50.49  ? 43  ARG A C    1 
ATOM   21   O  O    . ARG A 1 4   ? 7.788   13.722  5.754   1.00 47.65  ? 43  ARG A O    1 
ATOM   22   C  CB   . ARG A 1 4   ? 9.885   15.723  4.629   1.00 45.86  ? 43  ARG A CB   1 
ATOM   23   N  N    . VAL A 1 5   ? 7.628   13.275  3.515   1.00 47.70  ? 44  VAL A N    1 
ATOM   24   C  CA   . VAL A 1 5   ? 7.203   11.844  3.606   1.00 48.24  ? 44  VAL A CA   1 
ATOM   25   C  C    . VAL A 1 5   ? 8.239   10.948  2.913   1.00 49.31  ? 44  VAL A C    1 
ATOM   26   O  O    . VAL A 1 5   ? 8.442   11.136  1.703   1.00 49.75  ? 44  VAL A O    1 
ATOM   27   C  CB   . VAL A 1 5   ? 5.817   11.642  2.964   1.00 48.64  ? 44  VAL A CB   1 
ATOM   28   C  CG1  . VAL A 1 5   ? 5.444   10.165  2.926   1.00 47.54  ? 44  VAL A CG1  1 
ATOM   29   C  CG2  . VAL A 1 5   ? 4.745   12.463  3.663   1.00 45.49  ? 44  VAL A CG2  1 
ATOM   30   N  N    . GLY A 1 6   ? 8.797   9.959   3.625   1.00 49.15  ? 45  GLY A N    1 
ATOM   31   C  CA   . GLY A 1 6   ? 9.802   9.013   3.098   1.00 47.75  ? 45  GLY A CA   1 
ATOM   32   C  C    . GLY A 1 6   ? 9.479   7.555   3.399   1.00 48.57  ? 45  GLY A C    1 
ATOM   33   O  O    . GLY A 1 6   ? 8.820   7.272   4.421   1.00 48.72  ? 45  GLY A O    1 
ATOM   34   N  N    . LEU A 1 7   ? 9.975   6.642   2.556   1.00 45.81  ? 46  LEU A N    1 
ATOM   35   C  CA   . LEU A 1 7   ? 9.735   5.184   2.680   1.00 39.89  ? 46  LEU A CA   1 
ATOM   36   C  C    . LEU A 1 7   ? 10.804  4.574   3.583   1.00 41.35  ? 46  LEU A C    1 
ATOM   37   O  O    . LEU A 1 7   ? 11.987  4.671   3.226   1.00 48.61  ? 46  LEU A O    1 
ATOM   38   C  CB   . LEU A 1 7   ? 9.765   4.556   1.284   1.00 42.89  ? 46  LEU A CB   1 
ATOM   39   C  CG   . LEU A 1 7   ? 9.541   3.049   1.250   1.00 38.90  ? 46  LEU A CG   1 
ATOM   40   C  CD1  . LEU A 1 7   ? 8.207   2.687   1.859   1.00 39.43  ? 46  LEU A CD1  1 
ATOM   41   C  CD2  . LEU A 1 7   ? 9.640   2.526   -0.159  1.00 40.01  ? 46  LEU A CD2  1 
ATOM   42   N  N    . GLU A 1 8   ? 10.409  3.963   4.704   1.00 38.48  ? 47  GLU A N    1 
ATOM   43   C  CA   . GLU A 1 8   ? 11.344  3.234   5.595   1.00 42.60  ? 47  GLU A CA   1 
ATOM   44   C  C    . GLU A 1 8   ? 11.648  1.911   4.887   1.00 44.06  ? 47  GLU A C    1 
ATOM   45   O  O    . GLU A 1 8   ? 10.727  1.380   4.225   1.00 41.48  ? 47  GLU A O    1 
ATOM   46   C  CB   . GLU A 1 8   ? 10.770  3.109   7.018   1.00 46.48  ? 47  GLU A CB   1 
ATOM   47   C  CG   . GLU A 1 8   ? 11.678  2.366   8.004   1.00 54.50  ? 47  GLU A CG   1 
ATOM   48   C  CD   . GLU A 1 8   ? 12.878  3.137   8.547   1.00 60.36  ? 47  GLU A CD   1 
ATOM   49   O  OE1  . GLU A 1 8   ? 13.000  4.328   8.205   1.00 60.49  ? 47  GLU A OE1  1 
ATOM   50   O  OE2  . GLU A 1 8   ? 13.696  2.547   9.319   1.00 74.55  ? 47  GLU A OE2  1 
ATOM   51   N  N    . GLU A 1 9   ? 12.910  1.460   4.947   1.00 45.25  ? 48  GLU A N    1 
ATOM   52   C  CA   . GLU A 1 9   ? 13.406  0.199   4.328   1.00 48.07  ? 48  GLU A CA   1 
ATOM   53   C  C    . GLU A 1 9   ? 13.171  0.205   2.812   1.00 46.45  ? 48  GLU A C    1 
ATOM   54   O  O    . GLU A 1 9   ? 12.757  -0.853  2.268   1.00 44.70  ? 48  GLU A O    1 
ATOM   55   C  CB   . GLU A 1 9   ? 12.699  -1.016  4.931   1.00 47.12  ? 48  GLU A CB   1 
ATOM   56   C  CG   . GLU A 1 9   ? 12.790  -1.073  6.443   1.00 54.01  ? 48  GLU A CG   1 
ATOM   57   C  CD   . GLU A 1 9   ? 12.098  -2.258  7.099   1.00 57.48  ? 48  GLU A CD   1 
ATOM   58   O  OE1  . GLU A 1 9   ? 12.248  -3.391  6.594   1.00 65.52  ? 48  GLU A OE1  1 
ATOM   59   O  OE2  . GLU A 1 9   ? 11.413  -2.046  8.119   1.00 59.30  ? 48  GLU A OE2  1 
ATOM   60   N  N    . SER A 1 10  ? 13.470  1.298   2.111   1.00 43.99  ? 49  SER A N    1 
ATOM   61   C  CA   . SER A 1 10  ? 13.331  1.311   0.629   1.00 46.52  ? 49  SER A CA   1 
ATOM   62   C  C    . SER A 1 10  ? 14.263  0.256   0.008   1.00 41.73  ? 49  SER A C    1 
ATOM   63   O  O    . SER A 1 10  ? 13.874  -0.291  -1.028  1.00 48.32  ? 49  SER A O    1 
ATOM   64   C  CB   . SER A 1 10  ? 13.524  2.688   0.028   1.00 46.70  ? 49  SER A CB   1 
ATOM   65   O  OG   . SER A 1 10  ? 14.793  3.203   0.378   1.00 50.93  ? 49  SER A OG   1 
ATOM   66   N  N    . GLU A 1 11  ? 15.417  -0.051  0.620   1.00 43.26  ? 50  GLU A N    1 
ATOM   67   C  CA   . GLU A 1 11  ? 16.407  -1.030  0.073   1.00 51.27  ? 50  GLU A CA   1 
ATOM   68   C  C    . GLU A 1 11  ? 15.751  -2.421  -0.029  1.00 50.72  ? 50  GLU A C    1 
ATOM   69   O  O    . GLU A 1 11  ? 16.025  -3.123  -1.025  1.00 53.02  ? 50  GLU A O    1 
ATOM   70   C  CB   . GLU A 1 11  ? 17.707  -1.072  0.892   1.00 49.64  ? 50  GLU A CB   1 
ATOM   71   C  CG   . GLU A 1 11  ? 17.722  -2.070  2.047   1.00 59.80  ? 50  GLU A CG   1 
ATOM   72   C  CD   . GLU A 1 11  ? 18.218  -3.483  1.730   1.00 61.40  ? 50  GLU A CD   1 
ATOM   73   O  OE1  . GLU A 1 11  ? 17.806  -4.423  2.443   1.00 75.28  ? 50  GLU A OE1  1 
ATOM   74   O  OE2  . GLU A 1 11  ? 19.035  -3.650  0.792   1.00 61.30  ? 50  GLU A OE2  1 
ATOM   75   N  N    . LEU A 1 12  ? 14.915  -2.805  0.942   1.00 46.23  ? 51  LEU A N    1 
ATOM   76   C  CA   . LEU A 1 12  ? 14.207  -4.115  0.945   1.00 50.51  ? 51  LEU A CA   1 
ATOM   77   C  C    . LEU A 1 12  ? 13.134  -4.110  -0.145  1.00 46.32  ? 51  LEU A C    1 
ATOM   78   O  O    . LEU A 1 12  ? 13.055  -5.067  -0.927  1.00 45.80  ? 51  LEU A O    1 
ATOM   79   C  CB   . LEU A 1 12  ? 13.565  -4.370  2.313   1.00 51.21  ? 51  LEU A CB   1 
ATOM   80   C  CG   . LEU A 1 12  ? 12.864  -5.726  2.442   1.00 54.80  ? 51  LEU A CG   1 
ATOM   81   C  CD1  . LEU A 1 12  ? 13.774  -6.872  2.007   1.00 53.46  ? 51  LEU A CD1  1 
ATOM   82   C  CD2  . LEU A 1 12  ? 12.374  -5.951  3.856   1.00 55.41  ? 51  LEU A CD2  1 
ATOM   83   N  N    . TRP A 1 13  ? 12.318  -3.060  -0.168  1.00 43.81  ? 52  TRP A N    1 
ATOM   84   C  CA   . TRP A 1 13  ? 11.269  -2.868  -1.194  1.00 39.68  ? 52  TRP A CA   1 
ATOM   85   C  C    . TRP A 1 13  ? 11.891  -2.925  -2.596  1.00 40.02  ? 52  TRP A C    1 
ATOM   86   O  O    . TRP A 1 13  ? 11.242  -3.491  -3.478  1.00 41.74  ? 52  TRP A O    1 
ATOM   87   C  CB   . TRP A 1 13  ? 10.506  -1.565  -0.963  1.00 34.79  ? 52  TRP A CB   1 
ATOM   88   C  CG   . TRP A 1 13  ? 9.454   -1.640  0.098   1.00 31.25  ? 52  TRP A CG   1 
ATOM   89   C  CD1  . TRP A 1 13  ? 9.530   -1.118  1.353   1.00 30.55  ? 52  TRP A CD1  1 
ATOM   90   C  CD2  . TRP A 1 13  ? 8.141   -2.218  -0.019  1.00 30.54  ? 52  TRP A CD2  1 
ATOM   91   N  NE1  . TRP A 1 13  ? 8.371   -1.358  2.035   1.00 32.63  ? 52  TRP A NE1  1 
ATOM   92   C  CE2  . TRP A 1 13  ? 7.498   -2.025  1.223   1.00 29.99  ? 52  TRP A CE2  1 
ATOM   93   C  CE3  . TRP A 1 13  ? 7.468   -2.922  -1.024  1.00 28.15  ? 52  TRP A CE3  1 
ATOM   94   C  CZ2  . TRP A 1 13  ? 6.201   -2.465  1.464   1.00 32.82  ? 52  TRP A CZ2  1 
ATOM   95   C  CZ3  . TRP A 1 13  ? 6.174   -3.335  -0.799  1.00 31.33  ? 52  TRP A CZ3  1 
ATOM   96   C  CH2  . TRP A 1 13  ? 5.559   -3.132  0.440   1.00 34.97  ? 52  TRP A CH2  1 
ATOM   97   N  N    . LEU A 1 14  ? 13.086  -2.375  -2.803  1.00 42.31  ? 53  LEU A N    1 
ATOM   98   C  CA   . LEU A 1 14  ? 13.728  -2.348  -4.153  1.00 46.08  ? 53  LEU A CA   1 
ATOM   99   C  C    . LEU A 1 14  ? 14.091  -3.771  -4.621  1.00 48.13  ? 53  LEU A C    1 
ATOM   100  O  O    . LEU A 1 14  ? 13.909  -4.060  -5.850  1.00 43.86  ? 53  LEU A O    1 
ATOM   101  C  CB   . LEU A 1 14  ? 14.943  -1.412  -4.117  1.00 51.53  ? 53  LEU A CB   1 
ATOM   102  C  CG   . LEU A 1 14  ? 14.761  -0.005  -4.710  1.00 57.13  ? 53  LEU A CG   1 
ATOM   103  C  CD1  . LEU A 1 14  ? 13.305  0.352   -4.998  1.00 57.44  ? 53  LEU A CD1  1 
ATOM   104  C  CD2  . LEU A 1 14  ? 15.384  1.050   -3.808  1.00 57.70  ? 53  LEU A CD2  1 
ATOM   105  N  N    . ARG A 1 15  ? 14.513  -4.649  -3.695  1.00 47.52  ? 54  ARG A N    1 
ATOM   106  C  CA   . ARG A 1 15  ? 14.759  -6.090  -3.991  1.00 50.44  ? 54  ARG A CA   1 
ATOM   107  C  C    . ARG A 1 15  ? 13.479  -6.701  -4.582  1.00 45.16  ? 54  ARG A C    1 
ATOM   108  O  O    . ARG A 1 15  ? 13.578  -7.361  -5.621  1.00 48.91  ? 54  ARG A O    1 
ATOM   109  C  CB   . ARG A 1 15  ? 15.171  -6.886  -2.750  1.00 56.74  ? 54  ARG A CB   1 
ATOM   110  C  CG   . ARG A 1 15  ? 16.218  -6.214  -1.870  1.00 65.71  ? 54  ARG A CG   1 
ATOM   111  C  CD   . ARG A 1 15  ? 17.649  -6.555  -2.211  1.00 66.48  ? 54  ARG A CD   1 
ATOM   112  N  NE   . ARG A 1 15  ? 17.953  -7.933  -1.864  1.00 70.56  ? 54  ARG A NE   1 
ATOM   113  C  CZ   . ARG A 1 15  ? 18.244  -8.373  -0.644  1.00 72.43  ? 54  ARG A CZ   1 
ATOM   114  N  NH1  . ARG A 1 15  ? 18.267  -7.552  0.397   1.00 73.75  ? 54  ARG A NH1  1 
ATOM   115  N  NH2  . ARG A 1 15  ? 18.502  -9.655  -0.475  1.00 75.60  ? 54  ARG A NH2  1 
ATOM   116  N  N    . PHE A 1 16  ? 12.323  -6.489  -3.945  1.00 38.32  ? 55  PHE A N    1 
ATOM   117  C  CA   . PHE A 1 16  ? 11.002  -7.007  -4.400  1.00 37.26  ? 55  PHE A CA   1 
ATOM   118  C  C    . PHE A 1 16  ? 10.613  -6.382  -5.736  1.00 39.40  ? 55  PHE A C    1 
ATOM   119  O  O    . PHE A 1 16  ? 10.255  -7.133  -6.691  1.00 33.02  ? 55  PHE A O    1 
ATOM   120  C  CB   . PHE A 1 16  ? 9.922   -6.759  -3.350  1.00 38.42  ? 55  PHE A CB   1 
ATOM   121  C  CG   . PHE A 1 16  ? 10.045  -7.667  -2.163  1.00 37.49  ? 55  PHE A CG   1 
ATOM   122  C  CD1  . PHE A 1 16  ? 9.457   -8.918  -2.167  1.00 40.35  ? 55  PHE A CD1  1 
ATOM   123  C  CD2  . PHE A 1 16  ? 10.788  -7.291  -1.059  1.00 37.58  ? 55  PHE A CD2  1 
ATOM   124  C  CE1  . PHE A 1 16  ? 9.573   -9.759  -1.071  1.00 40.69  ? 55  PHE A CE1  1 
ATOM   125  C  CE2  . PHE A 1 16  ? 10.903  -8.133  0.037   1.00 36.27  ? 55  PHE A CE2  1 
ATOM   126  C  CZ   . PHE A 1 16  ? 10.305  -9.363  0.024   1.00 38.88  ? 55  PHE A CZ   1 
ATOM   127  N  N    . LYS A 1 17  ? 10.662  -5.046  -5.819  1.00 37.68  ? 56  LYS A N    1 
ATOM   128  C  CA   . LYS A 1 17  ? 10.271  -4.320  -7.058  1.00 40.53  ? 56  LYS A CA   1 
ATOM   129  C  C    . LYS A 1 17  ? 11.073  -4.876  -8.247  1.00 38.02  ? 56  LYS A C    1 
ATOM   130  O  O    . LYS A 1 17  ? 10.449  -5.075  -9.298  1.00 37.99  ? 56  LYS A O    1 
ATOM   131  C  CB   . LYS A 1 17  ? 10.419  -2.788  -6.966  1.00 40.90  ? 56  LYS A CB   1 
ATOM   132  C  CG   . LYS A 1 17  ? 10.155  -2.077  -8.289  1.00 43.50  ? 56  LYS A CG   1 
ATOM   133  C  CD   . LYS A 1 17  ? 9.411   -0.750  -8.271  1.00 50.11  ? 56  LYS A CD   1 
ATOM   134  C  CE   . LYS A 1 17  ? 8.871   -0.423  -9.651  1.00 54.29  ? 56  LYS A CE   1 
ATOM   135  N  NZ   . LYS A 1 17  ? 7.901   0.699   -9.646  1.00 65.03  ? 56  LYS A NZ   1 
ATOM   136  N  N    . GLU A 1 18  ? 12.378  -5.125  -8.122  1.00 44.05  ? 57  GLU A N    1 
ATOM   137  C  CA   . GLU A 1 18  ? 13.212  -5.502  -9.304  1.00 49.29  ? 57  GLU A CA   1 
ATOM   138  C  C    . GLU A 1 18  ? 12.851  -6.912  -9.804  1.00 47.80  ? 57  GLU A C    1 
ATOM   139  O  O    . GLU A 1 18  ? 13.214  -7.203  -10.949 1.00 55.33  ? 57  GLU A O    1 
ATOM   140  C  CB   . GLU A 1 18  ? 14.712  -5.305  -9.060  1.00 55.57  ? 57  GLU A CB   1 
ATOM   141  C  CG   . GLU A 1 18  ? 15.327  -6.203  -8.013  1.00 68.02  ? 57  GLU A CG   1 
ATOM   142  C  CD   . GLU A 1 18  ? 16.716  -5.775  -7.549  1.00 83.61  ? 57  GLU A CD   1 
ATOM   143  O  OE1  . GLU A 1 18  ? 17.058  -4.584  -7.729  1.00 92.27  ? 57  GLU A OE1  1 
ATOM   144  O  OE2  . GLU A 1 18  ? 17.457  -6.629  -6.990  1.00 81.96  ? 57  GLU A OE2  1 
ATOM   145  N  N    . LEU A 1 19  ? 12.076  -7.704  -9.050  1.00 48.14  ? 58  LEU A N    1 
ATOM   146  C  CA   . LEU A 1 19  ? 11.554  -9.049  -9.452  1.00 45.92  ? 58  LEU A CA   1 
ATOM   147  C  C    . LEU A 1 19  ? 10.083  -8.983  -9.870  1.00 40.83  ? 58  LEU A C    1 
ATOM   148  O  O    . LEU A 1 19  ? 9.535   -10.041 -10.270 1.00 41.41  ? 58  LEU A O    1 
ATOM   149  C  CB   . LEU A 1 19  ? 11.686  -10.009 -8.263  1.00 47.17  ? 58  LEU A CB   1 
ATOM   150  C  CG   . LEU A 1 19  ? 13.060  -10.055 -7.590  1.00 48.85  ? 58  LEU A CG   1 
ATOM   151  C  CD1  . LEU A 1 19  ? 13.009  -10.889 -6.310  1.00 51.77  ? 58  LEU A CD1  1 
ATOM   152  C  CD2  . LEU A 1 19  ? 14.119  -10.589 -8.534  1.00 46.91  ? 58  LEU A CD2  1 
ATOM   153  N  N    . THR A 1 20  ? 9.439   -7.821  -9.737  1.00 36.12  ? 59  THR A N    1 
ATOM   154  C  CA   . THR A 1 20  ? 7.958   -7.651  -9.809  1.00 34.11  ? 59  THR A CA   1 
ATOM   155  C  C    . THR A 1 20  ? 7.307   -8.234  -8.545  1.00 37.33  ? 59  THR A C    1 
ATOM   156  O  O    . THR A 1 20  ? 7.170   -9.503  -8.412  1.00 36.30  ? 59  THR A O    1 
ATOM   157  C  CB   . THR A 1 20  ? 7.357   -8.281  -11.068 1.00 35.69  ? 59  THR A CB   1 
ATOM   158  O  OG1  . THR A 1 20  ? 8.059   -7.808  -12.209 1.00 39.75  ? 59  THR A OG1  1 
ATOM   159  C  CG2  . THR A 1 20  ? 5.878   -8.012  -11.218 1.00 35.98  ? 59  THR A CG2  1 
ATOM   160  N  N    . ASN A 1 21  ? 6.900   -7.347  -7.638  1.00 33.88  ? 60  ASN A N    1 
ATOM   161  C  CA   . ASN A 1 21  ? 6.408   -7.716  -6.295  1.00 34.77  ? 60  ASN A CA   1 
ATOM   162  C  C    . ASN A 1 21  ? 5.007   -8.313  -6.468  1.00 34.29  ? 60  ASN A C    1 
ATOM   163  O  O    . ASN A 1 21  ? 4.288   -7.921  -7.405  1.00 32.97  ? 60  ASN A O    1 
ATOM   164  C  CB   . ASN A 1 21  ? 6.512   -6.516  -5.337  1.00 33.35  ? 60  ASN A CB   1 
ATOM   165  C  CG   . ASN A 1 21  ? 6.413   -6.894  -3.872  1.00 39.25  ? 60  ASN A CG   1 
ATOM   166  O  OD1  . ASN A 1 21  ? 6.280   -8.077  -3.526  1.00 39.96  ? 60  ASN A OD1  1 
ATOM   167  N  ND2  . ASN A 1 21  ? 6.524   -5.902  -2.999  1.00 37.43  ? 60  ASN A ND2  1 
ATOM   168  N  N    . GLU A 1 22  ? 4.622   -9.247  -5.595  1.00 35.22  ? 61  GLU A N    1 
ATOM   169  C  CA   . GLU A 1 22  ? 3.244   -9.813  -5.565  1.00 33.57  ? 61  GLU A CA   1 
ATOM   170  C  C    . GLU A 1 22  ? 2.731   -9.743  -4.140  1.00 33.34  ? 61  GLU A C    1 
ATOM   171  O  O    . GLU A 1 22  ? 3.554   -9.942  -3.230  1.00 37.35  ? 61  GLU A O    1 
ATOM   172  C  CB   . GLU A 1 22  ? 3.229   -11.280 -6.022  1.00 36.05  ? 61  GLU A CB   1 
ATOM   173  C  CG   . GLU A 1 22  ? 3.969   -11.528 -7.317  1.00 32.86  ? 61  GLU A CG   1 
ATOM   174  C  CD   . GLU A 1 22  ? 4.137   -12.973 -7.771  1.00 34.31  ? 61  GLU A CD   1 
ATOM   175  O  OE1  . GLU A 1 22  ? 5.081   -13.241 -8.546  1.00 33.69  ? 61  GLU A OE1  1 
ATOM   176  O  OE2  . GLU A 1 22  ? 3.338   -13.819 -7.357  1.00 36.41  ? 61  GLU A OE2  1 
ATOM   177  N  N    . MET A 1 23  ? 1.433   -9.517  -3.959  1.00 31.07  ? 62  MET A N    1 
ATOM   178  C  CA   . MET A 1 23  ? 0.791   -9.525  -2.633  1.00 33.57  ? 62  MET A CA   1 
ATOM   179  C  C    . MET A 1 23  ? -0.390  -10.461 -2.743  1.00 35.25  ? 62  MET A C    1 
ATOM   180  O  O    . MET A 1 23  ? -1.130  -10.368 -3.765  1.00 32.42  ? 62  MET A O    1 
ATOM   181  C  CB   . MET A 1 23  ? 0.290   -8.152  -2.160  1.00 33.60  ? 62  MET A CB   1 
ATOM   182  C  CG   . MET A 1 23  ? 1.417   -7.185  -1.884  1.00 37.86  ? 62  MET A CG   1 
ATOM   183  S  SD   . MET A 1 23  ? 2.282   -7.579  -0.334  1.00 35.73  ? 62  MET A SD   1 
ATOM   184  C  CE   . MET A 1 23  ? 3.717   -6.527  -0.497  1.00 32.29  ? 62  MET A CE   1 
ATOM   185  N  N    . ILE A 1 24  ? -0.490  -11.367 -1.771  1.00 34.81  ? 63  ILE A N    1 
ATOM   186  C  CA   . ILE A 1 24  ? -1.600  -12.341 -1.690  1.00 36.65  ? 63  ILE A CA   1 
ATOM   187  C  C    . ILE A 1 24  ? -2.835  -11.574 -1.257  1.00 37.34  ? 63  ILE A C    1 
ATOM   188  O  O    . ILE A 1 24  ? -2.745  -10.787 -0.272  1.00 35.28  ? 63  ILE A O    1 
ATOM   189  C  CB   . ILE A 1 24  ? -1.347  -13.470 -0.679  1.00 42.51  ? 63  ILE A CB   1 
ATOM   190  C  CG1  . ILE A 1 24  ? -0.011  -14.171 -0.902  1.00 44.13  ? 63  ILE A CG1  1 
ATOM   191  C  CG2  . ILE A 1 24  ? -2.532  -14.430 -0.733  1.00 44.97  ? 63  ILE A CG2  1 
ATOM   192  C  CD1  . ILE A 1 24  ? -0.018  -15.106 -2.064  1.00 43.49  ? 63  ILE A CD1  1 
ATOM   193  N  N    . VAL A 1 25  ? -3.943  -11.882 -1.918  1.00 36.87  ? 64  VAL A N    1 
ATOM   194  C  CA   . VAL A 1 25  ? -5.313  -11.475 -1.520  1.00 39.34  ? 64  VAL A CA   1 
ATOM   195  C  C    . VAL A 1 25  ? -6.143  -12.748 -1.290  1.00 41.70  ? 64  VAL A C    1 
ATOM   196  O  O    . VAL A 1 25  ? -5.909  -13.738 -1.981  1.00 42.38  ? 64  VAL A O    1 
ATOM   197  C  CB   . VAL A 1 25  ? -5.887  -10.556 -2.604  1.00 38.92  ? 64  VAL A CB   1 
ATOM   198  C  CG1  . VAL A 1 25  ? -4.910  -9.424  -2.887  1.00 38.11  ? 64  VAL A CG1  1 
ATOM   199  C  CG2  . VAL A 1 25  ? -6.211  -11.325 -3.868  1.00 38.36  ? 64  VAL A CG2  1 
ATOM   200  N  N    . THR A 1 26  ? -7.016  -12.748 -0.288  1.00 42.67  ? 65  THR A N    1 
ATOM   201  C  CA   . THR A 1 26  ? -7.759  -13.954 0.181   1.00 48.47  ? 65  THR A CA   1 
ATOM   202  C  C    . THR A 1 26  ? -9.193  -13.502 0.442   1.00 56.66  ? 65  THR A C    1 
ATOM   203  O  O    . THR A 1 26  ? -9.408  -12.258 0.511   1.00 52.49  ? 65  THR A O    1 
ATOM   204  C  CB   . THR A 1 26  ? -7.162  -14.570 1.460   1.00 41.99  ? 65  THR A CB   1 
ATOM   205  O  OG1  . THR A 1 26  ? -7.307  -13.590 2.485   1.00 42.03  ? 65  THR A OG1  1 
ATOM   206  C  CG2  . THR A 1 26  ? -5.708  -14.971 1.364   1.00 42.17  ? 65  THR A CG2  1 
ATOM   207  N  N    . LYS A 1 27  ? -10.130 -14.438 0.607   1.00 59.48  ? 66  LYS A N    1 
ATOM   208  C  CA   . LYS A 1 27  ? -11.551 -14.084 0.871   1.00 61.42  ? 66  LYS A CA   1 
ATOM   209  C  C    . LYS A 1 27  ? -11.622 -13.241 2.146   1.00 53.91  ? 66  LYS A C    1 
ATOM   210  O  O    . LYS A 1 27  ? -12.348 -12.232 2.140   1.00 53.86  ? 66  LYS A O    1 
ATOM   211  C  CB   . LYS A 1 27  ? -12.439 -15.325 0.995   1.00 69.34  ? 66  LYS A CB   1 
ATOM   212  C  CG   . LYS A 1 27  ? -13.862 -15.014 1.439   1.00 74.58  ? 66  LYS A CG   1 
ATOM   213  C  CD   . LYS A 1 27  ? -14.876 -16.088 1.112   1.00 83.57  ? 66  LYS A CD   1 
ATOM   214  C  CE   . LYS A 1 27  ? -16.302 -15.606 1.310   1.00 90.70  ? 66  LYS A CE   1 
ATOM   215  N  NZ   . LYS A 1 27  ? -16.639 -15.447 2.745   1.00 95.07  ? 66  LYS A NZ   1 
ATOM   216  N  N    . ASN A 1 28  ? -10.892 -13.640 3.192   1.00 55.27  ? 67  ASN A N    1 
ATOM   217  C  CA   . ASN A 1 28  ? -10.964 -13.017 4.543   1.00 59.13  ? 67  ASN A CA   1 
ATOM   218  C  C    . ASN A 1 28  ? -9.885  -11.939 4.698   1.00 59.96  ? 67  ASN A C    1 
ATOM   219  O  O    . ASN A 1 28  ? -9.954  -11.137 5.670   1.00 53.27  ? 67  ASN A O    1 
ATOM   220  C  CB   . ASN A 1 28  ? -10.879 -14.065 5.654   1.00 63.44  ? 67  ASN A CB   1 
ATOM   221  C  CG   . ASN A 1 28  ? -12.250 -14.428 6.181   1.00 70.57  ? 67  ASN A CG   1 
ATOM   222  O  OD1  . ASN A 1 28  ? -13.129 -14.828 5.414   1.00 65.01  ? 67  ASN A OD1  1 
ATOM   223  N  ND2  . ASN A 1 28  ? -12.441 -14.277 7.484   1.00 78.04  ? 67  ASN A ND2  1 
ATOM   224  N  N    . GLY A 1 29  ? -8.925  -11.897 3.776   1.00 57.34  ? 68  GLY A N    1 
ATOM   225  C  CA   . GLY A 1 29  ? -7.952  -10.792 3.708   1.00 48.75  ? 68  GLY A CA   1 
ATOM   226  C  C    . GLY A 1 29  ? -6.659  -11.209 4.355   1.00 47.28  ? 68  GLY A C    1 
ATOM   227  O  O    . GLY A 1 29  ? -6.731  -11.916 5.389   1.00 48.38  ? 68  GLY A O    1 
ATOM   228  N  N    . ARG A 1 30  ? -5.549  -10.824 3.726   1.00 39.22  ? 69  ARG A N    1 
ATOM   229  C  CA   . ARG A 1 30  ? -4.162  -11.206 4.060   1.00 40.49  ? 69  ARG A CA   1 
ATOM   230  C  C    . ARG A 1 30  ? -3.370  -9.926  4.302   1.00 40.83  ? 69  ARG A C    1 
ATOM   231  O  O    . ARG A 1 30  ? -3.497  -8.970  3.494   1.00 37.45  ? 69  ARG A O    1 
ATOM   232  C  CB   . ARG A 1 30  ? -3.561  -12.018 2.907   1.00 41.43  ? 69  ARG A CB   1 
ATOM   233  C  CG   . ARG A 1 30  ? -2.126  -12.465 3.117   1.00 43.81  ? 69  ARG A CG   1 
ATOM   234  C  CD   . ARG A 1 30  ? -2.003  -13.527 4.202   1.00 50.24  ? 69  ARG A CD   1 
ATOM   235  N  NE   . ARG A 1 30  ? -2.647  -14.792 3.855   1.00 54.50  ? 69  ARG A NE   1 
ATOM   236  C  CZ   . ARG A 1 30  ? -2.103  -15.751 3.098   1.00 56.93  ? 69  ARG A CZ   1 
ATOM   237  N  NH1  . ARG A 1 30  ? -2.783  -16.862 2.857   1.00 59.33  ? 69  ARG A NH1  1 
ATOM   238  N  NH2  . ARG A 1 30  ? -0.896  -15.604 2.573   1.00 53.66  ? 69  ARG A NH2  1 
ATOM   239  N  N    . ARG A 1 31  ? -2.566  -9.921  5.360   1.00 39.01  ? 70  ARG A N    1 
ATOM   240  C  CA   . ARG A 1 31  ? -1.660  -8.800  5.672   1.00 41.11  ? 70  ARG A CA   1 
ATOM   241  C  C    . ARG A 1 31  ? -0.507  -8.807  4.670   1.00 37.13  ? 70  ARG A C    1 
ATOM   242  O  O    . ARG A 1 31  ? -0.184  -9.875  4.114   1.00 36.52  ? 70  ARG A O    1 
ATOM   243  C  CB   . ARG A 1 31  ? -1.195  -8.856  7.129   1.00 42.95  ? 70  ARG A CB   1 
ATOM   244  C  CG   . ARG A 1 31  ? -2.144  -8.102  8.048   1.00 49.13  ? 70  ARG A CG   1 
ATOM   245  C  CD   . ARG A 1 31  ? -2.503  -8.856  9.307   1.00 59.86  ? 70  ARG A CD   1 
ATOM   246  N  NE   . ARG A 1 31  ? -1.597  -8.628  10.418  1.00 67.75  ? 70  ARG A NE   1 
ATOM   247  C  CZ   . ARG A 1 31  ? -1.499  -9.423  11.489  1.00 80.44  ? 70  ARG A CZ   1 
ATOM   248  N  NH1  . ARG A 1 31  ? -2.234  -10.525 11.582  1.00 87.55  ? 70  ARG A NH1  1 
ATOM   249  N  NH2  . ARG A 1 31  ? -0.658  -9.114  12.463  1.00 74.49  ? 70  ARG A NH2  1 
ATOM   250  N  N    . MET A 1 32  ? 0.095   -7.635  4.514   1.00 35.57  ? 71  MET A N    1 
ATOM   251  C  CA   . MET A 1 32  ? 1.166   -7.335  3.539   1.00 35.57  ? 71  MET A CA   1 
ATOM   252  C  C    . MET A 1 32  ? 2.525   -7.666  4.156   1.00 35.67  ? 71  MET A C    1 
ATOM   253  O  O    . MET A 1 32  ? 2.782   -7.348  5.349   1.00 37.15  ? 71  MET A O    1 
ATOM   254  C  CB   . MET A 1 32  ? 1.162   -5.837  3.194   1.00 34.78  ? 71  MET A CB   1 
ATOM   255  C  CG   . MET A 1 32  ? -0.075  -5.367  2.481   1.00 33.78  ? 71  MET A CG   1 
ATOM   256  S  SD   . MET A 1 32  ? -0.038  -3.584  2.067   1.00 34.18  ? 71  MET A SD   1 
ATOM   257  C  CE   . MET A 1 32  ? 1.436   -3.421  1.065   1.00 34.43  ? 71  MET A CE   1 
ATOM   258  N  N    . PHE A 1 33  ? 3.405   -8.204  3.333   1.00 33.84  ? 72  PHE A N    1 
ATOM   259  C  CA   . PHE A 1 33  ? 4.853   -8.264  3.606   1.00 35.72  ? 72  PHE A CA   1 
ATOM   260  C  C    . PHE A 1 33  ? 5.529   -7.968  2.284   1.00 35.19  ? 72  PHE A C    1 
ATOM   261  O  O    . PHE A 1 33  ? 5.245   -8.634  1.288   1.00 35.41  ? 72  PHE A O    1 
ATOM   262  C  CB   . PHE A 1 33  ? 5.325   -9.627  4.144   1.00 36.62  ? 72  PHE A CB   1 
ATOM   263  C  CG   . PHE A 1 33  ? 6.802   -9.571  4.468   1.00 37.09  ? 72  PHE A CG   1 
ATOM   264  C  CD1  . PHE A 1 33  ? 7.235   -8.981  5.655   1.00 38.64  ? 72  PHE A CD1  1 
ATOM   265  C  CD2  . PHE A 1 33  ? 7.752   -9.936  3.530   1.00 40.34  ? 72  PHE A CD2  1 
ATOM   266  C  CE1  . PHE A 1 33  ? 8.591   -8.836  5.928   1.00 39.77  ? 72  PHE A CE1  1 
ATOM   267  C  CE2  . PHE A 1 33  ? 9.114   -9.807  3.806   1.00 43.58  ? 72  PHE A CE2  1 
ATOM   268  C  CZ   . PHE A 1 33  ? 9.528   -9.265  5.009   1.00 43.04  ? 72  PHE A CZ   1 
ATOM   269  N  N    . PRO A 1 34  ? 6.477   -7.021  2.228   1.00 37.98  ? 73  PRO A N    1 
ATOM   270  C  CA   . PRO A 1 34  ? 6.800   -6.149  3.359   1.00 39.04  ? 73  PRO A CA   1 
ATOM   271  C  C    . PRO A 1 34  ? 5.651   -5.208  3.753   1.00 35.33  ? 73  PRO A C    1 
ATOM   272  O  O    . PRO A 1 34  ? 4.721   -5.014  3.000   1.00 34.65  ? 73  PRO A O    1 
ATOM   273  C  CB   . PRO A 1 34  ? 8.001   -5.336  2.870   1.00 42.53  ? 73  PRO A CB   1 
ATOM   274  C  CG   . PRO A 1 34  ? 8.539   -6.114  1.688   1.00 39.00  ? 73  PRO A CG   1 
ATOM   275  C  CD   . PRO A 1 34  ? 7.356   -6.815  1.077   1.00 37.12  ? 73  PRO A CD   1 
ATOM   276  N  N    . VAL A 1 35  ? 5.711   -4.708  4.981   1.00 35.75  ? 74  VAL A N    1 
ATOM   277  C  CA   . VAL A 1 35  ? 4.745   -3.722  5.518   1.00 33.33  ? 74  VAL A CA   1 
ATOM   278  C  C    . VAL A 1 35  ? 5.172   -2.338  5.020   1.00 32.79  ? 74  VAL A C    1 
ATOM   279  O  O    . VAL A 1 35  ? 6.398   -2.045  5.061   1.00 29.81  ? 74  VAL A O    1 
ATOM   280  C  CB   . VAL A 1 35  ? 4.708   -3.799  7.053   1.00 36.88  ? 74  VAL A CB   1 
ATOM   281  C  CG1  . VAL A 1 35  ? 3.944   -2.638  7.655   1.00 39.05  ? 74  VAL A CG1  1 
ATOM   282  C  CG2  . VAL A 1 35  ? 4.129   -5.134  7.521   1.00 43.00  ? 74  VAL A CG2  1 
ATOM   283  N  N    . LEU A 1 36  ? 4.217   -1.532  4.566   1.00 34.13  ? 75  LEU A N    1 
ATOM   284  C  CA   . LEU A 1 36  ? 4.454   -0.090  4.264   1.00 34.77  ? 75  LEU A CA   1 
ATOM   285  C  C    . LEU A 1 36  ? 4.742   0.670   5.568   1.00 36.01  ? 75  LEU A C    1 
ATOM   286  O  O    . LEU A 1 36  ? 3.833   0.790   6.438   1.00 34.08  ? 75  LEU A O    1 
ATOM   287  C  CB   . LEU A 1 36  ? 3.243   0.501   3.552   1.00 34.91  ? 75  LEU A CB   1 
ATOM   288  C  CG   . LEU A 1 36  ? 3.369   1.976   3.155   1.00 38.52  ? 75  LEU A CG   1 
ATOM   289  C  CD1  . LEU A 1 36  ? 4.467   2.183   2.123   1.00 40.19  ? 75  LEU A CD1  1 
ATOM   290  C  CD2  . LEU A 1 36  ? 2.047   2.490   2.619   1.00 42.13  ? 75  LEU A CD2  1 
ATOM   291  N  N    . LYS A 1 37  ? 5.963   1.174   5.706   1.00 35.55  ? 76  LYS A N    1 
ATOM   292  C  CA   . LYS A 1 37  ? 6.390   2.003   6.868   1.00 39.15  ? 76  LYS A CA   1 
ATOM   293  C  C    . LYS A 1 37  ? 6.869   3.346   6.325   1.00 38.17  ? 76  LYS A C    1 
ATOM   294  O  O    . LYS A 1 37  ? 7.706   3.332   5.379   1.00 38.95  ? 76  LYS A O    1 
ATOM   295  C  CB   . LYS A 1 37  ? 7.483   1.297   7.671   1.00 39.45  ? 76  LYS A CB   1 
ATOM   296  C  CG   . LYS A 1 37  ? 6.995   0.025   8.336   1.00 43.53  ? 76  LYS A CG   1 
ATOM   297  C  CD   . LYS A 1 37  ? 8.067   -0.806  8.949   1.00 48.01  ? 76  LYS A CD   1 
ATOM   298  C  CE   . LYS A 1 37  ? 7.501   -2.104  9.476   1.00 54.06  ? 76  LYS A CE   1 
ATOM   299  N  NZ   . LYS A 1 37  ? 8.584   -2.993  9.958   1.00 64.40  ? 76  LYS A NZ   1 
ATOM   300  N  N    . VAL A 1 38  ? 6.355   4.446   6.870   1.00 38.62  ? 77  VAL A N    1 
ATOM   301  C  CA   . VAL A 1 38  ? 6.611   5.808   6.314   1.00 44.04  ? 77  VAL A CA   1 
ATOM   302  C  C    . VAL A 1 38  ? 7.214   6.688   7.409   1.00 43.95  ? 77  VAL A C    1 
ATOM   303  O  O    . VAL A 1 38  ? 6.654   6.727   8.520   1.00 41.79  ? 77  VAL A O    1 
ATOM   304  C  CB   . VAL A 1 38  ? 5.339   6.421   5.710   1.00 49.50  ? 77  VAL A CB   1 
ATOM   305  C  CG1  . VAL A 1 38  ? 4.698   5.487   4.695   1.00 53.26  ? 77  VAL A CG1  1 
ATOM   306  C  CG2  . VAL A 1 38  ? 4.334   6.775   6.776   1.00 55.39  ? 77  VAL A CG2  1 
ATOM   307  N  N    . ASN A 1 39  ? 8.338   7.330   7.092   1.00 42.78  ? 78  ASN A N    1 
ATOM   308  C  CA   . ASN A 1 39  ? 8.992   8.383   7.901   1.00 41.85  ? 78  ASN A CA   1 
ATOM   309  C  C    . ASN A 1 39  ? 8.323   9.709   7.537   1.00 39.51  ? 78  ASN A C    1 
ATOM   310  O  O    . ASN A 1 39  ? 8.205   9.999   6.344   1.00 38.33  ? 78  ASN A O    1 
ATOM   311  C  CB   . ASN A 1 39  ? 10.506  8.392   7.660   1.00 46.80  ? 78  ASN A CB   1 
ATOM   312  C  CG   . ASN A 1 39  ? 11.131  7.056   7.995   1.00 51.73  ? 78  ASN A CG   1 
ATOM   313  O  OD1  . ASN A 1 39  ? 11.022  6.573   9.121   1.00 53.35  ? 78  ASN A OD1  1 
ATOM   314  N  ND2  . ASN A 1 39  ? 11.755  6.427   7.015   1.00 56.38  ? 78  ASN A ND2  1 
ATOM   315  N  N    . VAL A 1 40  ? 7.865   10.464  8.528   1.00 40.36  ? 79  VAL A N    1 
ATOM   316  C  CA   . VAL A 1 40  ? 7.144   11.753  8.314   1.00 41.90  ? 79  VAL A CA   1 
ATOM   317  C  C    . VAL A 1 40  ? 7.806   12.790  9.208   1.00 43.91  ? 79  VAL A C    1 
ATOM   318  O  O    . VAL A 1 40  ? 8.042   12.469  10.386  1.00 43.00  ? 79  VAL A O    1 
ATOM   319  C  CB   . VAL A 1 40  ? 5.647   11.637  8.639   1.00 44.32  ? 79  VAL A CB   1 
ATOM   320  C  CG1  . VAL A 1 40  ? 4.976   12.998  8.690   1.00 48.76  ? 79  VAL A CG1  1 
ATOM   321  C  CG2  . VAL A 1 40  ? 4.947   10.735  7.634   1.00 45.70  ? 79  VAL A CG2  1 
ATOM   322  N  N    . SER A 1 41  ? 8.122   13.955  8.644   1.00 43.54  ? 80  SER A N    1 
ATOM   323  C  CA   . SER A 1 41  ? 8.610   15.144  9.388   1.00 44.59  ? 80  SER A CA   1 
ATOM   324  C  C    . SER A 1 41  ? 7.969   16.388  8.773   1.00 41.17  ? 80  SER A C    1 
ATOM   325  O  O    . SER A 1 41  ? 7.408   16.277  7.675   1.00 50.91  ? 80  SER A O    1 
ATOM   326  C  CB   . SER A 1 41  ? 10.121  15.191  9.417   1.00 45.31  ? 80  SER A CB   1 
ATOM   327  O  OG   . SER A 1 41  ? 10.669  15.418  8.137   1.00 47.21  ? 80  SER A OG   1 
ATOM   328  N  N    . GLY A 1 42  ? 7.963   17.504  9.493   1.00 45.69  ? 81  GLY A N    1 
ATOM   329  C  CA   . GLY A 1 42  ? 7.389   18.781  9.020   1.00 39.07  ? 81  GLY A CA   1 
ATOM   330  C  C    . GLY A 1 42  ? 5.935   18.935  9.403   1.00 41.18  ? 81  GLY A C    1 
ATOM   331  O  O    . GLY A 1 42  ? 5.322   19.902  8.942   1.00 45.71  ? 81  GLY A O    1 
ATOM   332  N  N    . LEU A 1 43  ? 5.374   18.011  10.193  1.00 43.86  ? 82  LEU A N    1 
ATOM   333  C  CA   . LEU A 1 43  ? 4.005   18.175  10.747  1.00 45.54  ? 82  LEU A CA   1 
ATOM   334  C  C    . LEU A 1 43  ? 4.060   19.180  11.910  1.00 45.84  ? 82  LEU A C    1 
ATOM   335  O  O    . LEU A 1 43  ? 5.138   19.361  12.493  1.00 50.37  ? 82  LEU A O    1 
ATOM   336  C  CB   . LEU A 1 43  ? 3.467   16.822  11.232  1.00 49.11  ? 82  LEU A CB   1 
ATOM   337  C  CG   . LEU A 1 43  ? 3.223   15.765  10.157  1.00 48.86  ? 82  LEU A CG   1 
ATOM   338  C  CD1  . LEU A 1 43  ? 2.856   14.430  10.799  1.00 51.13  ? 82  LEU A CD1  1 
ATOM   339  C  CD2  . LEU A 1 43  ? 2.125   16.209  9.215   1.00 48.56  ? 82  LEU A CD2  1 
ATOM   340  N  N    . ASP A 1 44  ? 2.926   19.804  12.230  1.00 47.45  ? 83  ASP A N    1 
ATOM   341  C  CA   . ASP A 1 44  ? 2.728   20.588  13.478  1.00 47.68  ? 83  ASP A CA   1 
ATOM   342  C  C    . ASP A 1 44  ? 2.562   19.592  14.623  1.00 47.26  ? 83  ASP A C    1 
ATOM   343  O  O    . ASP A 1 44  ? 1.585   18.854  14.671  1.00 47.98  ? 83  ASP A O    1 
ATOM   344  C  CB   . ASP A 1 44  ? 1.548   21.544  13.315  1.00 49.93  ? 83  ASP A CB   1 
ATOM   345  C  CG   . ASP A 1 44  ? 1.414   22.545  14.449  1.00 49.50  ? 83  ASP A CG   1 
ATOM   346  O  OD1  . ASP A 1 44  ? 1.806   22.204  15.593  1.00 50.22  ? 83  ASP A OD1  1 
ATOM   347  O  OD2  . ASP A 1 44  ? 0.903   23.638  14.174  1.00 50.57  ? 83  ASP A OD2  1 
ATOM   348  N  N    . PRO A 1 45  ? 3.534   19.488  15.552  1.00 51.75  ? 84  PRO A N    1 
ATOM   349  C  CA   . PRO A 1 45  ? 3.473   18.500  16.625  1.00 48.62  ? 84  PRO A CA   1 
ATOM   350  C  C    . PRO A 1 45  ? 2.135   18.471  17.370  1.00 51.27  ? 84  PRO A C    1 
ATOM   351  O  O    . PRO A 1 45  ? 1.799   17.441  17.940  1.00 49.06  ? 84  PRO A O    1 
ATOM   352  C  CB   . PRO A 1 45  ? 4.577   18.966  17.586  1.00 52.21  ? 84  PRO A CB   1 
ATOM   353  C  CG   . PRO A 1 45  ? 5.589   19.624  16.686  1.00 50.36  ? 84  PRO A CG   1 
ATOM   354  C  CD   . PRO A 1 45  ? 4.761   20.302  15.614  1.00 56.52  ? 84  PRO A CD   1 
ATOM   355  N  N    . ASN A 1 46  ? 1.420   19.596  17.356  1.00 52.12  ? 85  ASN A N    1 
ATOM   356  C  CA   . ASN A 1 46  ? 0.213   19.827  18.192  1.00 50.17  ? 85  ASN A CA   1 
ATOM   357  C  C    . ASN A 1 46  ? -1.049  19.761  17.348  1.00 48.30  ? 85  ASN A C    1 
ATOM   358  O  O    . ASN A 1 46  ? -2.137  19.693  17.950  1.00 46.16  ? 85  ASN A O    1 
ATOM   359  C  CB   . ASN A 1 46  ? 0.317   21.160  18.934  1.00 53.22  ? 85  ASN A CB   1 
ATOM   360  C  CG   . ASN A 1 46  ? 1.364   21.050  20.015  1.00 53.23  ? 85  ASN A CG   1 
ATOM   361  O  OD1  . ASN A 1 46  ? 1.174   20.310  20.978  1.00 56.09  ? 85  ASN A OD1  1 
ATOM   362  N  ND2  . ASN A 1 46  ? 2.482   21.733  19.835  1.00 55.71  ? 85  ASN A ND2  1 
ATOM   363  N  N    . ALA A 1 47  ? -0.920  19.781  16.019  1.00 46.05  ? 86  ALA A N    1 
ATOM   364  C  CA   . ALA A 1 47  ? -2.064  19.613  15.103  1.00 41.54  ? 86  ALA A CA   1 
ATOM   365  C  C    . ALA A 1 47  ? -2.477  18.143  15.115  1.00 43.19  ? 86  ALA A C    1 
ATOM   366  O  O    . ALA A 1 47  ? -1.702  17.272  15.562  1.00 41.14  ? 86  ALA A O    1 
ATOM   367  C  CB   . ALA A 1 47  ? -1.740  20.076  13.702  1.00 47.85  ? 86  ALA A CB   1 
ATOM   368  N  N    . MET A 1 48  ? -3.691  17.918  14.631  1.00 46.07  ? 87  MET A N    1 
ATOM   369  C  CA   . MET A 1 48  ? -4.392  16.619  14.629  1.00 48.48  ? 87  MET A CA   1 
ATOM   370  C  C    . MET A 1 48  ? -4.457  16.110  13.186  1.00 41.61  ? 87  MET A C    1 
ATOM   371  O  O    . MET A 1 48  ? -4.848  16.897  12.300  1.00 39.15  ? 87  MET A O    1 
ATOM   372  C  CB   . MET A 1 48  ? -5.800  16.842  15.181  1.00 54.90  ? 87  MET A CB   1 
ATOM   373  C  CG   . MET A 1 48  ? -5.793  17.490  16.571  1.00 63.30  ? 87  MET A CG   1 
ATOM   374  S  SD   . MET A 1 48  ? -6.140  16.332  17.898  1.00 63.75  ? 87  MET A SD   1 
ATOM   375  C  CE   . MET A 1 48  ? -5.504  14.820  17.181  1.00 50.55  ? 87  MET A CE   1 
ATOM   376  N  N    . TYR A 1 49  ? -4.102  14.846  12.968  1.00 36.93  ? 88  TYR A N    1 
ATOM   377  C  CA   . TYR A 1 49  ? -4.045  14.241  11.620  1.00 36.78  ? 88  TYR A CA   1 
ATOM   378  C  C    . TYR A 1 49  ? -4.560  12.803  11.667  1.00 39.33  ? 88  TYR A C    1 
ATOM   379  O  O    . TYR A 1 49  ? -4.278  12.087  12.646  1.00 36.44  ? 88  TYR A O    1 
ATOM   380  C  CB   . TYR A 1 49  ? -2.613  14.202  11.075  1.00 39.48  ? 88  TYR A CB   1 
ATOM   381  C  CG   . TYR A 1 49  ? -1.854  15.507  11.055  1.00 42.27  ? 88  TYR A CG   1 
ATOM   382  C  CD1  . TYR A 1 49  ? -1.876  16.346  9.945   1.00 44.13  ? 88  TYR A CD1  1 
ATOM   383  C  CD2  . TYR A 1 49  ? -1.085  15.898  12.139  1.00 44.41  ? 88  TYR A CD2  1 
ATOM   384  C  CE1  . TYR A 1 49  ? -1.158  17.532  9.913   1.00 45.81  ? 88  TYR A CE1  1 
ATOM   385  C  CE2  . TYR A 1 49  ? -0.360  17.083  12.122  1.00 46.78  ? 88  TYR A CE2  1 
ATOM   386  C  CZ   . TYR A 1 49  ? -0.399  17.909  11.011  1.00 45.00  ? 88  TYR A CZ   1 
ATOM   387  O  OH   . TYR A 1 49  ? 0.330   19.064  11.010  1.00 43.87  ? 88  TYR A OH   1 
ATOM   388  N  N    . SER A 1 50  ? -5.205  12.367  10.585  1.00 35.56  ? 89  SER A N    1 
ATOM   389  C  CA   . SER A 1 50  ? -5.462  10.935  10.294  1.00 37.00  ? 89  SER A CA   1 
ATOM   390  C  C    . SER A 1 50  ? -4.612  10.491  9.098   1.00 38.91  ? 89  SER A C    1 
ATOM   391  O  O    . SER A 1 50  ? -4.489  11.279  8.147   1.00 37.15  ? 89  SER A O    1 
ATOM   392  C  CB   . SER A 1 50  ? -6.903  10.721  10.053  1.00 36.17  ? 89  SER A CB   1 
ATOM   393  O  OG   . SER A 1 50  ? -7.621  11.048  11.222  1.00 37.08  ? 89  SER A OG   1 
ATOM   394  N  N    . PHE A 1 51  ? -4.008  9.303   9.189   1.00 35.47  ? 90  PHE A N    1 
ATOM   395  C  CA   . PHE A 1 51  ? -3.241  8.653   8.099   1.00 34.07  ? 90  PHE A CA   1 
ATOM   396  C  C    . PHE A 1 51  ? -4.110  7.602   7.409   1.00 39.21  ? 90  PHE A C    1 
ATOM   397  O  O    . PHE A 1 51  ? -4.648  6.648   8.076   1.00 30.41  ? 90  PHE A O    1 
ATOM   398  C  CB   . PHE A 1 51  ? -1.955  8.017   8.612   1.00 33.06  ? 90  PHE A CB   1 
ATOM   399  C  CG   . PHE A 1 51  ? -0.808  8.988   8.724   1.00 35.86  ? 90  PHE A CG   1 
ATOM   400  C  CD1  . PHE A 1 51  ? 0.348   8.807   7.993   1.00 38.32  ? 90  PHE A CD1  1 
ATOM   401  C  CD2  . PHE A 1 51  ? -0.893  10.095  9.559   1.00 37.35  ? 90  PHE A CD2  1 
ATOM   402  C  CE1  . PHE A 1 51  ? 1.401   9.702   8.122   1.00 39.78  ? 90  PHE A CE1  1 
ATOM   403  C  CE2  . PHE A 1 51  ? 0.152   10.995  9.676   1.00 37.60  ? 90  PHE A CE2  1 
ATOM   404  C  CZ   . PHE A 1 51  ? 1.299   10.797  8.955   1.00 37.33  ? 90  PHE A CZ   1 
ATOM   405  N  N    . LEU A 1 52  ? -4.212  7.771   6.089   1.00 36.83  ? 91  LEU A N    1 
ATOM   406  C  CA   . LEU A 1 52  ? -5.084  7.002   5.173   1.00 35.37  ? 91  LEU A CA   1 
ATOM   407  C  C    . LEU A 1 52  ? -4.175  6.301   4.163   1.00 34.95  ? 91  LEU A C    1 
ATOM   408  O  O    . LEU A 1 52  ? -3.143  6.906   3.763   1.00 34.13  ? 91  LEU A O    1 
ATOM   409  C  CB   . LEU A 1 52  ? -6.036  7.969   4.472   1.00 38.70  ? 91  LEU A CB   1 
ATOM   410  C  CG   . LEU A 1 52  ? -7.383  8.230   5.142   1.00 41.96  ? 91  LEU A CG   1 
ATOM   411  C  CD1  . LEU A 1 52  ? -7.233  8.534   6.610   1.00 43.51  ? 91  LEU A CD1  1 
ATOM   412  C  CD2  . LEU A 1 52  ? -8.104  9.364   4.422   1.00 41.11  ? 91  LEU A CD2  1 
ATOM   413  N  N    . LEU A 1 53  ? -4.511  5.059   3.829   1.00 29.25  ? 92  LEU A N    1 
ATOM   414  C  CA   . LEU A 1 53  ? -3.784  4.235   2.851   1.00 28.58  ? 92  LEU A CA   1 
ATOM   415  C  C    . LEU A 1 53  ? -4.793  3.810   1.794   1.00 28.63  ? 92  LEU A C    1 
ATOM   416  O  O    . LEU A 1 53  ? -5.915  3.389   2.144   1.00 32.35  ? 92  LEU A O    1 
ATOM   417  C  CB   . LEU A 1 53  ? -3.137  3.043   3.561   1.00 31.37  ? 92  LEU A CB   1 
ATOM   418  C  CG   . LEU A 1 53  ? -2.568  1.965   2.641   1.00 32.16  ? 92  LEU A CG   1 
ATOM   419  C  CD1  . LEU A 1 53  ? -1.389  2.483   1.847   1.00 29.74  ? 92  LEU A CD1  1 
ATOM   420  C  CD2  . LEU A 1 53  ? -2.169  0.720   3.420   1.00 33.44  ? 92  LEU A CD2  1 
ATOM   421  N  N    . ASP A 1 54  ? -4.431  3.961   0.525   1.00 28.88  ? 93  ASP A N    1 
ATOM   422  C  CA   . ASP A 1 54  ? -5.220  3.344   -0.567  1.00 27.56  ? 93  ASP A CA   1 
ATOM   423  C  C    . ASP A 1 54  ? -4.269  2.884   -1.657  1.00 26.40  ? 93  ASP A C    1 
ATOM   424  O  O    . ASP A 1 54  ? -3.051  3.036   -1.505  1.00 27.82  ? 93  ASP A O    1 
ATOM   425  C  CB   . ASP A 1 54  ? -6.316  4.275   -1.064  1.00 31.24  ? 93  ASP A CB   1 
ATOM   426  C  CG   . ASP A 1 54  ? -5.817  5.567   -1.682  1.00 31.23  ? 93  ASP A CG   1 
ATOM   427  O  OD1  . ASP A 1 54  ? -4.577  5.686   -1.950  1.00 30.96  ? 93  ASP A OD1  1 
ATOM   428  O  OD2  . ASP A 1 54  ? -6.679  6.450   -1.852  1.00 32.69  ? 93  ASP A OD2  1 
ATOM   429  N  N    . PHE A 1 55  ? -4.832  2.241   -2.667  1.00 29.15  ? 94  PHE A N    1 
ATOM   430  C  CA   . PHE A 1 55  ? -4.079  1.514   -3.707  1.00 31.43  ? 94  PHE A CA   1 
ATOM   431  C  C    . PHE A 1 55  ? -4.588  2.023   -5.058  1.00 30.40  ? 94  PHE A C    1 
ATOM   432  O  O    . PHE A 1 55  ? -5.769  1.823   -5.380  1.00 32.05  ? 94  PHE A O    1 
ATOM   433  C  CB   . PHE A 1 55  ? -4.239  0.005   -3.499  1.00 30.08  ? 94  PHE A CB   1 
ATOM   434  C  CG   . PHE A 1 55  ? -3.700  -0.483  -2.180  1.00 30.39  ? 94  PHE A CG   1 
ATOM   435  C  CD1  . PHE A 1 55  ? -2.363  -0.820  -2.041  1.00 31.69  ? 94  PHE A CD1  1 
ATOM   436  C  CD2  . PHE A 1 55  ? -4.515  -0.523  -1.060  1.00 30.15  ? 94  PHE A CD2  1 
ATOM   437  C  CE1  . PHE A 1 55  ? -1.851  -1.231  -0.814  1.00 31.68  ? 94  PHE A CE1  1 
ATOM   438  C  CE2  . PHE A 1 55  ? -4.005  -0.935  0.163   1.00 30.68  ? 94  PHE A CE2  1 
ATOM   439  C  CZ   . PHE A 1 55  ? -2.673  -1.281  0.281   1.00 32.65  ? 94  PHE A CZ   1 
ATOM   440  N  N    . VAL A 1 56  ? -3.700  2.623   -5.831  1.00 29.60  ? 95  VAL A N    1 
ATOM   441  C  CA   . VAL A 1 56  ? -4.017  3.088   -7.216  1.00 29.48  ? 95  VAL A CA   1 
ATOM   442  C  C    . VAL A 1 56  ? -3.706  1.952   -8.178  1.00 26.55  ? 95  VAL A C    1 
ATOM   443  O  O    . VAL A 1 56  ? -2.548  1.513   -8.185  1.00 29.61  ? 95  VAL A O    1 
ATOM   444  C  CB   . VAL A 1 56  ? -3.161  4.330   -7.547  1.00 27.15  ? 95  VAL A CB   1 
ATOM   445  C  CG1  . VAL A 1 56  ? -3.367  4.808   -8.975  1.00 26.48  ? 95  VAL A CG1  1 
ATOM   446  C  CG2  . VAL A 1 56  ? -3.439  5.431   -6.554  1.00 26.77  ? 95  VAL A CG2  1 
ATOM   447  N  N    . ALA A 1 57  ? -4.659  1.550   -9.019  1.00 30.17  ? 96  ALA A N    1 
ATOM   448  C  CA   . ALA A 1 57  ? -4.385  0.692   -10.195 1.00 28.92  ? 96  ALA A CA   1 
ATOM   449  C  C    . ALA A 1 57  ? -3.371  1.422   -11.072 1.00 27.13  ? 96  ALA A C    1 
ATOM   450  O  O    . ALA A 1 57  ? -3.734  2.526   -11.563 1.00 29.04  ? 96  ALA A O    1 
ATOM   451  C  CB   . ALA A 1 57  ? -5.672  0.406   -10.939 1.00 30.44  ? 96  ALA A CB   1 
ATOM   452  N  N    . ALA A 1 58  ? -2.139  0.899   -11.187 1.00 29.48  ? 97  ALA A N    1 
ATOM   453  C  CA   . ALA A 1 58  ? -0.997  1.497   -11.929 1.00 29.58  ? 97  ALA A CA   1 
ATOM   454  C  C    . ALA A 1 58  ? -1.274  1.517   -13.444 1.00 33.68  ? 97  ALA A C    1 
ATOM   455  O  O    . ALA A 1 58  ? -0.686  2.364   -14.162 1.00 32.89  ? 97  ALA A O    1 
ATOM   456  C  CB   . ALA A 1 58  ? 0.280   0.770   -11.642 1.00 27.72  ? 97  ALA A CB   1 
ATOM   457  N  N    . ASP A 1 59  ? -2.145  0.625   -13.906 1.00 33.75  ? 98  ASP A N    1 
ATOM   458  C  CA   . ASP A 1 59  ? -2.574  0.561   -15.322 1.00 32.21  ? 98  ASP A CA   1 
ATOM   459  C  C    . ASP A 1 59  ? -3.940  -0.084  -15.354 1.00 33.68  ? 98  ASP A C    1 
ATOM   460  O  O    . ASP A 1 59  ? -4.421  -0.544  -14.289 1.00 37.79  ? 98  ASP A O    1 
ATOM   461  C  CB   . ASP A 1 59  ? -1.558  -0.193  -16.172 1.00 33.52  ? 98  ASP A CB   1 
ATOM   462  C  CG   . ASP A 1 59  ? -1.308  -1.627  -15.699 1.00 35.04  ? 98  ASP A CG   1 
ATOM   463  O  OD1  . ASP A 1 59  ? -2.251  -2.436  -15.754 1.00 34.41  ? 98  ASP A OD1  1 
ATOM   464  O  OD2  . ASP A 1 59  ? -0.168  -1.905  -15.298 1.00 34.37  ? 98  ASP A OD2  1 
ATOM   465  N  N    . ASN A 1 60  ? -4.554  -0.074  -16.527 1.00 35.96  ? 99  ASN A N    1 
ATOM   466  C  CA   . ASN A 1 60  ? -5.964  -0.482  -16.690 1.00 39.39  ? 99  ASN A CA   1 
ATOM   467  C  C    . ASN A 1 60  ? -6.047  -1.945  -17.138 1.00 39.17  ? 99  ASN A C    1 
ATOM   468  O  O    . ASN A 1 60  ? -7.122  -2.318  -17.575 1.00 38.96  ? 99  ASN A O    1 
ATOM   469  C  CB   . ASN A 1 60  ? -6.675  0.446   -17.673 1.00 42.28  ? 99  ASN A CB   1 
ATOM   470  C  CG   . ASN A 1 60  ? -6.781  1.860   -17.148 1.00 42.33  ? 99  ASN A CG   1 
ATOM   471  O  OD1  . ASN A 1 60  ? -6.528  2.796   -17.892 1.00 47.59  ? 99  ASN A OD1  1 
ATOM   472  N  ND2  . ASN A 1 60  ? -7.153  2.019   -15.887 1.00 41.52  ? 99  ASN A ND2  1 
ATOM   473  N  N    . HIS A 1 61  ? -4.976  -2.728  -16.995 1.00 39.78  ? 100 HIS A N    1 
ATOM   474  C  CA   . HIS A 1 61  ? -4.855  -4.070  -17.623 1.00 41.59  ? 100 HIS A CA   1 
ATOM   475  C  C    . HIS A 1 61  ? -4.933  -5.187  -16.568 1.00 47.02  ? 100 HIS A C    1 
ATOM   476  O  O    . HIS A 1 61  ? -4.693  -4.935  -15.360 1.00 45.57  ? 100 HIS A O    1 
ATOM   477  C  CB   . HIS A 1 61  ? -3.576  -4.124  -18.471 1.00 41.09  ? 100 HIS A CB   1 
ATOM   478  C  CG   . HIS A 1 61  ? -3.633  -3.256  -19.682 1.00 47.60  ? 100 HIS A CG   1 
ATOM   479  N  ND1  . HIS A 1 61  ? -3.989  -3.747  -20.929 1.00 47.80  ? 100 HIS A ND1  1 
ATOM   480  C  CD2  . HIS A 1 61  ? -3.431  -1.924  -19.842 1.00 46.49  ? 100 HIS A CD2  1 
ATOM   481  C  CE1  . HIS A 1 61  ? -3.988  -2.760  -21.803 1.00 49.87  ? 100 HIS A CE1  1 
ATOM   482  N  NE2  . HIS A 1 61  ? -3.665  -1.631  -21.161 1.00 51.59  ? 100 HIS A NE2  1 
ATOM   483  N  N    . ARG A 1 62  ? -5.267  -6.385  -17.047 1.00 47.11  ? 101 ARG A N    1 
ATOM   484  C  CA   . ARG A 1 62  ? -5.132  -7.680  -16.343 1.00 47.55  ? 101 ARG A CA   1 
ATOM   485  C  C    . ARG A 1 62  ? -3.745  -8.234  -16.699 1.00 49.93  ? 101 ARG A C    1 
ATOM   486  O  O    . ARG A 1 62  ? -3.339  -8.143  -17.890 1.00 45.77  ? 101 ARG A O    1 
ATOM   487  C  CB   . ARG A 1 62  ? -6.294  -8.578  -16.776 1.00 61.76  ? 101 ARG A CB   1 
ATOM   488  C  CG   . ARG A 1 62  ? -6.143  -10.060 -16.461 1.00 77.50  ? 101 ARG A CG   1 
ATOM   489  C  CD   . ARG A 1 62  ? -7.454  -10.810 -16.650 1.00 86.75  ? 101 ARG A CD   1 
ATOM   490  N  NE   . ARG A 1 62  ? -8.490  -10.230 -15.808 1.00 95.65  ? 101 ARG A NE   1 
ATOM   491  C  CZ   . ARG A 1 62  ? -8.598  -10.421 -14.496 1.00 106.32 ? 101 ARG A CZ   1 
ATOM   492  N  NH1  . ARG A 1 62  ? -7.742  -11.205 -13.858 1.00 110.37 ? 101 ARG A NH1  1 
ATOM   493  N  NH2  . ARG A 1 62  ? -9.573  -9.830  -13.825 1.00 107.05 ? 101 ARG A NH2  1 
ATOM   494  N  N    . TRP A 1 63  ? -3.008  -8.727  -15.705 1.00 40.31  ? 102 TRP A N    1 
ATOM   495  C  CA   . TRP A 1 63  ? -1.659  -9.298  -15.901 1.00 43.14  ? 102 TRP A CA   1 
ATOM   496  C  C    . TRP A 1 63  ? -1.744  -10.831 -15.787 1.00 48.98  ? 102 TRP A C    1 
ATOM   497  O  O    . TRP A 1 63  ? -2.746  -11.339 -15.276 1.00 50.80  ? 102 TRP A O    1 
ATOM   498  C  CB   . TRP A 1 63  ? -0.672  -8.675  -14.915 1.00 42.09  ? 102 TRP A CB   1 
ATOM   499  C  CG   . TRP A 1 63  ? -0.393  -7.228  -15.186 1.00 40.82  ? 102 TRP A CG   1 
ATOM   500  C  CD1  . TRP A 1 63  ? -1.230  -6.170  -14.974 1.00 38.40  ? 102 TRP A CD1  1 
ATOM   501  C  CD2  . TRP A 1 63  ? 0.814   -6.675  -15.743 1.00 37.54  ? 102 TRP A CD2  1 
ATOM   502  N  NE1  . TRP A 1 63  ? -0.617  -5.002  -15.337 1.00 36.41  ? 102 TRP A NE1  1 
ATOM   503  C  CE2  . TRP A 1 63  ? 0.637   -5.277  -15.810 1.00 35.76  ? 102 TRP A CE2  1 
ATOM   504  C  CE3  . TRP A 1 63  ? 2.021   -7.221  -16.179 1.00 36.83  ? 102 TRP A CE3  1 
ATOM   505  C  CZ2  . TRP A 1 63  ? 1.616   -4.429  -16.306 1.00 32.75  ? 102 TRP A CZ2  1 
ATOM   506  C  CZ3  . TRP A 1 63  ? 2.993   -6.381  -16.667 1.00 37.52  ? 102 TRP A CZ3  1 
ATOM   507  C  CH2  . TRP A 1 63  ? 2.793   -5.003  -16.721 1.00 36.14  ? 102 TRP A CH2  1 
ATOM   508  N  N    . LYS A 1 64  ? -0.755  -11.539 -16.320 1.00 51.29  ? 103 LYS A N    1 
ATOM   509  C  CA   . LYS A 1 64  ? -0.719  -13.025 -16.313 1.00 57.09  ? 103 LYS A CA   1 
ATOM   510  C  C    . LYS A 1 64  ? 0.753   -13.448 -16.334 1.00 51.41  ? 103 LYS A C    1 
ATOM   511  O  O    . LYS A 1 64  ? 1.565   -12.709 -16.911 1.00 46.46  ? 103 LYS A O    1 
ATOM   512  C  CB   . LYS A 1 64  ? -1.571  -13.588 -17.457 1.00 64.39  ? 103 LYS A CB   1 
ATOM   513  C  CG   . LYS A 1 64  ? -1.850  -12.622 -18.603 1.00 77.92  ? 103 LYS A CG   1 
ATOM   514  C  CD   . LYS A 1 64  ? -2.292  -13.300 -19.886 1.00 87.25  ? 103 LYS A CD   1 
ATOM   515  C  CE   . LYS A 1 64  ? -2.240  -12.383 -21.094 1.00 88.70  ? 103 LYS A CE   1 
ATOM   516  N  NZ   . LYS A 1 64  ? -2.070  -13.147 -22.352 1.00 87.59  ? 103 LYS A NZ   1 
ATOM   517  N  N    . TYR A 1 65  ? 1.088   -14.525 -15.617 1.00 53.45  ? 104 TYR A N    1 
ATOM   518  C  CA   . TYR A 1 65  ? 2.465   -15.061 -15.490 1.00 51.95  ? 104 TYR A CA   1 
ATOM   519  C  C    . TYR A 1 65  ? 2.603   -16.116 -16.588 1.00 57.69  ? 104 TYR A C    1 
ATOM   520  O  O    . TYR A 1 65  ? 1.863   -17.110 -16.532 1.00 58.91  ? 104 TYR A O    1 
ATOM   521  C  CB   . TYR A 1 65  ? 2.725   -15.586 -14.076 1.00 47.47  ? 104 TYR A CB   1 
ATOM   522  C  CG   . TYR A 1 65  ? 4.186   -15.711 -13.711 1.00 47.60  ? 104 TYR A CG   1 
ATOM   523  C  CD1  . TYR A 1 65  ? 5.008   -14.601 -13.638 1.00 44.69  ? 104 TYR A CD1  1 
ATOM   524  C  CD2  . TYR A 1 65  ? 4.761   -16.955 -13.454 1.00 47.90  ? 104 TYR A CD2  1 
ATOM   525  C  CE1  . TYR A 1 65  ? 6.352   -14.711 -13.303 1.00 49.43  ? 104 TYR A CE1  1 
ATOM   526  C  CE2  . TYR A 1 65  ? 6.103   -17.079 -13.116 1.00 46.83  ? 104 TYR A CE2  1 
ATOM   527  C  CZ   . TYR A 1 65  ? 6.903   -15.957 -13.035 1.00 46.98  ? 104 TYR A CZ   1 
ATOM   528  O  OH   . TYR A 1 65  ? 8.225   -16.089 -12.714 1.00 52.82  ? 104 TYR A OH   1 
ATOM   529  N  N    . VAL A 1 66  ? 3.423   -15.829 -17.604 1.00 63.89  ? 105 VAL A N    1 
ATOM   530  C  CA   . VAL A 1 66  ? 3.515   -16.605 -18.878 1.00 61.58  ? 105 VAL A CA   1 
ATOM   531  C  C    . VAL A 1 66  ? 4.994   -16.870 -19.123 1.00 59.01  ? 105 VAL A C    1 
ATOM   532  O  O    . VAL A 1 66  ? 5.764   -15.885 -19.189 1.00 57.58  ? 105 VAL A O    1 
ATOM   533  C  CB   . VAL A 1 66  ? 2.872   -15.865 -20.070 1.00 64.76  ? 105 VAL A CB   1 
ATOM   534  C  CG1  . VAL A 1 66  ? 3.140   -16.561 -21.402 1.00 64.81  ? 105 VAL A CG1  1 
ATOM   535  C  CG2  . VAL A 1 66  ? 1.379   -15.667 -19.869 1.00 64.84  ? 105 VAL A CG2  1 
ATOM   536  N  N    . ASN A 1 67  ? 5.356   -18.151 -19.218 1.00 60.17  ? 106 ASN A N    1 
ATOM   537  C  CA   . ASN A 1 67  ? 6.749   -18.627 -19.391 1.00 64.56  ? 106 ASN A CA   1 
ATOM   538  C  C    . ASN A 1 67  ? 7.645   -17.817 -18.460 1.00 56.48  ? 106 ASN A C    1 
ATOM   539  O  O    . ASN A 1 67  ? 8.576   -17.185 -18.967 1.00 50.06  ? 106 ASN A O    1 
ATOM   540  C  CB   . ASN A 1 67  ? 7.182   -18.538 -20.854 1.00 70.84  ? 106 ASN A CB   1 
ATOM   541  C  CG   . ASN A 1 67  ? 6.220   -19.278 -21.754 1.00 73.17  ? 106 ASN A CG   1 
ATOM   542  O  OD1  . ASN A 1 67  ? 5.888   -20.433 -21.489 1.00 79.94  ? 106 ASN A OD1  1 
ATOM   543  N  ND2  . ASN A 1 67  ? 5.737   -18.611 -22.789 1.00 70.87  ? 106 ASN A ND2  1 
ATOM   544  N  N    . GLY A 1 68  ? 7.307   -17.803 -17.164 1.00 57.62  ? 107 GLY A N    1 
ATOM   545  C  CA   . GLY A 1 68  ? 8.069   -17.137 -16.085 1.00 56.21  ? 107 GLY A CA   1 
ATOM   546  C  C    . GLY A 1 68  ? 8.199   -15.623 -16.233 1.00 49.52  ? 107 GLY A C    1 
ATOM   547  O  O    . GLY A 1 68  ? 9.182   -15.082 -15.740 1.00 50.37  ? 107 GLY A O    1 
ATOM   548  N  N    . GLU A 1 69  ? 7.261   -14.927 -16.868 1.00 52.33  ? 108 GLU A N    1 
ATOM   549  C  CA   . GLU A 1 69  ? 7.318   -13.440 -16.899 1.00 53.69  ? 108 GLU A CA   1 
ATOM   550  C  C    . GLU A 1 69  ? 5.889   -12.896 -16.854 1.00 50.33  ? 108 GLU A C    1 
ATOM   551  O  O    . GLU A 1 69  ? 4.975   -13.548 -17.394 1.00 52.29  ? 108 GLU A O    1 
ATOM   552  C  CB   . GLU A 1 69  ? 8.231   -12.963 -18.041 1.00 60.77  ? 108 GLU A CB   1 
ATOM   553  C  CG   . GLU A 1 69  ? 7.546   -12.643 -19.367 1.00 75.83  ? 108 GLU A CG   1 
ATOM   554  C  CD   . GLU A 1 69  ? 8.431   -11.953 -20.407 1.00 83.31  ? 108 GLU A CD   1 
ATOM   555  O  OE1  . GLU A 1 69  ? 9.140   -10.983 -20.049 1.00 85.25  ? 108 GLU A OE1  1 
ATOM   556  O  OE2  . GLU A 1 69  ? 8.404   -12.373 -21.585 1.00 88.88  ? 108 GLU A OE2  1 
ATOM   557  N  N    . TRP A 1 70  ? 5.691   -11.781 -16.140 1.00 51.30  ? 109 TRP A N    1 
ATOM   558  C  CA   . TRP A 1 70  ? 4.389   -11.063 -16.030 1.00 44.57  ? 109 TRP A CA   1 
ATOM   559  C  C    . TRP A 1 70  ? 4.134   -10.257 -17.321 1.00 42.12  ? 109 TRP A C    1 
ATOM   560  O  O    . TRP A 1 70  ? 5.014   -9.509  -17.731 1.00 43.93  ? 109 TRP A O    1 
ATOM   561  C  CB   . TRP A 1 70  ? 4.372   -10.168 -14.773 1.00 43.12  ? 109 TRP A CB   1 
ATOM   562  C  CG   . TRP A 1 70  ? 4.171   -10.918 -13.491 1.00 38.24  ? 109 TRP A CG   1 
ATOM   563  C  CD1  . TRP A 1 70  ? 5.102   -11.198 -12.526 1.00 38.26  ? 109 TRP A CD1  1 
ATOM   564  C  CD2  . TRP A 1 70  ? 2.936   -11.479 -13.025 1.00 37.13  ? 109 TRP A CD2  1 
ATOM   565  N  NE1  . TRP A 1 70  ? 4.530   -11.907 -11.503 1.00 39.24  ? 109 TRP A NE1  1 
ATOM   566  C  CE2  . TRP A 1 70  ? 3.204   -12.092 -11.782 1.00 36.76  ? 109 TRP A CE2  1 
ATOM   567  C  CE3  . TRP A 1 70  ? 1.635   -11.538 -13.541 1.00 35.95  ? 109 TRP A CE3  1 
ATOM   568  C  CZ2  . TRP A 1 70  ? 2.207   -12.731 -11.049 1.00 38.05  ? 109 TRP A CZ2  1 
ATOM   569  C  CZ3  . TRP A 1 70  ? 0.654   -12.170 -12.812 1.00 39.45  ? 109 TRP A CZ3  1 
ATOM   570  C  CH2  . TRP A 1 70  ? 0.942   -12.757 -11.578 1.00 36.73  ? 109 TRP A CH2  1 
ATOM   571  N  N    . VAL A 1 71  ? 2.979   -10.432 -17.957 1.00 44.33  ? 110 VAL A N    1 
ATOM   572  C  CA   . VAL A 1 71  ? 2.623   -9.751  -19.238 1.00 43.07  ? 110 VAL A CA   1 
ATOM   573  C  C    . VAL A 1 71  ? 1.210   -9.223  -19.099 1.00 41.95  ? 110 VAL A C    1 
ATOM   574  O  O    . VAL A 1 71  ? 0.336   -9.874  -18.531 1.00 37.26  ? 110 VAL A O    1 
ATOM   575  C  CB   . VAL A 1 71  ? 2.752   -10.645 -20.491 1.00 44.85  ? 110 VAL A CB   1 
ATOM   576  C  CG1  . VAL A 1 71  ? 4.159   -11.185 -20.643 1.00 45.86  ? 110 VAL A CG1  1 
ATOM   577  C  CG2  . VAL A 1 71  ? 1.723   -11.766 -20.504 1.00 49.98  ? 110 VAL A CG2  1 
ATOM   578  N  N    . PRO A 1 72  ? 0.981   -7.994  -19.597 1.00 45.42  ? 111 PRO A N    1 
ATOM   579  C  CA   . PRO A 1 72  ? -0.336  -7.382  -19.566 1.00 46.45  ? 111 PRO A CA   1 
ATOM   580  C  C    . PRO A 1 72  ? -1.261  -7.971  -20.634 1.00 50.69  ? 111 PRO A C    1 
ATOM   581  O  O    . PRO A 1 72  ? -0.809  -8.121  -21.747 1.00 50.74  ? 111 PRO A O    1 
ATOM   582  C  CB   . PRO A 1 72  ? -0.093  -5.895  -19.865 1.00 46.08  ? 111 PRO A CB   1 
ATOM   583  C  CG   . PRO A 1 72  ? 1.323   -5.791  -20.389 1.00 46.50  ? 111 PRO A CG   1 
ATOM   584  C  CD   . PRO A 1 72  ? 2.006   -7.127  -20.187 1.00 47.78  ? 111 PRO A CD   1 
ATOM   585  N  N    . GLY A 1 73  ? -2.506  -8.267  -20.246 1.00 52.76  ? 112 GLY A N    1 
ATOM   586  C  CA   . GLY A 1 73  ? -3.623  -8.574  -21.155 1.00 58.29  ? 112 GLY A CA   1 
ATOM   587  C  C    . GLY A 1 73  ? -3.760  -7.481  -22.201 1.00 71.87  ? 112 GLY A C    1 
ATOM   588  O  O    . GLY A 1 73  ? -2.988  -6.489  -22.155 1.00 76.04  ? 112 GLY A O    1 
ATOM   589  N  N    . GLY A 1 74  ? -4.685  -7.659  -23.141 1.00 73.87  ? 113 GLY A N    1 
ATOM   590  C  CA   . GLY A 1 74  ? -4.869  -6.734  -24.271 1.00 74.07  ? 113 GLY A CA   1 
ATOM   591  C  C    . GLY A 1 74  ? -5.990  -5.751  -24.006 1.00 75.93  ? 113 GLY A C    1 
ATOM   592  O  O    . GLY A 1 74  ? -5.997  -4.701  -24.668 1.00 91.20  ? 113 GLY A O    1 
ATOM   593  N  N    . LYS A 1 75  ? -6.898  -6.058  -23.072 1.00 66.27  ? 114 LYS A N    1 
ATOM   594  C  CA   . LYS A 1 75  ? -8.237  -5.421  -23.043 1.00 69.45  ? 114 LYS A CA   1 
ATOM   595  C  C    . LYS A 1 75  ? -8.408  -4.544  -21.809 1.00 61.69  ? 114 LYS A C    1 
ATOM   596  O  O    . LYS A 1 75  ? -9.037  -4.956  -20.846 1.00 55.86  ? 114 LYS A O    1 
ATOM   597  C  CB   . LYS A 1 75  ? -9.342  -6.475  -23.117 1.00 76.39  ? 114 LYS A CB   1 
ATOM   598  C  CG   . LYS A 1 75  ? -10.592 -5.994  -23.843 1.00 87.54  ? 114 LYS A CG   1 
ATOM   599  C  CD   . LYS A 1 75  ? -10.301 -5.342  -25.200 1.00 90.52  ? 114 LYS A CD   1 
ATOM   600  C  CE   . LYS A 1 75  ? -11.415 -5.499  -26.216 1.00 95.95  ? 114 LYS A CE   1 
ATOM   601  N  NZ   . LYS A 1 75  ? -12.719 -5.048  -25.677 1.00 106.21 ? 114 LYS A NZ   1 
ATOM   602  N  N    . PRO A 1 76  ? -7.980  -3.266  -21.855 1.00 66.76  ? 115 PRO A N    1 
ATOM   603  C  CA   . PRO A 1 76  ? -8.053  -2.400  -20.681 1.00 70.41  ? 115 PRO A CA   1 
ATOM   604  C  C    . PRO A 1 76  ? -9.509  -2.200  -20.235 1.00 70.63  ? 115 PRO A C    1 
ATOM   605  O  O    . PRO A 1 76  ? -10.380 -2.075  -21.079 1.00 64.61  ? 115 PRO A O    1 
ATOM   606  C  CB   . PRO A 1 76  ? -7.405  -1.079  -21.136 1.00 68.43  ? 115 PRO A CB   1 
ATOM   607  C  CG   . PRO A 1 76  ? -7.574  -1.089  -22.645 1.00 71.96  ? 115 PRO A CG   1 
ATOM   608  C  CD   . PRO A 1 76  ? -7.477  -2.552  -23.041 1.00 73.20  ? 115 PRO A CD   1 
ATOM   609  N  N    . GLU A 1 77  ? -9.727  -2.218  -18.921 1.00 63.39  ? 116 GLU A N    1 
ATOM   610  C  CA   . GLU A 1 77  ? -10.985 -1.788  -18.263 1.00 69.30  ? 116 GLU A CA   1 
ATOM   611  C  C    . GLU A 1 77  ? -10.630 -0.679  -17.274 1.00 67.30  ? 116 GLU A C    1 
ATOM   612  O  O    . GLU A 1 77  ? -9.560  -0.701  -16.672 1.00 70.69  ? 116 GLU A O    1 
ATOM   613  C  CB   . GLU A 1 77  ? -11.658 -2.991  -17.597 1.00 74.23  ? 116 GLU A CB   1 
ATOM   614  C  CG   . GLU A 1 77  ? -11.930 -4.153  -18.547 1.00 74.96  ? 116 GLU A CG   1 
ATOM   615  C  CD   . GLU A 1 77  ? -12.452 -5.423  -17.884 1.00 79.60  ? 116 GLU A CD   1 
ATOM   616  O  OE1  . GLU A 1 77  ? -13.207 -5.311  -16.895 1.00 91.34  ? 116 GLU A OE1  1 
ATOM   617  O  OE2  . GLU A 1 77  ? -12.098 -6.527  -18.347 1.00 79.61  ? 116 GLU A OE2  1 
ATOM   618  N  N    . PRO A 1 78  ? -11.505 0.324   -17.056 1.00 69.91  ? 117 PRO A N    1 
ATOM   619  C  CA   . PRO A 1 78  ? -11.215 1.381   -16.088 1.00 68.60  ? 117 PRO A CA   1 
ATOM   620  C  C    . PRO A 1 78  ? -11.092 0.773   -14.680 1.00 65.06  ? 117 PRO A C    1 
ATOM   621  O  O    . PRO A 1 78  ? -11.905 -0.055  -14.340 1.00 52.40  ? 117 PRO A O    1 
ATOM   622  C  CB   . PRO A 1 78  ? -12.400 2.356   -16.159 1.00 70.19  ? 117 PRO A CB   1 
ATOM   623  C  CG   . PRO A 1 78  ? -13.461 1.677   -17.026 1.00 74.29  ? 117 PRO A CG   1 
ATOM   624  C  CD   . PRO A 1 78  ? -12.845 0.437   -17.648 1.00 74.15  ? 117 PRO A CD   1 
ATOM   625  N  N    . GLN A 1 79  ? -10.054 1.153   -13.951 1.00 66.23  ? 118 GLN A N    1 
ATOM   626  C  CA   . GLN A 1 79  ? -9.912  0.597   -12.595 1.00 70.71  ? 118 GLN A CA   1 
ATOM   627  C  C    . GLN A 1 79  ? -10.383 1.652   -11.600 1.00 78.78  ? 118 GLN A C    1 
ATOM   628  O  O    . GLN A 1 79  ? -9.679  2.633   -11.387 1.00 69.25  ? 118 GLN A O    1 
ATOM   629  C  CB   . GLN A 1 79  ? -8.458  0.229   -12.352 1.00 69.54  ? 118 GLN A CB   1 
ATOM   630  C  CG   . GLN A 1 79  ? -7.902  -0.729  -13.384 1.00 71.59  ? 118 GLN A CG   1 
ATOM   631  C  CD   . GLN A 1 79  ? -8.694  -2.005  -13.415 1.00 74.06  ? 118 GLN A CD   1 
ATOM   632  O  OE1  . GLN A 1 79  ? -9.256  -2.438  -12.414 1.00 72.15  ? 118 GLN A OE1  1 
ATOM   633  N  NE2  . GLN A 1 79  ? -8.761  -2.610  -14.581 1.00 79.87  ? 118 GLN A NE2  1 
ATOM   634  N  N    . ALA A 1 80  ? -11.523 1.396   -10.973 1.00 100.91 ? 119 ALA A N    1 
ATOM   635  C  CA   . ALA A 1 80  ? -12.056 2.324   -9.958  1.00 100.24 ? 119 ALA A CA   1 
ATOM   636  C  C    . ALA A 1 80  ? -11.059 2.335   -8.804  1.00 90.69  ? 119 ALA A C    1 
ATOM   637  O  O    . ALA A 1 80  ? -10.568 1.260   -8.420  1.00 84.21  ? 119 ALA A O    1 
ATOM   638  C  CB   . ALA A 1 80  ? -13.410 1.851   -9.491  1.00 104.18 ? 119 ALA A CB   1 
ATOM   639  N  N    . PRO A 1 81  ? -10.867 3.470   -8.116  1.00 75.83  ? 120 PRO A N    1 
ATOM   640  C  CA   . PRO A 1 81  ? -9.883  3.546   -7.052  1.00 73.42  ? 120 PRO A CA   1 
ATOM   641  C  C    . PRO A 1 81  ? -10.275 2.625   -5.888  1.00 59.55  ? 120 PRO A C    1 
ATOM   642  O  O    . PRO A 1 81  ? -11.438 2.405   -5.635  1.00 65.39  ? 120 PRO A O    1 
ATOM   643  C  CB   . PRO A 1 81  ? -10.046 4.987   -6.566  1.00 30.00  ? 120 PRO A CB   1 
ATOM   644  C  CG   . PRO A 1 81  ? -11.489 5.309   -6.877  1.00 30.00  ? 120 PRO A CG   1 
ATOM   645  C  CD   . PRO A 1 81  ? -11.698 4.660   -8.227  1.00 30.00  ? 120 PRO A CD   1 
ATOM   646  N  N    . SER A 1 82  ? -9.285  2.165   -5.133  1.00 49.65  ? 121 SER A N    1 
ATOM   647  C  CA   . SER A 1 82  ? -9.584  1.278   -3.988  1.00 42.62  ? 121 SER A CA   1 
ATOM   648  C  C    . SER A 1 82  ? -10.210 2.066   -2.845  1.00 42.84  ? 121 SER A C    1 
ATOM   649  O  O    . SER A 1 82  ? -10.091 3.272   -2.785  1.00 41.31  ? 121 SER A O    1 
ATOM   650  C  CB   . SER A 1 82  ? -8.370  0.549   -3.496  1.00 30.00  ? 121 SER A CB   1 
ATOM   651  O  OG   . SER A 1 82  ? -7.746  1.235   -2.425  1.00 30.00  ? 121 SER A OG   1 
ATOM   652  N  N    . CYS A 1 83  ? -10.774 1.328   -1.896  1.00 39.83  ? 122 CYS A N    1 
ATOM   653  C  CA   . CYS A 1 83  ? -11.289 1.911   -0.643  1.00 40.17  ? 122 CYS A CA   1 
ATOM   654  C  C    . CYS A 1 83  ? -10.110 2.350   0.243   1.00 36.97  ? 122 CYS A C    1 
ATOM   655  O  O    . CYS A 1 83  ? -8.960  1.941   0.042   1.00 33.73  ? 122 CYS A O    1 
ATOM   656  C  CB   . CYS A 1 83  ? -12.248 0.952   0.046   1.00 42.59  ? 122 CYS A CB   1 
ATOM   657  S  SG   . CYS A 1 83  ? -13.782 0.737   -0.884  1.00 53.68  ? 122 CYS A SG   1 
ATOM   658  N  N    . VAL A 1 84  ? -10.384 3.211   1.202   1.00 36.67  ? 123 VAL A N    1 
ATOM   659  C  CA   . VAL A 1 84  ? -9.271  3.718   2.042   1.00 37.14  ? 123 VAL A CA   1 
ATOM   660  C  C    . VAL A 1 84  ? -9.211  2.971   3.376   1.00 34.23  ? 123 VAL A C    1 
ATOM   661  O  O    . VAL A 1 84  ? -10.244 2.618   3.893   1.00 30.80  ? 123 VAL A O    1 
ATOM   662  C  CB   . VAL A 1 84  ? -9.436  5.226   2.258   1.00 43.23  ? 123 VAL A CB   1 
ATOM   663  C  CG1  . VAL A 1 84  ? -10.775 5.523   2.889   1.00 45.45  ? 123 VAL A CG1  1 
ATOM   664  C  CG2  . VAL A 1 84  ? -8.326  5.784   3.112   1.00 47.27  ? 123 VAL A CG2  1 
ATOM   665  N  N    . TYR A 1 85  ? -7.996  2.710   3.850   1.00 35.95  ? 124 TYR A N    1 
ATOM   666  C  CA   . TYR A 1 85  ? -7.747  2.094   5.172   1.00 35.54  ? 124 TYR A CA   1 
ATOM   667  C  C    . TYR A 1 85  ? -7.278  3.222   6.071   1.00 33.91  ? 124 TYR A C    1 
ATOM   668  O  O    . TYR A 1 85  ? -6.334  3.947   5.674   1.00 30.79  ? 124 TYR A O    1 
ATOM   669  C  CB   . TYR A 1 85  ? -6.700  0.983   5.076   1.00 38.36  ? 124 TYR A CB   1 
ATOM   670  C  CG   . TYR A 1 85  ? -6.207  0.443   6.402   1.00 40.32  ? 124 TYR A CG   1 
ATOM   671  C  CD1  . TYR A 1 85  ? -6.914  -0.541  7.081   1.00 37.33  ? 124 TYR A CD1  1 
ATOM   672  C  CD2  . TYR A 1 85  ? -5.008  0.879   6.957   1.00 37.68  ? 124 TYR A CD2  1 
ATOM   673  C  CE1  . TYR A 1 85  ? -6.454  -1.067  8.275   1.00 36.50  ? 124 TYR A CE1  1 
ATOM   674  C  CE2  . TYR A 1 85  ? -4.528  0.361   8.151   1.00 38.19  ? 124 TYR A CE2  1 
ATOM   675  C  CZ   . TYR A 1 85  ? -5.272  -0.596  8.827   1.00 39.30  ? 124 TYR A CZ   1 
ATOM   676  O  OH   . TYR A 1 85  ? -4.821  -1.109  10.009  1.00 34.06  ? 124 TYR A OH   1 
ATOM   677  N  N    . ILE A 1 86  ? -7.914  3.380   7.221   1.00 31.62  ? 125 ILE A N    1 
ATOM   678  C  CA   . ILE A 1 86  ? -7.512  4.394   8.233   1.00 33.44  ? 125 ILE A CA   1 
ATOM   679  C  C    . ILE A 1 86  ? -6.492  3.749   9.171   1.00 35.44  ? 125 ILE A C    1 
ATOM   680  O  O    . ILE A 1 86  ? -6.815  2.743   9.819   1.00 33.30  ? 125 ILE A O    1 
ATOM   681  C  CB   . ILE A 1 86  ? -8.751  4.933   8.963   1.00 38.74  ? 125 ILE A CB   1 
ATOM   682  C  CG1  . ILE A 1 86  ? -9.780  5.451   7.954   1.00 42.63  ? 125 ILE A CG1  1 
ATOM   683  C  CG2  . ILE A 1 86  ? -8.339  6.006   9.957   1.00 38.17  ? 125 ILE A CG2  1 
ATOM   684  C  CD1  . ILE A 1 86  ? -11.068 5.947   8.591   1.00 49.06  ? 125 ILE A CD1  1 
ATOM   685  N  N    . HIS A 1 87  ? -5.287  4.290   9.255   1.00 32.86  ? 126 HIS A N    1 
ATOM   686  C  CA   . HIS A 1 87  ? -4.319  3.827   10.270  1.00 35.21  ? 126 HIS A CA   1 
ATOM   687  C  C    . HIS A 1 87  ? -5.019  3.828   11.634  1.00 33.79  ? 126 HIS A C    1 
ATOM   688  O  O    . HIS A 1 87  ? -5.572  4.858   12.047  1.00 27.61  ? 126 HIS A O    1 
ATOM   689  C  CB   . HIS A 1 87  ? -3.040  4.661   10.277  1.00 33.38  ? 126 HIS A CB   1 
ATOM   690  C  CG   . HIS A 1 87  ? -1.956  3.968   11.031  1.00 38.36  ? 126 HIS A CG   1 
ATOM   691  N  ND1  . HIS A 1 87  ? -1.929  3.935   12.415  1.00 38.62  ? 126 HIS A ND1  1 
ATOM   692  C  CD2  . HIS A 1 87  ? -0.916  3.211   10.617  1.00 39.15  ? 126 HIS A CD2  1 
ATOM   693  C  CE1  . HIS A 1 87  ? -0.883  3.234   12.814  1.00 40.41  ? 126 HIS A CE1  1 
ATOM   694  N  NE2  . HIS A 1 87  ? -0.232  2.798   11.733  1.00 39.63  ? 126 HIS A NE2  1 
ATOM   695  N  N    . PRO A 1 88  ? -4.974  2.700   12.387  1.00 35.90  ? 127 PRO A N    1 
ATOM   696  C  CA   . PRO A 1 88  ? -5.677  2.582   13.671  1.00 36.93  ? 127 PRO A CA   1 
ATOM   697  C  C    . PRO A 1 88  ? -5.200  3.545   14.767  1.00 34.87  ? 127 PRO A C    1 
ATOM   698  O  O    . PRO A 1 88  ? -5.933  3.771   15.704  1.00 36.53  ? 127 PRO A O    1 
ATOM   699  C  CB   . PRO A 1 88  ? -5.453  1.116   14.087  1.00 36.90  ? 127 PRO A CB   1 
ATOM   700  C  CG   . PRO A 1 88  ? -4.186  0.719   13.378  1.00 40.48  ? 127 PRO A CG   1 
ATOM   701  C  CD   . PRO A 1 88  ? -4.232  1.473   12.057  1.00 38.22  ? 127 PRO A CD   1 
ATOM   702  N  N    . ASP A 1 89  ? -4.035  4.174   14.612  1.00 36.11  ? 128 ASP A N    1 
ATOM   703  C  CA   . ASP A 1 89  ? -3.613  5.243   15.551  1.00 34.81  ? 128 ASP A CA   1 
ATOM   704  C  C    . ASP A 1 89  ? -4.367  6.563   15.302  1.00 36.58  ? 128 ASP A C    1 
ATOM   705  O  O    . ASP A 1 89  ? -4.234  7.434   16.130  1.00 34.66  ? 128 ASP A O    1 
ATOM   706  C  CB   . ASP A 1 89  ? -2.126  5.567   15.470  1.00 35.86  ? 128 ASP A CB   1 
ATOM   707  C  CG   . ASP A 1 89  ? -1.167  4.491   15.938  1.00 35.95  ? 128 ASP A CG   1 
ATOM   708  O  OD1  . ASP A 1 89  ? -1.604  3.381   16.214  1.00 36.69  ? 128 ASP A OD1  1 
ATOM   709  O  OD2  . ASP A 1 89  ? 0.038   4.764   15.921  1.00 36.13  ? 128 ASP A OD2  1 
ATOM   710  N  N    . SER A 1 90  ? -5.136  6.666   14.201  0.76 33.20  ? 129 SER A N    1 
ATOM   711  C  CA   . SER A 1 90  ? -5.891  7.881   13.784  0.76 33.10  ? 129 SER A CA   1 
ATOM   712  C  C    . SER A 1 90  ? -7.097  8.087   14.695  0.76 33.98  ? 129 SER A C    1 
ATOM   713  O  O    . SER A 1 90  ? -7.705  7.118   15.131  0.76 37.39  ? 129 SER A O    1 
ATOM   714  C  CB   . SER A 1 90  ? -6.359  7.798   12.340  0.76 31.26  ? 129 SER A CB   1 
ATOM   715  O  OG   . SER A 1 90  ? -5.298  7.473   11.457  0.76 28.35  ? 129 SER A OG   1 
ATOM   716  N  N    . PRO A 1 91  ? -7.510  9.335   14.996  0.76 35.35  ? 130 PRO A N    1 
ATOM   717  C  CA   . PRO A 1 91  ? -6.712  10.534  14.737  0.76 35.64  ? 130 PRO A CA   1 
ATOM   718  C  C    . PRO A 1 91  ? -5.619  10.718  15.798  0.76 37.62  ? 130 PRO A C    1 
ATOM   719  O  O    . PRO A 1 91  ? -5.740  10.161  16.871  0.76 37.13  ? 130 PRO A O    1 
ATOM   720  C  CB   . PRO A 1 91  ? -7.752  11.656  14.807  0.76 36.17  ? 130 PRO A CB   1 
ATOM   721  C  CG   . PRO A 1 91  ? -8.767  11.151  15.797  0.76 37.09  ? 130 PRO A CG   1 
ATOM   722  C  CD   . PRO A 1 91  ? -8.815  9.654   15.589  0.76 37.73  ? 130 PRO A CD   1 
ATOM   723  N  N    . ASN A 1 92  ? -4.568  11.473  15.487  1.00 36.89  ? 131 ASN A N    1 
ATOM   724  C  CA   . ASN A 1 92  ? -3.460  11.650  16.459  1.00 40.25  ? 131 ASN A CA   1 
ATOM   725  C  C    . ASN A 1 92  ? -2.681  12.931  16.192  1.00 41.85  ? 131 ASN A C    1 
ATOM   726  O  O    . ASN A 1 92  ? -2.872  13.555  15.133  1.00 40.56  ? 131 ASN A O    1 
ATOM   727  C  CB   . ASN A 1 92  ? -2.612  10.376  16.576  1.00 42.52  ? 131 ASN A CB   1 
ATOM   728  C  CG   . ASN A 1 92  ? -2.367  9.987   18.024  1.00 42.83  ? 131 ASN A CG   1 
ATOM   729  O  OD1  . ASN A 1 92  ? -1.993  10.834  18.827  1.00 41.61  ? 131 ASN A OD1  1 
ATOM   730  N  ND2  . ASN A 1 92  ? -2.547  8.721   18.361  1.00 35.10  ? 131 ASN A ND2  1 
ATOM   731  N  N    . PHE A 1 93  ? -1.921  13.342  17.209  1.00 42.03  ? 132 PHE A N    1 
ATOM   732  C  CA   . PHE A 1 93  ? -1.118  14.588  17.226  1.00 42.72  ? 132 PHE A CA   1 
ATOM   733  C  C    . PHE A 1 93  ? 0.041   14.411  16.244  1.00 39.06  ? 132 PHE A C    1 
ATOM   734  O  O    . PHE A 1 93  ? 0.617   13.309  16.158  1.00 38.63  ? 132 PHE A O    1 
ATOM   735  C  CB   . PHE A 1 93  ? -0.615  14.900  18.647  1.00 43.24  ? 132 PHE A CB   1 
ATOM   736  C  CG   . PHE A 1 93  ? -1.702  15.382  19.573  1.00 40.68  ? 132 PHE A CG   1 
ATOM   737  C  CD1  . PHE A 1 93  ? -2.217  16.661  19.447  1.00 44.79  ? 132 PHE A CD1  1 
ATOM   738  C  CD2  . PHE A 1 93  ? -2.258  14.539  20.521  1.00 41.80  ? 132 PHE A CD2  1 
ATOM   739  C  CE1  . PHE A 1 93  ? -3.263  17.100  20.245  1.00 45.52  ? 132 PHE A CE1  1 
ATOM   740  C  CE2  . PHE A 1 93  ? -3.290  14.980  21.337  1.00 42.10  ? 132 PHE A CE2  1 
ATOM   741  C  CZ   . PHE A 1 93  ? -3.806  16.249  21.185  1.00 47.68  ? 132 PHE A CZ   1 
ATOM   742  N  N    . GLY A 1 94  ? 0.409   15.479  15.552  1.00 38.20  ? 133 GLY A N    1 
ATOM   743  C  CA   . GLY A 1 94  ? 1.652   15.489  14.753  1.00 41.54  ? 133 GLY A CA   1 
ATOM   744  C  C    . GLY A 1 94  ? 2.813   14.769  15.439  1.00 42.80  ? 133 GLY A C    1 
ATOM   745  O  O    . GLY A 1 94  ? 3.551   14.049  14.746  1.00 43.01  ? 133 GLY A O    1 
ATOM   746  N  N    . ALA A 1 95  ? 3.007   14.969  16.749  1.00 43.75  ? 134 ALA A N    1 
ATOM   747  C  CA   . ALA A 1 95  ? 4.147   14.421  17.524  1.00 42.01  ? 134 ALA A CA   1 
ATOM   748  C  C    . ALA A 1 95  ? 4.133   12.900  17.454  1.00 40.36  ? 134 ALA A C    1 
ATOM   749  O  O    . ALA A 1 95  ? 5.209   12.275  17.408  1.00 42.63  ? 134 ALA A O    1 
ATOM   750  C  CB   . ALA A 1 95  ? 4.058   14.874  18.964  1.00 44.32  ? 134 ALA A CB   1 
ATOM   751  N  N    . HIS A 1 96  ? 2.939   12.322  17.522  1.00 40.86  ? 135 HIS A N    1 
ATOM   752  C  CA   . HIS A 1 96  ? 2.733   10.857  17.631  1.00 41.29  ? 135 HIS A CA   1 
ATOM   753  C  C    . HIS A 1 96  ? 3.212   10.218  16.335  1.00 40.38  ? 135 HIS A C    1 
ATOM   754  O  O    . HIS A 1 96  ? 3.822   9.131   16.345  1.00 41.77  ? 135 HIS A O    1 
ATOM   755  C  CB   . HIS A 1 96  ? 1.247   10.538  17.890  1.00 41.19  ? 135 HIS A CB   1 
ATOM   756  C  CG   . HIS A 1 96  ? 0.951   9.077   17.811  1.00 43.20  ? 135 HIS A CG   1 
ATOM   757  N  ND1  . HIS A 1 96  ? 0.904   8.266   18.932  1.00 44.64  ? 135 HIS A ND1  1 
ATOM   758  C  CD2  . HIS A 1 96  ? 0.727   8.276   16.746  1.00 39.14  ? 135 HIS A CD2  1 
ATOM   759  C  CE1  . HIS A 1 96  ? 0.644   7.027   18.569  1.00 47.50  ? 135 HIS A CE1  1 
ATOM   760  N  NE2  . HIS A 1 96  ? 0.541   7.006   17.221  1.00 47.94  ? 135 HIS A NE2  1 
ATOM   761  N  N    . TRP A 1 97  ? 2.877   10.864  15.236  1.00 40.97  ? 136 TRP A N    1 
ATOM   762  C  CA   . TRP A 1 97  ? 3.216   10.361  13.890  1.00 40.57  ? 136 TRP A CA   1 
ATOM   763  C  C    . TRP A 1 97  ? 4.708   10.553  13.585  1.00 42.00  ? 136 TRP A C    1 
ATOM   764  O  O    . TRP A 1 97  ? 5.231   9.780   12.769  1.00 39.58  ? 136 TRP A O    1 
ATOM   765  C  CB   . TRP A 1 97  ? 2.366   11.084  12.865  1.00 36.36  ? 136 TRP A CB   1 
ATOM   766  C  CG   . TRP A 1 97  ? 0.896   10.939  13.026  1.00 33.44  ? 136 TRP A CG   1 
ATOM   767  C  CD1  . TRP A 1 97  ? 0.015   11.948  13.255  1.00 35.60  ? 136 TRP A CD1  1 
ATOM   768  C  CD2  . TRP A 1 97  ? 0.126   9.738   12.896  1.00 30.86  ? 136 TRP A CD2  1 
ATOM   769  N  NE1  . TRP A 1 97  ? -1.261  11.456  13.292  1.00 37.06  ? 136 TRP A NE1  1 
ATOM   770  C  CE2  . TRP A 1 97  ? -1.224  10.106  13.060  1.00 32.09  ? 136 TRP A CE2  1 
ATOM   771  C  CE3  . TRP A 1 97  ? 0.440   8.399   12.643  1.00 35.83  ? 136 TRP A CE3  1 
ATOM   772  C  CZ2  . TRP A 1 97  ? -2.263  9.186   12.973  1.00 33.80  ? 136 TRP A CZ2  1 
ATOM   773  C  CZ3  . TRP A 1 97  ? -0.581  7.484   12.548  1.00 34.35  ? 136 TRP A CZ3  1 
ATOM   774  C  CH2  . TRP A 1 97  ? -1.913  7.873   12.716  1.00 37.13  ? 136 TRP A CH2  1 
ATOM   775  N  N    . MET A 1 98  ? 5.371   11.562  14.163  1.00 44.63  ? 137 MET A N    1 
ATOM   776  C  CA   . MET A 1 98  ? 6.798   11.861  13.834  1.00 44.27  ? 137 MET A CA   1 
ATOM   777  C  C    . MET A 1 98  ? 7.755   11.155  14.796  1.00 47.98  ? 137 MET A C    1 
ATOM   778  O  O    . MET A 1 98  ? 8.946   11.210  14.502  1.00 48.74  ? 137 MET A O    1 
ATOM   779  C  CB   . MET A 1 98  ? 7.100   13.362  13.861  1.00 44.05  ? 137 MET A CB   1 
ATOM   780  C  CG   . MET A 1 98  ? 6.386   14.119  12.770  1.00 44.66  ? 137 MET A CG   1 
ATOM   781  S  SD   . MET A 1 98  ? 6.811   15.885  12.714  1.00 46.03  ? 137 MET A SD   1 
ATOM   782  C  CE   . MET A 1 98  ? 5.847   16.481  14.106  1.00 50.20  ? 137 MET A CE   1 
ATOM   783  N  N    . LYS A 1 99  ? 7.280   10.515  15.876  1.00 50.61  ? 138 LYS A N    1 
ATOM   784  C  CA   . LYS A 1 99  ? 8.164   9.912   16.914  1.00 51.76  ? 138 LYS A CA   1 
ATOM   785  C  C    . LYS A 1 99  ? 8.679   8.545   16.438  1.00 52.91  ? 138 LYS A C    1 
ATOM   786  O  O    . LYS A 1 99  ? 9.780   8.158   16.848  1.00 56.63  ? 138 LYS A O    1 
ATOM   787  C  CB   . LYS A 1 99  ? 7.478   9.892   18.292  1.00 55.18  ? 138 LYS A CB   1 
ATOM   788  C  CG   . LYS A 1 99  ? 6.292   8.949   18.484  1.00 58.36  ? 138 LYS A CG   1 
ATOM   789  C  CD   . LYS A 1 99  ? 5.531   9.177   19.805  1.00 67.27  ? 138 LYS A CD   1 
ATOM   790  C  CE   . LYS A 1 99  ? 4.342   8.253   20.046  1.00 70.11  ? 138 LYS A CE   1 
ATOM   791  N  NZ   . LYS A 1 99  ? 3.295   8.865   20.917  1.00 69.07  ? 138 LYS A NZ   1 
ATOM   792  N  N    . ALA A 1 100 ? 7.949   7.841   15.568  1.00 53.50  ? 139 ALA A N    1 
ATOM   793  C  CA   . ALA A 1 100 ? 8.403   6.563   14.973  1.00 47.10  ? 139 ALA A CA   1 
ATOM   794  C  C    . ALA A 1 100 ? 7.760   6.375   13.602  1.00 48.09  ? 139 ALA A C    1 
ATOM   795  O  O    . ALA A 1 100 ? 6.760   7.024   13.295  1.00 50.39  ? 139 ALA A O    1 
ATOM   796  C  CB   . ALA A 1 100 ? 8.081   5.418   15.896  1.00 49.85  ? 139 ALA A CB   1 
ATOM   797  N  N    . PRO A 1 101 ? 8.338   5.524   12.726  1.00 45.54  ? 140 PRO A N    1 
ATOM   798  C  CA   . PRO A 1 101 ? 7.770   5.273   11.401  1.00 42.25  ? 140 PRO A CA   1 
ATOM   799  C  C    . PRO A 1 101 ? 6.299   4.885   11.517  1.00 38.40  ? 140 PRO A C    1 
ATOM   800  O  O    . PRO A 1 101 ? 6.001   4.147   12.397  1.00 38.65  ? 140 PRO A O    1 
ATOM   801  C  CB   . PRO A 1 101 ? 8.587   4.077   10.885  1.00 44.08  ? 140 PRO A CB   1 
ATOM   802  C  CG   . PRO A 1 101 ? 9.920   4.233   11.567  1.00 44.68  ? 140 PRO A CG   1 
ATOM   803  C  CD   . PRO A 1 101 ? 9.585   4.778   12.943  1.00 46.23  ? 140 PRO A CD   1 
ATOM   804  N  N    . VAL A 1 102 ? 5.427   5.453   10.693  1.00 37.28  ? 141 VAL A N    1 
ATOM   805  C  CA   . VAL A 1 102 ? 3.985   5.069   10.635  1.00 38.92  ? 141 VAL A CA   1 
ATOM   806  C  C    . VAL A 1 102 ? 3.904   3.725   9.903   1.00 39.53  ? 141 VAL A C    1 
ATOM   807  O  O    . VAL A 1 102 ? 4.329   3.648   8.712   1.00 34.78  ? 141 VAL A O    1 
ATOM   808  C  CB   . VAL A 1 102 ? 3.117   6.146   9.970   1.00 37.08  ? 141 VAL A CB   1 
ATOM   809  C  CG1  . VAL A 1 102 ? 1.645   5.774   10.005  1.00 36.87  ? 141 VAL A CG1  1 
ATOM   810  C  CG2  . VAL A 1 102 ? 3.356   7.513   10.588  1.00 39.65  ? 141 VAL A CG2  1 
ATOM   811  N  N    . SER A 1 103 ? 3.408   2.694   10.590  1.00 36.19  ? 142 SER A N    1 
ATOM   812  C  CA   . SER A 1 103 ? 3.456   1.298   10.097  1.00 34.70  ? 142 SER A CA   1 
ATOM   813  C  C    . SER A 1 103 ? 2.053   0.776   9.778   1.00 35.21  ? 142 SER A C    1 
ATOM   814  O  O    . SER A 1 103 ? 1.210   0.735   10.698  1.00 36.05  ? 142 SER A O    1 
ATOM   815  C  CB   . SER A 1 103 ? 4.136   0.448   11.092  1.00 37.99  ? 142 SER A CB   1 
ATOM   816  O  OG   . SER A 1 103 ? 4.506   -0.763  10.495  1.00 43.01  ? 142 SER A OG   1 
ATOM   817  N  N    . PHE A 1 104 ? 1.814   0.337   8.536   1.00 30.98  ? 143 PHE A N    1 
ATOM   818  C  CA   . PHE A 1 104 ? 0.483   -0.162  8.097   1.00 32.14  ? 143 PHE A CA   1 
ATOM   819  C  C    . PHE A 1 104 ? 0.468   -1.696  8.178   1.00 34.24  ? 143 PHE A C    1 
ATOM   820  O  O    . PHE A 1 104 ? 0.102   -2.383  7.208   1.00 32.93  ? 143 PHE A O    1 
ATOM   821  C  CB   . PHE A 1 104 ? 0.162   0.396   6.710   1.00 31.23  ? 143 PHE A CB   1 
ATOM   822  C  CG   . PHE A 1 104 ? -0.048  1.892   6.688   1.00 36.28  ? 143 PHE A CG   1 
ATOM   823  C  CD1  . PHE A 1 104 ? -1.323  2.431   6.816   1.00 36.02  ? 143 PHE A CD1  1 
ATOM   824  C  CD2  . PHE A 1 104 ? 1.024   2.767   6.534   1.00 36.81  ? 143 PHE A CD2  1 
ATOM   825  C  CE1  . PHE A 1 104 ? -1.526  3.801   6.773   1.00 37.65  ? 143 PHE A CE1  1 
ATOM   826  C  CE2  . PHE A 1 104 ? 0.808   4.137   6.474   1.00 40.36  ? 143 PHE A CE2  1 
ATOM   827  C  CZ   . PHE A 1 104 ? -0.463  4.649   6.596   1.00 39.28  ? 143 PHE A CZ   1 
ATOM   828  N  N    . SER A 1 105 ? 0.815   -2.242  9.339   1.00 34.64  ? 144 SER A N    1 
ATOM   829  C  CA   . SER A 1 105 ? 1.006   -3.705  9.524   1.00 36.15  ? 144 SER A CA   1 
ATOM   830  C  C    . SER A 1 105 ? -0.349  -4.440  9.592   1.00 32.56  ? 144 SER A C    1 
ATOM   831  O  O    . SER A 1 105 ? -0.345  -5.644  9.351   1.00 38.19  ? 144 SER A O    1 
ATOM   832  C  CB   . SER A 1 105 ? 1.850   -3.961  10.729  1.00 34.24  ? 144 SER A CB   1 
ATOM   833  O  OG   . SER A 1 105 ? 1.176   -3.453  11.851  1.00 36.14  ? 144 SER A OG   1 
ATOM   834  N  N    . LYS A 1 106 ? -1.465  -3.759  9.875   1.00 33.71  ? 145 LYS A N    1 
ATOM   835  C  CA   . LYS A 1 106 ? -2.776  -4.434  10.108  1.00 34.08  ? 145 LYS A CA   1 
ATOM   836  C  C    . LYS A 1 106 ? -3.740  -4.313  8.922   1.00 35.11  ? 145 LYS A C    1 
ATOM   837  O  O    . LYS A 1 106 ? -4.852  -4.871  8.997   1.00 32.73  ? 145 LYS A O    1 
ATOM   838  C  CB   . LYS A 1 106 ? -3.436  -3.839  11.348  1.00 36.59  ? 145 LYS A CB   1 
ATOM   839  C  CG   . LYS A 1 106 ? -2.606  -3.955  12.606  1.00 37.82  ? 145 LYS A CG   1 
ATOM   840  C  CD   . LYS A 1 106 ? -2.120  -5.348  12.863  1.00 40.41  ? 145 LYS A CD   1 
ATOM   841  C  CE   . LYS A 1 106 ? -1.723  -5.507  14.317  1.00 39.32  ? 145 LYS A CE   1 
ATOM   842  N  NZ   . LYS A 1 106 ? -1.285  -6.897  14.596  1.00 39.12  ? 145 LYS A NZ   1 
ATOM   843  N  N    . VAL A 1 107 ? -3.365  -3.629  7.833   1.00 36.87  ? 146 VAL A N    1 
ATOM   844  C  CA   . VAL A 1 107 ? -4.221  -3.634  6.614   1.00 34.01  ? 146 VAL A CA   1 
ATOM   845  C  C    . VAL A 1 107 ? -4.213  -5.051  6.046   1.00 31.50  ? 146 VAL A C    1 
ATOM   846  O  O    . VAL A 1 107 ? -3.144  -5.650  5.968   1.00 30.29  ? 146 VAL A O    1 
ATOM   847  C  CB   . VAL A 1 107 ? -3.798  -2.588  5.557   1.00 32.33  ? 146 VAL A CB   1 
ATOM   848  C  CG1  . VAL A 1 107 ? -2.450  -2.895  4.917   1.00 34.89  ? 146 VAL A CG1  1 
ATOM   849  C  CG2  . VAL A 1 107 ? -4.883  -2.453  4.519   1.00 32.45  ? 146 VAL A CG2  1 
ATOM   850  N  N    . LYS A 1 108 ? -5.373  -5.523  5.610   1.00 33.86  ? 147 LYS A N    1 
ATOM   851  C  CA   . LYS A 1 108 ? -5.558  -6.864  5.008   1.00 36.83  ? 147 LYS A CA   1 
ATOM   852  C  C    . LYS A 1 108 ? -6.145  -6.678  3.611   1.00 36.47  ? 147 LYS A C    1 
ATOM   853  O  O    . LYS A 1 108 ? -7.084  -5.901  3.477   1.00 35.49  ? 147 LYS A O    1 
ATOM   854  C  CB   . LYS A 1 108 ? -6.495  -7.705  5.872   1.00 42.55  ? 147 LYS A CB   1 
ATOM   855  C  CG   . LYS A 1 108 ? -5.992  -7.965  7.288   1.00 47.90  ? 147 LYS A CG   1 
ATOM   856  C  CD   . LYS A 1 108 ? -7.071  -8.446  8.243   1.00 52.48  ? 147 LYS A CD   1 
ATOM   857  C  CE   . LYS A 1 108 ? -7.093  -9.941  8.417   1.00 58.23  ? 147 LYS A CE   1 
ATOM   858  N  NZ   . LYS A 1 108 ? -7.851  -10.322 9.630   1.00 58.77  ? 147 LYS A NZ   1 
ATOM   859  N  N    . LEU A 1 109 ? -5.557  -7.335  2.616   1.00 38.55  ? 148 LEU A N    1 
ATOM   860  C  CA   . LEU A 1 109 ? -5.906  -7.206  1.177   1.00 35.88  ? 148 LEU A CA   1 
ATOM   861  C  C    . LEU A 1 109 ? -6.802  -8.389  0.801   1.00 39.37  ? 148 LEU A C    1 
ATOM   862  O  O    . LEU A 1 109 ? -6.390  -9.545  1.049   1.00 36.72  ? 148 LEU A O    1 
ATOM   863  C  CB   . LEU A 1 109 ? -4.605  -7.199  0.372   1.00 29.84  ? 148 LEU A CB   1 
ATOM   864  C  CG   . LEU A 1 109 ? -3.634  -6.060  0.709   1.00 32.30  ? 148 LEU A CG   1 
ATOM   865  C  CD1  . LEU A 1 109 ? -2.467  -5.985  -0.279  1.00 30.66  ? 148 LEU A CD1  1 
ATOM   866  C  CD2  . LEU A 1 109 ? -4.374  -4.729  0.783   1.00 31.03  ? 148 LEU A CD2  1 
ATOM   867  N  N    . THR A 1 110 ? -7.991  -8.124  0.271   1.00 39.28  ? 149 THR A N    1 
ATOM   868  C  CA   . THR A 1 110 ? -8.962  -9.187  -0.100  1.00 43.97  ? 149 THR A CA   1 
ATOM   869  C  C    . THR A 1 110 ? -9.320  -9.070  -1.585  1.00 42.85  ? 149 THR A C    1 
ATOM   870  O  O    . THR A 1 110 ? -9.102  -7.993  -2.181  1.00 41.64  ? 149 THR A O    1 
ATOM   871  C  CB   . THR A 1 110 ? -10.208 -9.180  0.805   1.00 43.59  ? 149 THR A CB   1 
ATOM   872  O  OG1  . THR A 1 110 ? -11.083 -10.218 0.359   1.00 42.47  ? 149 THR A OG1  1 
ATOM   873  C  CG2  . THR A 1 110 ? -10.968 -7.874  0.828   1.00 42.20  ? 149 THR A CG2  1 
ATOM   874  N  N    . ASN A 1 111 ? -9.870  -10.150 -2.138  1.00 43.74  ? 150 ASN A N    1 
ATOM   875  C  CA   . ASN A 1 111 ? -10.472 -10.189 -3.501  1.00 47.86  ? 150 ASN A CA   1 
ATOM   876  C  C    . ASN A 1 111 ? -12.006 -10.239 -3.418  1.00 52.96  ? 150 ASN A C    1 
ATOM   877  O  O    . ASN A 1 111 ? -12.625 -10.310 -4.482  1.00 57.14  ? 150 ASN A O    1 
ATOM   878  C  CB   . ASN A 1 111 ? -9.890  -11.321 -4.350  1.00 49.62  ? 150 ASN A CB   1 
ATOM   879  C  CG   . ASN A 1 111 ? -9.962  -12.702 -3.723  1.00 47.84  ? 150 ASN A CG   1 
ATOM   880  O  OD1  . ASN A 1 111 ? -9.582  -13.676 -4.361  1.00 63.90  ? 150 ASN A OD1  1 
ATOM   881  N  ND2  . ASN A 1 111 ? -10.430 -12.809 -2.497  1.00 43.96  ? 150 ASN A ND2  1 
ATOM   882  N  N    . LYS A 1 112 ? -12.610 -10.142 -2.224  1.00 59.76  ? 151 LYS A N    1 
ATOM   883  C  CA   . LYS A 1 112 ? -14.090 -10.190 -2.027  1.00 65.42  ? 151 LYS A CA   1 
ATOM   884  C  C    . LYS A 1 112 ? -14.548 -8.964  -1.230  1.00 74.91  ? 151 LYS A C    1 
ATOM   885  O  O    . LYS A 1 112 ? -13.888 -8.650  -0.228  1.00 86.09  ? 151 LYS A O    1 
ATOM   886  C  CB   . LYS A 1 112 ? -14.515 -11.459 -1.276  1.00 67.41  ? 151 LYS A CB   1 
ATOM   887  C  CG   . LYS A 1 112 ? -14.008 -12.778 -1.857  1.00 70.11  ? 151 LYS A CG   1 
ATOM   888  C  CD   . LYS A 1 112 ? -14.572 -13.124 -3.225  1.00 69.69  ? 151 LYS A CD   1 
ATOM   889  C  CE   . LYS A 1 112 ? -14.031 -14.432 -3.770  1.00 68.35  ? 151 LYS A CE   1 
ATOM   890  N  NZ   . LYS A 1 112 ? -14.656 -14.776 -5.071  1.00 68.55  ? 151 LYS A NZ   1 
ATOM   891  N  N    . LEU A 1 113 ? -15.629 -8.303  -1.665  1.00 84.97  ? 152 LEU A N    1 
ATOM   892  C  CA   . LEU A 1 113 ? -16.369 -7.298  -0.848  1.00 87.92  ? 152 LEU A CA   1 
ATOM   893  C  C    . LEU A 1 113 ? -16.740 -7.961  0.482   1.00 92.71  ? 152 LEU A C    1 
ATOM   894  O  O    . LEU A 1 113 ? -17.262 -9.097  0.467   1.00 90.34  ? 152 LEU A O    1 
ATOM   895  C  CB   . LEU A 1 113 ? -17.601 -6.732  -1.575  1.00 88.47  ? 152 LEU A CB   1 
ATOM   896  C  CG   . LEU A 1 113 ? -18.394 -7.629  -2.537  1.00 90.98  ? 152 LEU A CG   1 
ATOM   897  C  CD1  . LEU A 1 113 ? -17.764 -7.664  -3.925  1.00 91.66  ? 152 LEU A CD1  1 
ATOM   898  C  CD2  . LEU A 1 113 ? -18.620 -9.042  -2.002  1.00 94.27  ? 152 LEU A CD2  1 
ATOM   899  N  N    . ASN A 1 114 ? -16.412 -7.305  1.594   1.00 97.56  ? 153 ASN A N    1 
ATOM   900  C  CA   . ASN A 1 114 ? -16.427 -7.924  2.943   1.00 104.79 ? 153 ASN A CA   1 
ATOM   901  C  C    . ASN A 1 114 ? -16.871 -6.869  3.957   1.00 107.46 ? 153 ASN A C    1 
ATOM   902  O  O    . ASN A 1 114 ? -16.977 -5.687  3.563   1.00 105.35 ? 153 ASN A O    1 
ATOM   903  C  CB   . ASN A 1 114 ? -15.064 -8.541  3.285   1.00 110.59 ? 153 ASN A CB   1 
ATOM   904  C  CG   . ASN A 1 114 ? -14.787 -9.843  2.554   1.00 111.77 ? 153 ASN A CG   1 
ATOM   905  O  OD1  . ASN A 1 114 ? -15.654 -10.713 2.456   1.00 104.10 ? 153 ASN A OD1  1 
ATOM   906  N  ND2  . ASN A 1 114 ? -13.573 -9.995  2.045   1.00 101.87 ? 153 ASN A ND2  1 
ATOM   907  N  N    . GLY A 1 115 ? -17.128 -7.305  5.196   1.00 109.60 ? 154 GLY A N    1 
ATOM   908  C  CA   . GLY A 1 115 ? -17.638 -6.479  6.309   1.00 107.02 ? 154 GLY A CA   1 
ATOM   909  C  C    . GLY A 1 115 ? -16.873 -5.181  6.467   1.00 95.38  ? 154 GLY A C    1 
ATOM   910  O  O    . GLY A 1 115 ? -17.242 -4.200  5.805   1.00 87.78  ? 154 GLY A O    1 
ATOM   911  N  N    . GLY A 1 116 ? -15.846 -5.180  7.320   1.00 93.38  ? 155 GLY A N    1 
ATOM   912  C  CA   . GLY A 1 116 ? -15.088 -3.972  7.694   1.00 91.25  ? 155 GLY A CA   1 
ATOM   913  C  C    . GLY A 1 116 ? -13.596 -4.236  7.754   1.00 83.10  ? 155 GLY A C    1 
ATOM   914  O  O    . GLY A 1 116 ? -13.198 -5.388  7.977   1.00 85.26  ? 155 GLY A O    1 
ATOM   915  N  N    . GLY A 1 117 ? -12.801 -3.185  7.576   1.00 77.82  ? 156 GLY A N    1 
ATOM   916  C  CA   . GLY A 1 117 ? -11.330 -3.225  7.648   1.00 77.42  ? 156 GLY A CA   1 
ATOM   917  C  C    . GLY A 1 117 ? -10.725 -3.509  6.289   1.00 70.14  ? 156 GLY A C    1 
ATOM   918  O  O    . GLY A 1 117 ? -10.120 -2.586  5.708   1.00 72.85  ? 156 GLY A O    1 
ATOM   919  N  N    . GLN A 1 118 ? -10.908 -4.734  5.793   1.00 60.49  ? 157 GLN A N    1 
ATOM   920  C  CA   . GLN A 1 118 ? -10.236 -5.266  4.578   1.00 59.86  ? 157 GLN A CA   1 
ATOM   921  C  C    . GLN A 1 118 ? -10.391 -4.295  3.405   1.00 51.29  ? 157 GLN A C    1 
ATOM   922  O  O    . GLN A 1 118 ? -11.446 -3.672  3.269   1.00 54.06  ? 157 GLN A O    1 
ATOM   923  C  CB   . GLN A 1 118 ? -10.830 -6.600  4.146   1.00 61.09  ? 157 GLN A CB   1 
ATOM   924  C  CG   . GLN A 1 118 ? -10.704 -7.680  5.197   1.00 69.93  ? 157 GLN A CG   1 
ATOM   925  C  CD   . GLN A 1 118 ? -12.034 -8.362  5.367   1.00 72.58  ? 157 GLN A CD   1 
ATOM   926  O  OE1  . GLN A 1 118 ? -12.149 -9.569  5.182   1.00 84.26  ? 157 GLN A OE1  1 
ATOM   927  N  NE2  . GLN A 1 118 ? -13.054 -7.578  5.680   1.00 72.50  ? 157 GLN A NE2  1 
ATOM   928  N  N    . ILE A 1 119 ? -9.365  -4.211  2.576   1.00 45.19  ? 158 ILE A N    1 
ATOM   929  C  CA   . ILE A 1 119 ? -9.402  -3.441  1.305   1.00 41.00  ? 158 ILE A CA   1 
ATOM   930  C  C    . ILE A 1 119 ? -9.499  -4.447  0.165   1.00 38.10  ? 158 ILE A C    1 
ATOM   931  O  O    . ILE A 1 119 ? -8.587  -5.297  0.061   1.00 31.93  ? 158 ILE A O    1 
ATOM   932  C  CB   . ILE A 1 119 ? -8.148  -2.558  1.202   1.00 37.40  ? 158 ILE A CB   1 
ATOM   933  C  CG1  . ILE A 1 119 ? -8.086  -1.560  2.360   1.00 36.42  ? 158 ILE A CG1  1 
ATOM   934  C  CG2  . ILE A 1 119 ? -8.074  -1.896  -0.157  1.00 40.51  ? 158 ILE A CG2  1 
ATOM   935  C  CD1  . ILE A 1 119 ? -9.373  -0.804  2.584   1.00 38.07  ? 158 ILE A CD1  1 
ATOM   936  N  N    . MET A 1 120 ? -10.564 -4.346  -0.638  1.00 38.47  ? 159 MET A N    1 
ATOM   937  C  CA   . MET A 1 120 ? -10.769 -5.247  -1.802  1.00 44.84  ? 159 MET A CA   1 
ATOM   938  C  C    . MET A 1 120 ? -9.936  -4.711  -2.959  1.00 38.54  ? 159 MET A C    1 
ATOM   939  O  O    . MET A 1 120 ? -10.043 -3.522  -3.248  1.00 36.37  ? 159 MET A O    1 
ATOM   940  C  CB   . MET A 1 120 ? -12.232 -5.367  -2.245  1.00 50.01  ? 159 MET A CB   1 
ATOM   941  C  CG   . MET A 1 120 ? -12.398 -6.261  -3.476  1.00 54.27  ? 159 MET A CG   1 
ATOM   942  S  SD   . MET A 1 120 ? -14.118 -6.532  -3.923  1.00 71.38  ? 159 MET A SD   1 
ATOM   943  C  CE   . MET A 1 120 ? -14.708 -4.849  -4.108  1.00 74.07  ? 159 MET A CE   1 
ATOM   944  N  N    . LEU A 1 121 ? -9.072  -5.561  -3.508  1.00 34.61  ? 160 LEU A N    1 
ATOM   945  C  CA   . LEU A 1 121 ? -8.291  -5.321  -4.739  1.00 33.07  ? 160 LEU A CA   1 
ATOM   946  C  C    . LEU A 1 121 ? -8.714  -6.357  -5.776  1.00 38.72  ? 160 LEU A C    1 
ATOM   947  O  O    . LEU A 1 121 ? -9.115  -7.472  -5.371  1.00 41.09  ? 160 LEU A O    1 
ATOM   948  C  CB   . LEU A 1 121 ? -6.794  -5.450  -4.444  1.00 36.82  ? 160 LEU A CB   1 
ATOM   949  C  CG   . LEU A 1 121 ? -6.209  -4.508  -3.398  1.00 33.45  ? 160 LEU A CG   1 
ATOM   950  C  CD1  . LEU A 1 121 ? -4.706  -4.697  -3.292  1.00 34.11  ? 160 LEU A CD1  1 
ATOM   951  C  CD2  . LEU A 1 121 ? -6.536  -3.052  -3.708  1.00 36.27  ? 160 LEU A CD2  1 
ATOM   952  N  N    . ASN A 1 122 ? -8.570  -6.033  -7.061  1.00 43.07  ? 161 ASN A N    1 
ATOM   953  C  CA   . ASN A 1 122 ? -8.784  -7.005  -8.165  1.00 44.02  ? 161 ASN A CA   1 
ATOM   954  C  C    . ASN A 1 122 ? -7.519  -7.828  -8.355  1.00 44.64  ? 161 ASN A C    1 
ATOM   955  O  O    . ASN A 1 122 ? -6.417  -7.246  -8.597  1.00 41.51  ? 161 ASN A O    1 
ATOM   956  C  CB   . ASN A 1 122 ? -9.160  -6.354  -9.491  1.00 48.52  ? 161 ASN A CB   1 
ATOM   957  C  CG   . ASN A 1 122 ? -10.491 -5.651  -9.419  1.00 51.04  ? 161 ASN A CG   1 
ATOM   958  O  OD1  . ASN A 1 122 ? -11.435 -6.170  -8.826  1.00 53.36  ? 161 ASN A OD1  1 
ATOM   959  N  ND2  . ASN A 1 122 ? -10.554 -4.455  -9.988  1.00 58.15  ? 161 ASN A ND2  1 
ATOM   960  N  N    . SER A 1 123 ? -7.687  -9.142  -8.292  1.00 41.43  ? 162 SER A N    1 
ATOM   961  C  CA   . SER A 1 123 ? -6.621  -10.128 -8.567  1.00 47.76  ? 162 SER A CA   1 
ATOM   962  C  C    . SER A 1 123 ? -6.026  -9.831  -9.950  1.00 40.78  ? 162 SER A C    1 
ATOM   963  O  O    . SER A 1 123 ? -6.803  -9.489  -10.848 1.00 41.69  ? 162 SER A O    1 
ATOM   964  C  CB   . SER A 1 123 ? -7.184  -11.527 -8.468  1.00 51.68  ? 162 SER A CB   1 
ATOM   965  O  OG   . SER A 1 123 ? -6.146  -12.446 -8.193  1.00 64.53  ? 162 SER A OG   1 
ATOM   966  N  N    . LEU A 1 124 ? -4.702  -9.923  -10.081 1.00 35.97  ? 163 LEU A N    1 
ATOM   967  C  CA   . LEU A 1 124 ? -3.921  -9.812  -11.342 1.00 40.85  ? 163 LEU A CA   1 
ATOM   968  C  C    . LEU A 1 124 ? -3.944  -8.373  -11.895 1.00 44.99  ? 163 LEU A C    1 
ATOM   969  O  O    . LEU A 1 124 ? -3.620  -8.186  -13.090 1.00 44.54  ? 163 LEU A O    1 
ATOM   970  C  CB   . LEU A 1 124 ? -4.457  -10.829 -12.354 1.00 43.66  ? 163 LEU A CB   1 
ATOM   971  C  CG   . LEU A 1 124 ? -4.381  -12.299 -11.908 1.00 46.49  ? 163 LEU A CG   1 
ATOM   972  C  CD1  . LEU A 1 124 ? -5.000  -13.219 -12.950 1.00 46.50  ? 163 LEU A CD1  1 
ATOM   973  C  CD2  . LEU A 1 124 ? -2.941  -12.733 -11.625 1.00 46.52  ? 163 LEU A CD2  1 
ATOM   974  N  N    . HIS A 1 125 ? -4.247  -7.385  -11.053 1.00 40.51  ? 164 HIS A N    1 
ATOM   975  C  CA   . HIS A 1 125 ? -4.064  -5.945  -11.362 1.00 39.49  ? 164 HIS A CA   1 
ATOM   976  C  C    . HIS A 1 125 ? -2.847  -5.455  -10.590 1.00 38.44  ? 164 HIS A C    1 
ATOM   977  O  O    . HIS A 1 125 ? -2.559  -6.002  -9.486  1.00 33.22  ? 164 HIS A O    1 
ATOM   978  C  CB   . HIS A 1 125 ? -5.347  -5.159  -11.103 1.00 42.71  ? 164 HIS A CB   1 
ATOM   979  C  CG   . HIS A 1 125 ? -6.395  -5.504  -12.105 1.00 51.91  ? 164 HIS A CG   1 
ATOM   980  N  ND1  . HIS A 1 125 ? -7.009  -6.747  -12.128 1.00 60.05  ? 164 HIS A ND1  1 
ATOM   981  C  CD2  . HIS A 1 125 ? -6.894  -4.817  -13.158 1.00 56.38  ? 164 HIS A CD2  1 
ATOM   982  C  CE1  . HIS A 1 125 ? -7.862  -6.800  -13.138 1.00 58.71  ? 164 HIS A CE1  1 
ATOM   983  N  NE2  . HIS A 1 125 ? -7.808  -5.633  -13.788 1.00 56.13  ? 164 HIS A NE2  1 
ATOM   984  N  N    . LYS A 1 126 ? -2.120  -4.531  -11.201 1.00 33.18  ? 165 LYS A N    1 
ATOM   985  C  CA   . LYS A 1 126 ? -0.894  -3.949  -10.630 1.00 34.42  ? 165 LYS A CA   1 
ATOM   986  C  C    . LYS A 1 126 ? -1.303  -2.682  -9.857  1.00 35.79  ? 165 LYS A C    1 
ATOM   987  O  O    . LYS A 1 126 ? -2.097  -1.885  -10.379 1.00 31.16  ? 165 LYS A O    1 
ATOM   988  C  CB   . LYS A 1 126 ? 0.099   -3.730  -11.765 1.00 35.61  ? 165 LYS A CB   1 
ATOM   989  C  CG   . LYS A 1 126 ? 1.350   -2.975  -11.371 1.00 41.52  ? 165 LYS A CG   1 
ATOM   990  C  CD   . LYS A 1 126 ? 2.366   -2.926  -12.471 1.00 42.22  ? 165 LYS A CD   1 
ATOM   991  C  CE   . LYS A 1 126 ? 2.889   -4.295  -12.829 1.00 46.49  ? 165 LYS A CE   1 
ATOM   992  N  NZ   . LYS A 1 126 ? 4.298   -4.223  -13.291 1.00 47.85  ? 165 LYS A NZ   1 
ATOM   993  N  N    . TYR A 1 127 ? -0.779  -2.512  -8.648  1.00 31.54  ? 166 TYR A N    1 
ATOM   994  C  CA   . TYR A 1 127 ? -1.256  -1.499  -7.673  1.00 30.02  ? 166 TYR A CA   1 
ATOM   995  C  C    . TYR A 1 127 ? -0.058  -0.696  -7.187  1.00 29.74  ? 166 TYR A C    1 
ATOM   996  O  O    . TYR A 1 127 ? 1.046   -1.255  -7.105  1.00 29.25  ? 166 TYR A O    1 
ATOM   997  C  CB   . TYR A 1 127 ? -2.018  -2.149  -6.518  1.00 29.53  ? 166 TYR A CB   1 
ATOM   998  C  CG   . TYR A 1 127 ? -3.403  -2.591  -6.901  1.00 29.23  ? 166 TYR A CG   1 
ATOM   999  C  CD1  . TYR A 1 127 ? -4.450  -1.697  -7.028  1.00 31.38  ? 166 TYR A CD1  1 
ATOM   1000 C  CD2  . TYR A 1 127 ? -3.645  -3.914  -7.216  1.00 34.27  ? 166 TYR A CD2  1 
ATOM   1001 C  CE1  . TYR A 1 127 ? -5.718  -2.112  -7.410  1.00 31.25  ? 166 TYR A CE1  1 
ATOM   1002 C  CE2  . TYR A 1 127 ? -4.894  -4.348  -7.612  1.00 31.37  ? 166 TYR A CE2  1 
ATOM   1003 C  CZ   . TYR A 1 127 ? -5.935  -3.449  -7.707  1.00 36.40  ? 166 TYR A CZ   1 
ATOM   1004 O  OH   . TYR A 1 127 ? -7.153  -3.941  -8.096  1.00 39.44  ? 166 TYR A OH   1 
ATOM   1005 N  N    . GLU A 1 128 ? -0.292  0.589   -6.914  1.00 29.74  ? 167 GLU A N    1 
ATOM   1006 C  CA   . GLU A 1 128 ? 0.696   1.501   -6.296  1.00 31.65  ? 167 GLU A CA   1 
ATOM   1007 C  C    . GLU A 1 128 ? 0.123   2.024   -4.990  1.00 28.30  ? 167 GLU A C    1 
ATOM   1008 O  O    . GLU A 1 128 ? -0.798  2.843   -5.029  1.00 29.91  ? 167 GLU A O    1 
ATOM   1009 C  CB   . GLU A 1 128 ? 0.998   2.710   -7.190  1.00 32.10  ? 167 GLU A CB   1 
ATOM   1010 C  CG   . GLU A 1 128 ? 2.163   3.514   -6.654  1.00 32.18  ? 167 GLU A CG   1 
ATOM   1011 C  CD   . GLU A 1 128 ? 2.770   4.397   -7.723  1.00 33.13  ? 167 GLU A CD   1 
ATOM   1012 O  OE1  . GLU A 1 128 ? 2.231   5.481   -7.895  1.00 29.09  ? 167 GLU A OE1  1 
ATOM   1013 O  OE2  . GLU A 1 128 ? 3.705   3.952   -8.404  1.00 28.96  ? 167 GLU A OE2  1 
ATOM   1014 N  N    . PRO A 1 129 ? 0.649   1.583   -3.824  1.00 27.70  ? 168 PRO A N    1 
ATOM   1015 C  CA   . PRO A 1 129 ? 0.263   2.156   -2.540  1.00 27.85  ? 168 PRO A CA   1 
ATOM   1016 C  C    . PRO A 1 129 ? 0.392   3.683   -2.484  1.00 27.40  ? 168 PRO A C    1 
ATOM   1017 O  O    . PRO A 1 129 ? 1.337   4.228   -3.012  1.00 25.89  ? 168 PRO A O    1 
ATOM   1018 C  CB   . PRO A 1 129 ? 1.218   1.498   -1.537  1.00 28.78  ? 168 PRO A CB   1 
ATOM   1019 C  CG   . PRO A 1 129 ? 1.480   0.125   -2.182  1.00 30.30  ? 168 PRO A CG   1 
ATOM   1020 C  CD   . PRO A 1 129 ? 1.558   0.429   -3.669  1.00 28.45  ? 168 PRO A CD   1 
ATOM   1021 N  N    . ARG A 1 130 ? -0.547  4.310   -1.788  1.00 27.55  ? 169 ARG A N    1 
ATOM   1022 C  CA   . ARG A 1 130 ? -0.631  5.787   -1.689  1.00 28.88  ? 169 ARG A CA   1 
ATOM   1023 C  C    . ARG A 1 130 ? -1.192  6.134   -0.314  1.00 27.71  ? 169 ARG A C    1 
ATOM   1024 O  O    . ARG A 1 130 ? -2.096  5.432   0.172   1.00 30.63  ? 169 ARG A O    1 
ATOM   1025 C  CB   . ARG A 1 130 ? -1.451  6.327   -2.865  1.00 29.01  ? 169 ARG A CB   1 
ATOM   1026 C  CG   . ARG A 1 130 ? -1.615  7.845   -2.885  1.00 28.38  ? 169 ARG A CG   1 
ATOM   1027 C  CD   . ARG A 1 130 ? -2.438  8.210   -4.091  1.00 28.01  ? 169 ARG A CD   1 
ATOM   1028 N  NE   . ARG A 1 130 ? -3.829  7.816   -3.907  1.00 27.19  ? 169 ARG A NE   1 
ATOM   1029 C  CZ   . ARG A 1 130 ? -4.819  8.097   -4.728  1.00 29.17  ? 169 ARG A CZ   1 
ATOM   1030 N  NH1  . ARG A 1 130 ? -4.583  8.824   -5.810  1.00 31.46  ? 169 ARG A NH1  1 
ATOM   1031 N  NH2  . ARG A 1 130 ? -6.054  7.718   -4.416  1.00 27.76  ? 169 ARG A NH2  1 
ATOM   1032 N  N    . ILE A 1 131 ? -0.627  7.135   0.344   1.00 28.83  ? 170 ILE A N    1 
ATOM   1033 C  CA   . ILE A 1 131 ? -1.225  7.638   1.610   1.00 30.92  ? 170 ILE A CA   1 
ATOM   1034 C  C    . ILE A 1 131 ? -1.748  9.059   1.392   1.00 34.80  ? 170 ILE A C    1 
ATOM   1035 O  O    . ILE A 1 131 ? -1.317  9.754   0.424   1.00 30.42  ? 170 ILE A O    1 
ATOM   1036 C  CB   . ILE A 1 131 ? -0.230  7.558   2.786   1.00 33.51  ? 170 ILE A CB   1 
ATOM   1037 C  CG1  . ILE A 1 131 ? 0.976   8.464   2.543   1.00 33.86  ? 170 ILE A CG1  1 
ATOM   1038 C  CG2  . ILE A 1 131 ? 0.190   6.112   3.041   1.00 34.52  ? 170 ILE A CG2  1 
ATOM   1039 C  CD1  . ILE A 1 131 ? 1.803   8.770   3.770   1.00 37.05  ? 170 ILE A CD1  1 
ATOM   1040 N  N    . HIS A 1 132 ? -2.655  9.430   2.287   1.00 33.06  ? 171 HIS A N    1 
ATOM   1041 C  CA   . HIS A 1 132 ? -3.213  10.774  2.506   1.00 34.30  ? 171 HIS A CA   1 
ATOM   1042 C  C    . HIS A 1 132 ? -3.004  11.102  3.986   1.00 34.13  ? 171 HIS A C    1 
ATOM   1043 O  O    . HIS A 1 132 ? -3.392  10.268  4.878   1.00 31.86  ? 171 HIS A O    1 
ATOM   1044 C  CB   . HIS A 1 132 ? -4.678  10.805  2.094   1.00 34.29  ? 171 HIS A CB   1 
ATOM   1045 C  CG   . HIS A 1 132 ? -4.960  10.097  0.816   1.00 39.36  ? 171 HIS A CG   1 
ATOM   1046 N  ND1  . HIS A 1 132 ? -4.740  10.697  -0.416  1.00 35.25  ? 171 HIS A ND1  1 
ATOM   1047 C  CD2  . HIS A 1 132 ? -5.491  8.882   0.569   1.00 36.72  ? 171 HIS A CD2  1 
ATOM   1048 C  CE1  . HIS A 1 132 ? -5.091  9.862   -1.365  1.00 36.36  ? 171 HIS A CE1  1 
ATOM   1049 N  NE2  . HIS A 1 132 ? -5.531  8.726   -0.788  1.00 38.84  ? 171 HIS A NE2  1 
ATOM   1050 N  N    . ILE A 1 133 ? -2.331  12.217  4.239   1.00 35.75  ? 172 ILE A N    1 
ATOM   1051 C  CA   . ILE A 1 133 ? -2.223  12.819  5.596   1.00 35.77  ? 172 ILE A CA   1 
ATOM   1052 C  C    . ILE A 1 133 ? -3.275  13.924  5.651   1.00 38.87  ? 172 ILE A C    1 
ATOM   1053 O  O    . ILE A 1 133 ? -3.148  14.915  4.844   1.00 34.93  ? 172 ILE A O    1 
ATOM   1054 C  CB   . ILE A 1 133 ? -0.780  13.285  5.849   1.00 38.91  ? 172 ILE A CB   1 
ATOM   1055 C  CG1  . ILE A 1 133 ? 0.169   12.094  5.725   1.00 37.69  ? 172 ILE A CG1  1 
ATOM   1056 C  CG2  . ILE A 1 133 ? -0.648  13.972  7.201   1.00 40.62  ? 172 ILE A CG2  1 
ATOM   1057 C  CD1  . ILE A 1 133 ? 1.630   12.460  5.718   1.00 38.86  ? 172 ILE A CD1  1 
ATOM   1058 N  N    . VAL A 1 134 ? -4.346  13.672  6.424   1.00 37.92  ? 173 VAL A N    1 
ATOM   1059 C  CA   . VAL A 1 134 ? -5.523  14.577  6.579   1.00 36.54  ? 173 VAL A CA   1 
ATOM   1060 C  C    . VAL A 1 134 ? -5.417  15.290  7.936   1.00 41.12  ? 173 VAL A C    1 
ATOM   1061 O  O    . VAL A 1 134 ? -5.507  14.603  8.991   1.00 38.21  ? 173 VAL A O    1 
ATOM   1062 C  CB   . VAL A 1 134 ? -6.867  13.846  6.414   1.00 37.88  ? 173 VAL A CB   1 
ATOM   1063 C  CG1  . VAL A 1 134 ? -8.027  14.840  6.367   1.00 39.70  ? 173 VAL A CG1  1 
ATOM   1064 C  CG2  . VAL A 1 134 ? -6.883  12.974  5.163   1.00 39.16  ? 173 VAL A CG2  1 
ATOM   1065 N  N    . ARG A 1 135 ? -5.173  16.604  7.895   1.00 42.13  ? 174 ARG A N    1 
ATOM   1066 C  CA   . ARG A 1 135 ? -5.270  17.523  9.064   1.00 46.58  ? 174 ARG A CA   1 
ATOM   1067 C  C    . ARG A 1 135 ? -6.742  17.712  9.424   1.00 44.11  ? 174 ARG A C    1 
ATOM   1068 O  O    . ARG A 1 135 ? -7.492  18.271  8.599   1.00 50.39  ? 174 ARG A O    1 
ATOM   1069 C  CB   . ARG A 1 135 ? -4.594  18.867  8.774   1.00 51.42  ? 174 ARG A CB   1 
ATOM   1070 C  CG   . ARG A 1 135 ? -4.305  19.683  10.028  1.00 54.19  ? 174 ARG A CG   1 
ATOM   1071 C  CD   . ARG A 1 135 ? -3.706  21.045  9.727   1.00 61.62  ? 174 ARG A CD   1 
ATOM   1072 N  NE   . ARG A 1 135 ? -3.424  21.766  10.968  1.00 66.72  ? 174 ARG A NE   1 
ATOM   1073 C  CZ   . ARG A 1 135 ? -2.510  22.727  11.118  1.00 66.56  ? 174 ARG A CZ   1 
ATOM   1074 N  NH1  . ARG A 1 135 ? -1.758  23.115  10.099  1.00 67.83  ? 174 ARG A NH1  1 
ATOM   1075 N  NH2  . ARG A 1 135 ? -2.339  23.290  12.302  1.00 65.30  ? 174 ARG A NH2  1 
ATOM   1076 N  N    . VAL A 1 136 ? -7.121  17.255  10.617  1.00 43.73  ? 175 VAL A N    1 
ATOM   1077 C  CA   . VAL A 1 136 ? -8.527  17.196  11.113  1.00 48.41  ? 175 VAL A CA   1 
ATOM   1078 C  C    . VAL A 1 136 ? -8.669  18.087  12.361  1.00 57.03  ? 175 VAL A C    1 
ATOM   1079 O  O    . VAL A 1 136 ? -7.642  18.408  13.000  1.00 54.49  ? 175 VAL A O    1 
ATOM   1080 C  CB   . VAL A 1 136 ? -8.904  15.736  11.435  1.00 52.57  ? 175 VAL A CB   1 
ATOM   1081 C  CG1  . VAL A 1 136 ? -8.870  14.841  10.206  1.00 57.82  ? 175 VAL A CG1  1 
ATOM   1082 C  CG2  . VAL A 1 136 ? -8.013  15.137  12.515  1.00 51.09  ? 175 VAL A CG2  1 
ATOM   1083 N  N    . GLY A 1 137 ? -9.901  18.435  12.741  1.00 68.63  ? 176 GLY A N    1 
ATOM   1084 C  CA   . GLY A 1 137 ? -10.198 19.165  13.992  1.00 80.77  ? 176 GLY A CA   1 
ATOM   1085 C  C    . GLY A 1 137 ? -9.989  20.666  13.857  1.00 89.55  ? 176 GLY A C    1 
ATOM   1086 O  O    . GLY A 1 137 ? -10.852 21.427  14.355  1.00 94.25  ? 176 GLY A O    1 
ATOM   1087 N  N    . GLY A 1 138 ? -8.874  21.077  13.234  1.00 92.96  ? 177 GLY A N    1 
ATOM   1088 C  CA   . GLY A 1 138 ? -8.554  22.480  12.905  1.00 90.94  ? 177 GLY A CA   1 
ATOM   1089 C  C    . GLY A 1 138 ? -9.643  23.105  12.040  1.00 93.20  ? 177 GLY A C    1 
ATOM   1090 O  O    . GLY A 1 138 ? -10.545 22.414  11.568  1.00 80.54  ? 177 GLY A O    1 
ATOM   1091 N  N    . PRO A 1 139 ? -9.601  24.438  11.821  1.00 102.29 ? 178 PRO A N    1 
ATOM   1092 C  CA   . PRO A 1 139 ? -10.593 25.105  10.977  1.00 99.48  ? 178 PRO A CA   1 
ATOM   1093 C  C    . PRO A 1 139 ? -10.318 24.755  9.508   1.00 100.17 ? 178 PRO A C    1 
ATOM   1094 O  O    . PRO A 1 139 ? -11.229 24.269  8.846   1.00 92.16  ? 178 PRO A O    1 
ATOM   1095 C  CB   . PRO A 1 139 ? -10.400 26.601  11.274  1.00 102.81 ? 178 PRO A CB   1 
ATOM   1096 C  CG   . PRO A 1 139 ? -8.971  26.722  11.799  1.00 104.89 ? 178 PRO A CG   1 
ATOM   1097 C  CD   . PRO A 1 139 ? -8.588  25.362  12.354  1.00 103.78 ? 178 PRO A CD   1 
ATOM   1098 N  N    . GLN A 1 140 ? -9.071  24.985  9.067   1.00 97.60  ? 179 GLN A N    1 
ATOM   1099 C  CA   . GLN A 1 140 ? -8.563  24.631  7.714   1.00 94.89  ? 179 GLN A CA   1 
ATOM   1100 C  C    . GLN A 1 140 ? -8.177  23.142  7.722   1.00 82.55  ? 179 GLN A C    1 
ATOM   1101 O  O    . GLN A 1 140 ? -7.033  22.802  8.103   1.00 76.24  ? 179 GLN A O    1 
ATOM   1102 C  CB   . GLN A 1 140 ? -7.443  25.590  7.270   1.00 99.22  ? 179 GLN A CB   1 
ATOM   1103 C  CG   . GLN A 1 140 ? -6.087  25.372  7.943   1.00 110.83 ? 179 GLN A CG   1 
ATOM   1104 C  CD   . GLN A 1 140 ? -5.040  26.406  7.584   1.00 115.80 ? 179 GLN A CD   1 
ATOM   1105 O  OE1  . GLN A 1 140 ? -4.782  26.685  6.416   1.00 103.77 ? 179 GLN A OE1  1 
ATOM   1106 N  NE2  . GLN A 1 140 ? -4.384  26.956  8.596   1.00 114.13 ? 179 GLN A NE2  1 
ATOM   1107 N  N    . ARG A 1 141 ? -9.129  22.282  7.351   1.00 64.80  ? 180 ARG A N    1 
ATOM   1108 C  CA   . ARG A 1 141 ? -8.869  20.927  6.793   1.00 63.92  ? 180 ARG A CA   1 
ATOM   1109 C  C    . ARG A 1 141 ? -7.789  21.033  5.700   1.00 55.35  ? 180 ARG A C    1 
ATOM   1110 O  O    . ARG A 1 141 ? -7.769  22.061  4.979   1.00 46.00  ? 180 ARG A O    1 
ATOM   1111 C  CB   . ARG A 1 141 ? -10.170 20.335  6.238   1.00 70.14  ? 180 ARG A CB   1 
ATOM   1112 C  CG   . ARG A 1 141 ? -9.995  19.039  5.452   1.00 81.16  ? 180 ARG A CG   1 
ATOM   1113 C  CD   . ARG A 1 141 ? -11.047 17.996  5.773   1.00 85.65  ? 180 ARG A CD   1 
ATOM   1114 N  NE   . ARG A 1 141 ? -10.916 17.575  7.164   1.00 92.96  ? 180 ARG A NE   1 
ATOM   1115 C  CZ   . ARG A 1 141 ? -11.796 16.832  7.831   1.00 95.61  ? 180 ARG A CZ   1 
ATOM   1116 N  NH1  . ARG A 1 141 ? -11.566 16.517  9.094   1.00 100.10 ? 180 ARG A NH1  1 
ATOM   1117 N  NH2  . ARG A 1 141 ? -12.904 16.410  7.247   1.00 98.45  ? 180 ARG A NH2  1 
ATOM   1118 N  N    . MET A 1 142 ? -6.916  20.025  5.589   1.00 45.66  ? 181 MET A N    1 
ATOM   1119 C  CA   . MET A 1 142 ? -5.848  19.938  4.556   1.00 46.04  ? 181 MET A CA   1 
ATOM   1120 C  C    . MET A 1 142 ? -5.501  18.467  4.289   1.00 43.79  ? 181 MET A C    1 
ATOM   1121 O  O    . MET A 1 142 ? -5.513  17.670  5.252   1.00 36.26  ? 181 MET A O    1 
ATOM   1122 C  CB   . MET A 1 142 ? -4.585  20.692  4.989   1.00 45.14  ? 181 MET A CB   1 
ATOM   1123 C  CG   . MET A 1 142 ? -3.511  20.774  3.899   1.00 48.10  ? 181 MET A CG   1 
ATOM   1124 S  SD   . MET A 1 142 ? -4.091  21.351  2.253   1.00 48.47  ? 181 MET A SD   1 
ATOM   1125 C  CE   . MET A 1 142 ? -2.551  21.209  1.349   1.00 51.62  ? 181 MET A CE   1 
ATOM   1126 N  N    . ILE A 1 143 ? -5.200  18.121  3.031   1.00 37.71  ? 182 ILE A N    1 
ATOM   1127 C  CA   . ILE A 1 143 ? -4.765  16.744  2.642   1.00 37.85  ? 182 ILE A CA   1 
ATOM   1128 C  C    . ILE A 1 143 ? -3.427  16.866  1.931   1.00 39.29  ? 182 ILE A C    1 
ATOM   1129 O  O    . ILE A 1 143 ? -3.352  17.697  0.990   1.00 35.43  ? 182 ILE A O    1 
ATOM   1130 C  CB   . ILE A 1 143 ? -5.798  16.052  1.741   1.00 37.96  ? 182 ILE A CB   1 
ATOM   1131 C  CG1  . ILE A 1 143 ? -7.108  15.807  2.481   1.00 39.12  ? 182 ILE A CG1  1 
ATOM   1132 C  CG2  . ILE A 1 143 ? -5.222  14.769  1.131   1.00 36.30  ? 182 ILE A CG2  1 
ATOM   1133 C  CD1  . ILE A 1 143 ? -8.283  15.652  1.576   1.00 44.57  ? 182 ILE A CD1  1 
ATOM   1134 N  N    . THR A 1 144 ? -2.433  16.070  2.332   1.00 37.10  ? 183 THR A N    1 
ATOM   1135 C  CA   . THR A 1 144 ? -1.222  15.848  1.505   1.00 41.06  ? 183 THR A CA   1 
ATOM   1136 C  C    . THR A 1 144 ? -1.150  14.344  1.177   1.00 42.90  ? 183 THR A C    1 
ATOM   1137 O  O    . THR A 1 144 ? -1.330  13.479  2.090   1.00 33.90  ? 183 THR A O    1 
ATOM   1138 C  CB   . THR A 1 144 ? 0.038   16.542  2.049   1.00 42.28  ? 183 THR A CB   1 
ATOM   1139 O  OG1  . THR A 1 144 ? 0.968   15.604  2.559   1.00 56.42  ? 183 THR A OG1  1 
ATOM   1140 C  CG2  . THR A 1 144 ? -0.214  17.586  3.111   1.00 43.90  ? 183 THR A CG2  1 
ATOM   1141 N  N    . SER A 1 145 ? -0.970  14.059  -0.118  1.00 38.24  ? 184 SER A N    1 
ATOM   1142 C  CA   . SER A 1 145 ? -0.924  12.692  -0.682  1.00 35.11  ? 184 SER A CA   1 
ATOM   1143 C  C    . SER A 1 145 ? 0.501   12.369  -1.083  1.00 35.42  ? 184 SER A C    1 
ATOM   1144 O  O    . SER A 1 145 ? 1.209   13.254  -1.527  1.00 41.55  ? 184 SER A O    1 
ATOM   1145 C  CB   . SER A 1 145 ? -1.889  12.554  -1.791  1.00 32.56  ? 184 SER A CB   1 
ATOM   1146 O  OG   . SER A 1 145 ? -3.198  12.831  -1.295  1.00 33.32  ? 184 SER A OG   1 
ATOM   1147 N  N    . HIS A 1 146 ? 0.897   11.117  -0.912  1.00 33.03  ? 185 HIS A N    1 
ATOM   1148 C  CA   . HIS A 1 146 ? 2.209   10.612  -1.335  1.00 31.93  ? 185 HIS A CA   1 
ATOM   1149 C  C    . HIS A 1 146 ? 2.065   9.177   -1.862  1.00 32.23  ? 185 HIS A C    1 
ATOM   1150 O  O    . HIS A 1 146 ? 1.427   8.322   -1.177  1.00 36.40  ? 185 HIS A O    1 
ATOM   1151 C  CB   . HIS A 1 146 ? 3.202   10.736  -0.185  1.00 33.88  ? 185 HIS A CB   1 
ATOM   1152 C  CG   . HIS A 1 146 ? 4.602   10.694  -0.670  1.00 34.35  ? 185 HIS A CG   1 
ATOM   1153 N  ND1  . HIS A 1 146 ? 5.268   9.501   -0.882  1.00 42.74  ? 185 HIS A ND1  1 
ATOM   1154 C  CD2  . HIS A 1 146 ? 5.448   11.674  -1.028  1.00 34.93  ? 185 HIS A CD2  1 
ATOM   1155 C  CE1  . HIS A 1 146 ? 6.466   9.753   -1.355  1.00 38.23  ? 185 HIS A CE1  1 
ATOM   1156 N  NE2  . HIS A 1 146 ? 6.598   11.069  -1.444  1.00 38.02  ? 185 HIS A NE2  1 
ATOM   1157 N  N    A CYS A 1 147 ? 2.671   8.939   -3.028  0.25 31.68  ? 186 CYS A N    1 
ATOM   1158 N  N    B CYS A 1 147 ? 2.585   8.887   -3.058  0.25 29.31  ? 186 CYS A N    1 
ATOM   1159 C  CA   A CYS A 1 147 ? 2.757   7.634   -3.731  0.25 31.76  ? 186 CYS A CA   1 
ATOM   1160 C  CA   B CYS A 1 147 ? 2.574   7.510   -3.627  0.25 27.82  ? 186 CYS A CA   1 
ATOM   1161 C  C    A CYS A 1 147 ? 4.055   6.933   -3.366  0.25 31.02  ? 186 CYS A C    1 
ATOM   1162 C  C    B CYS A 1 147 ? 3.994   6.935   -3.569  0.25 28.92  ? 186 CYS A C    1 
ATOM   1163 O  O    A CYS A 1 147 ? 5.016   7.641   -3.014  0.25 29.73  ? 186 CYS A O    1 
ATOM   1164 O  O    B CYS A 1 147 ? 4.954   7.717   -3.575  0.25 28.22  ? 186 CYS A O    1 
ATOM   1165 C  CB   A CYS A 1 147 ? 2.765   7.841   -5.235  0.25 31.67  ? 186 CYS A CB   1 
ATOM   1166 C  CB   B CYS A 1 147 ? 1.945   7.473   -5.020  0.25 25.81  ? 186 CYS A CB   1 
ATOM   1167 S  SG   A CYS A 1 147 ? 1.121   8.239   -5.853  0.25 31.21  ? 186 CYS A SG   1 
ATOM   1168 S  SG   B CYS A 1 147 ? 2.780   8.459   -6.289  0.25 20.11  ? 186 CYS A SG   1 
ATOM   1169 N  N    . PHE A 1 148 ? 4.095   5.603   -3.488  1.00 32.83  ? 187 PHE A N    1 
ATOM   1170 C  CA   . PHE A 1 148 ? 5.347   4.859   -3.232  1.00 31.26  ? 187 PHE A CA   1 
ATOM   1171 C  C    . PHE A 1 148 ? 5.597   3.907   -4.392  1.00 35.07  ? 187 PHE A C    1 
ATOM   1172 O  O    . PHE A 1 148 ? 5.280   2.711   -4.300  1.00 37.23  ? 187 PHE A O    1 
ATOM   1173 C  CB   . PHE A 1 148 ? 5.251   4.192   -1.861  1.00 32.43  ? 187 PHE A CB   1 
ATOM   1174 C  CG   . PHE A 1 148 ? 5.065   5.150   -0.710  1.00 32.42  ? 187 PHE A CG   1 
ATOM   1175 C  CD1  . PHE A 1 148 ? 6.168   5.732   -0.092  1.00 35.03  ? 187 PHE A CD1  1 
ATOM   1176 C  CD2  . PHE A 1 148 ? 3.791   5.476   -0.257  1.00 34.49  ? 187 PHE A CD2  1 
ATOM   1177 C  CE1  . PHE A 1 148 ? 6.001   6.610   0.972   1.00 36.24  ? 187 PHE A CE1  1 
ATOM   1178 C  CE2  . PHE A 1 148 ? 3.624   6.337   0.821   1.00 35.66  ? 187 PHE A CE2  1 
ATOM   1179 C  CZ   . PHE A 1 148 ? 4.727   6.903   1.432   1.00 36.55  ? 187 PHE A CZ   1 
ATOM   1180 N  N    . PRO A 1 149 ? 6.192   4.417   -5.500  1.00 35.66  ? 188 PRO A N    1 
ATOM   1181 C  CA   . PRO A 1 149 ? 6.500   3.591   -6.662  1.00 32.82  ? 188 PRO A CA   1 
ATOM   1182 C  C    . PRO A 1 149 ? 7.233   2.290   -6.301  1.00 31.31  ? 188 PRO A C    1 
ATOM   1183 O  O    . PRO A 1 149 ? 6.982   1.288   -6.894  1.00 29.82  ? 188 PRO A O    1 
ATOM   1184 C  CB   . PRO A 1 149 ? 7.434   4.481   -7.489  1.00 33.76  ? 188 PRO A CB   1 
ATOM   1185 C  CG   . PRO A 1 149 ? 7.018   5.898   -7.143  1.00 38.74  ? 188 PRO A CG   1 
ATOM   1186 C  CD   . PRO A 1 149 ? 6.554   5.831   -5.706  1.00 36.86  ? 188 PRO A CD   1 
ATOM   1187 N  N    . GLU A 1 150 ? 8.145   2.387   -5.339  1.00 35.30  ? 189 GLU A N    1 
ATOM   1188 C  CA   . GLU A 1 150 ? 9.086   1.325   -4.908  1.00 39.41  ? 189 GLU A CA   1 
ATOM   1189 C  C    . GLU A 1 150 ? 8.275   0.152   -4.341  1.00 33.95  ? 189 GLU A C    1 
ATOM   1190 O  O    . GLU A 1 150 ? 8.819   -0.950  -4.217  1.00 34.57  ? 189 GLU A O    1 
ATOM   1191 C  CB   . GLU A 1 150 ? 10.074  1.924   -3.891  1.00 42.83  ? 189 GLU A CB   1 
ATOM   1192 C  CG   . GLU A 1 150 ? 10.471  3.393   -4.151  1.00 48.59  ? 189 GLU A CG   1 
ATOM   1193 C  CD   . GLU A 1 150 ? 9.898   4.538   -3.282  1.00 45.44  ? 189 GLU A CD   1 
ATOM   1194 O  OE1  . GLU A 1 150 ? 10.723  5.279   -2.680  1.00 54.95  ? 189 GLU A OE1  1 
ATOM   1195 O  OE2  . GLU A 1 150 ? 8.659   4.737   -3.212  1.00 27.19  ? 189 GLU A OE2  1 
ATOM   1196 N  N    . THR A 1 151 ? 7.006   0.383   -3.987  1.00 35.48  ? 190 THR A N    1 
ATOM   1197 C  CA   . THR A 1 151 ? 6.160   -0.603  -3.266  1.00 33.14  ? 190 THR A CA   1 
ATOM   1198 C  C    . THR A 1 151 ? 5.093   -1.183  -4.192  1.00 32.88  ? 190 THR A C    1 
ATOM   1199 O  O    . THR A 1 151 ? 4.186   -1.833  -3.663  1.00 29.52  ? 190 THR A O    1 
ATOM   1200 C  CB   . THR A 1 151 ? 5.499   -0.018  -2.007  1.00 30.93  ? 190 THR A CB   1 
ATOM   1201 O  OG1  . THR A 1 151 ? 4.520   0.957   -2.355  1.00 26.44  ? 190 THR A OG1  1 
ATOM   1202 C  CG2  . THR A 1 151 ? 6.518   0.563   -1.055  1.00 31.03  ? 190 THR A CG2  1 
ATOM   1203 N  N    . GLN A 1 152 ? 5.177   -0.928  -5.500  1.00 29.85  ? 191 GLN A N    1 
ATOM   1204 C  CA   . GLN A 1 152 ? 4.230   -1.508  -6.487  1.00 32.68  ? 191 GLN A CA   1 
ATOM   1205 C  C    . GLN A 1 152 ? 4.189   -3.041  -6.400  1.00 32.31  ? 191 GLN A C    1 
ATOM   1206 O  O    . GLN A 1 152 ? 5.217   -3.683  -6.124  1.00 33.28  ? 191 GLN A O    1 
ATOM   1207 C  CB   . GLN A 1 152 ? 4.597   -1.077  -7.903  1.00 37.88  ? 191 GLN A CB   1 
ATOM   1208 C  CG   . GLN A 1 152 ? 4.095   0.328   -8.232  1.00 43.66  ? 191 GLN A CG   1 
ATOM   1209 C  CD   . GLN A 1 152 ? 4.254   0.638   -9.697  1.00 49.79  ? 191 GLN A CD   1 
ATOM   1210 O  OE1  . GLN A 1 152 ? 4.772   -0.191  -10.440 1.00 53.07  ? 191 GLN A OE1  1 
ATOM   1211 N  NE2  . GLN A 1 152 ? 3.836   1.836   -10.109 1.00 52.45  ? 191 GLN A NE2  1 
ATOM   1212 N  N    . PHE A 1 153 ? 3.021   -3.615  -6.668  1.00 30.38  ? 192 PHE A N    1 
ATOM   1213 C  CA   . PHE A 1 153 ? 2.836   -5.079  -6.656  1.00 30.78  ? 192 PHE A CA   1 
ATOM   1214 C  C    . PHE A 1 153 ? 1.637   -5.438  -7.508  1.00 31.54  ? 192 PHE A C    1 
ATOM   1215 O  O    . PHE A 1 153 ? 0.728   -4.589  -7.702  1.00 31.34  ? 192 PHE A O    1 
ATOM   1216 C  CB   . PHE A 1 153 ? 2.614   -5.601  -5.220  1.00 30.89  ? 192 PHE A CB   1 
ATOM   1217 C  CG   . PHE A 1 153 ? 1.373   -5.096  -4.539  1.00 27.03  ? 192 PHE A CG   1 
ATOM   1218 C  CD1  . PHE A 1 153 ? 0.155   -5.717  -4.735  1.00 27.68  ? 192 PHE A CD1  1 
ATOM   1219 C  CD2  . PHE A 1 153 ? 1.418   -3.975  -3.724  1.00 28.64  ? 192 PHE A CD2  1 
ATOM   1220 C  CE1  . PHE A 1 153 ? -0.994  -5.237  -4.127  1.00 26.42  ? 192 PHE A CE1  1 
ATOM   1221 C  CE2  . PHE A 1 153 ? 0.272   -3.496  -3.122  1.00 26.76  ? 192 PHE A CE2  1 
ATOM   1222 C  CZ   . PHE A 1 153 ? -0.929  -4.138  -3.304  1.00 29.27  ? 192 PHE A CZ   1 
ATOM   1223 N  N    . ILE A 1 154 ? 1.626   -6.696  -7.948  1.00 30.61  ? 193 ILE A N    1 
ATOM   1224 C  CA   . ILE A 1 154 ? 0.440   -7.370  -8.533  1.00 31.57  ? 193 ILE A CA   1 
ATOM   1225 C  C    . ILE A 1 154 ? -0.250  -8.152  -7.418  1.00 31.44  ? 193 ILE A C    1 
ATOM   1226 O  O    . ILE A 1 154 ? 0.468   -8.859  -6.699  1.00 36.94  ? 193 ILE A O    1 
ATOM   1227 C  CB   . ILE A 1 154 ? 0.877   -8.281  -9.694  1.00 35.10  ? 193 ILE A CB   1 
ATOM   1228 C  CG1  . ILE A 1 154 ? 1.647   -7.462  -10.737 1.00 40.87  ? 193 ILE A CG1  1 
ATOM   1229 C  CG2  . ILE A 1 154 ? -0.348  -8.999  -10.255 1.00 34.38  ? 193 ILE A CG2  1 
ATOM   1230 C  CD1  . ILE A 1 154 ? 2.271   -8.270  -11.853 1.00 45.42  ? 193 ILE A CD1  1 
ATOM   1231 N  N    . ALA A 1 155 ? -1.561  -7.964  -7.259  1.00 31.62  ? 194 ALA A N    1 
ATOM   1232 C  CA   . ALA A 1 155 ? -2.434  -8.737  -6.350  1.00 34.98  ? 194 ALA A CA   1 
ATOM   1233 C  C    . ALA A 1 155 ? -2.635  -10.140 -6.948  1.00 39.47  ? 194 ALA A C    1 
ATOM   1234 O  O    . ALA A 1 155 ? -3.044  -10.229 -8.134  1.00 39.17  ? 194 ALA A O    1 
ATOM   1235 C  CB   . ALA A 1 155 ? -3.760  -8.033  -6.167  1.00 34.89  ? 194 ALA A CB   1 
ATOM   1236 N  N    . VAL A 1 156 ? -2.349  -11.182 -6.172  1.00 38.81  ? 195 VAL A N    1 
ATOM   1237 C  CA   . VAL A 1 156 ? -2.373  -12.609 -6.637  1.00 39.61  ? 195 VAL A CA   1 
ATOM   1238 C  C    . VAL A 1 156 ? -3.057  -13.478 -5.574  1.00 39.94  ? 195 VAL A C    1 
ATOM   1239 O  O    . VAL A 1 156 ? -3.006  -13.124 -4.390  1.00 36.84  ? 195 VAL A O    1 
ATOM   1240 C  CB   . VAL A 1 156 ? -0.960  -13.121 -6.958  1.00 37.33  ? 195 VAL A CB   1 
ATOM   1241 C  CG1  . VAL A 1 156 ? -0.300  -12.290 -8.054  1.00 36.82  ? 195 VAL A CG1  1 
ATOM   1242 C  CG2  . VAL A 1 156 ? -0.073  -13.214 -5.723  1.00 38.01  ? 195 VAL A CG2  1 
ATOM   1243 N  N    . THR A 1 157 ? -3.730  -14.553 -5.984  1.00 41.45  ? 196 THR A N    1 
ATOM   1244 C  CA   . THR A 1 157 ? -4.319  -15.538 -5.034  1.00 41.93  ? 196 THR A CA   1 
ATOM   1245 C  C    . THR A 1 157 ? -3.247  -16.524 -4.558  1.00 35.88  ? 196 THR A C    1 
ATOM   1246 O  O    . THR A 1 157 ? -3.475  -17.080 -3.505  1.00 39.47  ? 196 THR A O    1 
ATOM   1247 C  CB   . THR A 1 157 ? -5.517  -16.289 -5.627  1.00 40.81  ? 196 THR A CB   1 
ATOM   1248 O  OG1  . THR A 1 157 ? -5.049  -16.989 -6.778  1.00 42.07  ? 196 THR A OG1  1 
ATOM   1249 C  CG2  . THR A 1 157 ? -6.661  -15.367 -5.974  1.00 41.17  ? 196 THR A CG2  1 
ATOM   1250 N  N    . ALA A 1 158 ? -2.156  -16.732 -5.304  1.00 39.68  ? 197 ALA A N    1 
ATOM   1251 C  CA   . ALA A 1 158 ? -0.935  -17.475 -4.879  1.00 40.57  ? 197 ALA A CA   1 
ATOM   1252 C  C    . ALA A 1 158 ? 0.283   -16.929 -5.629  1.00 36.98  ? 197 ALA A C    1 
ATOM   1253 O  O    . ALA A 1 158 ? 0.074   -16.347 -6.702  1.00 34.46  ? 197 ALA A O    1 
ATOM   1254 C  CB   . ALA A 1 158 ? -1.089  -18.958 -5.137  1.00 41.63  ? 197 ALA A CB   1 
ATOM   1255 N  N    . TYR A 1 159 ? 1.500   -17.112 -5.099  1.00 36.53  ? 198 TYR A N    1 
ATOM   1256 C  CA   . TYR A 1 159 ? 2.736   -16.571 -5.700  1.00 35.33  ? 198 TYR A CA   1 
ATOM   1257 C  C    . TYR A 1 159 ? 3.048   -17.306 -7.002  1.00 41.08  ? 198 TYR A C    1 
ATOM   1258 O  O    . TYR A 1 159 ? 2.874   -18.510 -7.089  1.00 38.73  ? 198 TYR A O    1 
ATOM   1259 C  CB   . TYR A 1 159 ? 3.902   -16.597 -4.717  1.00 39.72  ? 198 TYR A CB   1 
ATOM   1260 C  CG   . TYR A 1 159 ? 3.724   -15.695 -3.520  1.00 39.21  ? 198 TYR A CG   1 
ATOM   1261 C  CD1  . TYR A 1 159 ? 3.344   -14.367 -3.670  1.00 39.69  ? 198 TYR A CD1  1 
ATOM   1262 C  CD2  . TYR A 1 159 ? 3.934   -16.169 -2.234  1.00 40.30  ? 198 TYR A CD2  1 
ATOM   1263 C  CE1  . TYR A 1 159 ? 3.150   -13.540 -2.578  1.00 38.77  ? 198 TYR A CE1  1 
ATOM   1264 C  CE2  . TYR A 1 159 ? 3.756   -15.354 -1.128  1.00 42.02  ? 198 TYR A CE2  1 
ATOM   1265 C  CZ   . TYR A 1 159 ? 3.371   -14.035 -1.307  1.00 41.43  ? 198 TYR A CZ   1 
ATOM   1266 O  OH   . TYR A 1 159 ? 3.191   -13.225 -0.241  1.00 39.79  ? 198 TYR A OH   1 
ATOM   1267 N  N    . GLN A 1 160 ? 3.493   -16.562 -8.017  1.00 37.47  ? 199 GLN A N    1 
ATOM   1268 C  CA   . GLN A 1 160 ? 3.807   -17.112 -9.356  1.00 35.70  ? 199 GLN A CA   1 
ATOM   1269 C  C    . GLN A 1 160 ? 5.314   -17.180 -9.499  1.00 36.20  ? 199 GLN A C    1 
ATOM   1270 O  O    . GLN A 1 160 ? 5.812   -18.167 -10.006 1.00 36.90  ? 199 GLN A O    1 
ATOM   1271 C  CB   . GLN A 1 160 ? 3.214   -16.208 -10.438 1.00 38.51  ? 199 GLN A CB   1 
ATOM   1272 C  CG   . GLN A 1 160 ? 1.710   -16.044 -10.334 1.00 44.97  ? 199 GLN A CG   1 
ATOM   1273 C  CD   . GLN A 1 160 ? 1.014   -17.373 -10.470 1.00 44.95  ? 199 GLN A CD   1 
ATOM   1274 O  OE1  . GLN A 1 160 ? 1.142   -18.055 -11.479 1.00 49.19  ? 199 GLN A OE1  1 
ATOM   1275 N  NE2  . GLN A 1 160 ? 0.296   -17.755 -9.429  1.00 44.84  ? 199 GLN A NE2  1 
ATOM   1276 N  N    . ASN A 1 161 ? 6.000   -16.117 -9.081  1.00 35.64  ? 200 ASN A N    1 
ATOM   1277 C  CA   . ASN A 1 161 ? 7.471   -16.016 -9.157  1.00 37.07  ? 200 ASN A CA   1 
ATOM   1278 C  C    . ASN A 1 161 ? 8.001   -16.525 -7.816  1.00 38.64  ? 200 ASN A C    1 
ATOM   1279 O  O    . ASN A 1 161 ? 7.775   -15.856 -6.801  1.00 37.75  ? 200 ASN A O    1 
ATOM   1280 C  CB   . ASN A 1 161 ? 7.911   -14.597 -9.495  1.00 36.96  ? 200 ASN A CB   1 
ATOM   1281 C  CG   . ASN A 1 161 ? 9.409   -14.439 -9.600  1.00 35.94  ? 200 ASN A CG   1 
ATOM   1282 O  OD1  . ASN A 1 161 ? 10.153  -15.409 -9.574  1.00 39.00  ? 200 ASN A OD1  1 
ATOM   1283 N  ND2  . ASN A 1 161 ? 9.868   -13.205 -9.672  1.00 42.08  ? 200 ASN A ND2  1 
ATOM   1284 N  N    . GLU A 1 162 ? 8.695   -17.661 -7.828  1.00 38.04  ? 201 GLU A N    1 
ATOM   1285 C  CA   . GLU A 1 162 ? 9.204   -18.312 -6.596  1.00 39.51  ? 201 GLU A CA   1 
ATOM   1286 C  C    . GLU A 1 162 ? 10.350  -17.450 -6.044  1.00 33.18  ? 201 GLU A C    1 
ATOM   1287 O  O    . GLU A 1 162 ? 10.580  -17.484 -4.875  1.00 36.01  ? 201 GLU A O    1 
ATOM   1288 C  CB   . GLU A 1 162 ? 9.578   -19.761 -6.907  1.00 42.71  ? 201 GLU A CB   1 
ATOM   1289 C  CG   . GLU A 1 162 ? 11.063  -19.970 -7.082  1.00 52.53  ? 201 GLU A CG   1 
ATOM   1290 C  CD   . GLU A 1 162 ? 11.539  -20.762 -8.282  1.00 63.79  ? 201 GLU A CD   1 
ATOM   1291 O  OE1  . GLU A 1 162 ? 12.374  -21.688 -8.082  1.00 59.24  ? 201 GLU A OE1  1 
ATOM   1292 O  OE2  . GLU A 1 162 ? 11.143  -20.395 -9.417  1.00 80.98  ? 201 GLU A OE2  1 
ATOM   1293 N  N    . GLU A 1 163 ? 11.013  -16.654 -6.875  1.00 39.45  ? 202 GLU A N    1 
ATOM   1294 C  CA   . GLU A 1 163 ? 12.020  -15.668 -6.400  1.00 39.48  ? 202 GLU A CA   1 
ATOM   1295 C  C    . GLU A 1 163 ? 11.358  -14.720 -5.385  1.00 33.08  ? 202 GLU A C    1 
ATOM   1296 O  O    . GLU A 1 163 ? 12.028  -14.297 -4.472  1.00 34.36  ? 202 GLU A O    1 
ATOM   1297 C  CB   . GLU A 1 163 ? 12.598  -14.877 -7.572  1.00 40.79  ? 202 GLU A CB   1 
ATOM   1298 C  CG   . GLU A 1 163 ? 13.527  -15.662 -8.469  1.00 46.11  ? 202 GLU A CG   1 
ATOM   1299 C  CD   . GLU A 1 163 ? 14.032  -14.815 -9.628  1.00 54.11  ? 202 GLU A CD   1 
ATOM   1300 O  OE1  . GLU A 1 163 ? 15.272  -14.683 -9.784  1.00 60.04  ? 202 GLU A OE1  1 
ATOM   1301 O  OE2  . GLU A 1 163 ? 13.182  -14.227 -10.329 1.00 58.08  ? 202 GLU A OE2  1 
ATOM   1302 N  N    . ILE A 1 164 ? 10.070  -14.431 -5.543  1.00 34.06  ? 203 ILE A N    1 
ATOM   1303 C  CA   . ILE A 1 164 ? 9.296   -13.561 -4.611  1.00 36.04  ? 203 ILE A CA   1 
ATOM   1304 C  C    . ILE A 1 164 ? 9.026   -14.368 -3.336  1.00 36.00  ? 203 ILE A C    1 
ATOM   1305 O  O    . ILE A 1 164 ? 9.303   -13.878 -2.230  1.00 33.94  ? 203 ILE A O    1 
ATOM   1306 C  CB   . ILE A 1 164 ? 8.015   -13.066 -5.305  1.00 34.03  ? 203 ILE A CB   1 
ATOM   1307 C  CG1  . ILE A 1 164 ? 8.364   -12.055 -6.397  1.00 35.24  ? 203 ILE A CG1  1 
ATOM   1308 C  CG2  . ILE A 1 164 ? 6.995   -12.503 -4.318  1.00 38.06  ? 203 ILE A CG2  1 
ATOM   1309 C  CD1  . ILE A 1 164 ? 8.922   -10.742 -5.855  1.00 39.02  ? 203 ILE A CD1  1 
ATOM   1310 N  N    . THR A 1 165 ? 8.523   -15.585 -3.503  1.00 37.76  ? 204 THR A N    1 
ATOM   1311 C  CA   . THR A 1 165 ? 8.263   -16.527 -2.391  1.00 35.61  ? 204 THR A CA   1 
ATOM   1312 C  C    . THR A 1 165 ? 9.518   -16.571 -1.527  1.00 33.19  ? 204 THR A C    1 
ATOM   1313 O  O    . THR A 1 165 ? 9.391   -16.312 -0.329  1.00 33.60  ? 204 THR A O    1 
ATOM   1314 C  CB   . THR A 1 165 ? 7.826   -17.892 -2.915  1.00 35.71  ? 204 THR A CB   1 
ATOM   1315 O  OG1  . THR A 1 165 ? 6.877   -17.632 -3.951  1.00 34.44  ? 204 THR A OG1  1 
ATOM   1316 C  CG2  . THR A 1 165 ? 7.258   -18.777 -1.821  1.00 35.89  ? 204 THR A CG2  1 
ATOM   1317 N  N    . ALA A 1 166 ? 10.685  -16.773 -2.140  1.00 34.41  ? 205 ALA A N    1 
ATOM   1318 C  CA   . ALA A 1 166 ? 11.979  -16.889 -1.425  1.00 35.77  ? 205 ALA A CA   1 
ATOM   1319 C  C    . ALA A 1 166 ? 12.277  -15.597 -0.656  1.00 38.87  ? 205 ALA A C    1 
ATOM   1320 O  O    . ALA A 1 166 ? 12.709  -15.679 0.507   1.00 34.58  ? 205 ALA A O    1 
ATOM   1321 C  CB   . ALA A 1 166 ? 13.080  -17.224 -2.390  1.00 37.58  ? 205 ALA A CB   1 
ATOM   1322 N  N    . LEU A 1 167 ? 12.100  -14.427 -1.279  1.00 40.53  ? 206 LEU A N    1 
ATOM   1323 C  CA   . LEU A 1 167 ? 12.454  -13.146 -0.617  1.00 38.41  ? 206 LEU A CA   1 
ATOM   1324 C  C    . LEU A 1 167 ? 11.552  -12.940 0.596   1.00 33.71  ? 206 LEU A C    1 
ATOM   1325 O  O    . LEU A 1 167 ? 12.081  -12.515 1.639   1.00 34.26  ? 206 LEU A O    1 
ATOM   1326 C  CB   . LEU A 1 167 ? 12.294  -11.974 -1.591  1.00 40.57  ? 206 LEU A CB   1 
ATOM   1327 C  CG   . LEU A 1 167 ? 13.549  -11.426 -2.262  1.00 46.92  ? 206 LEU A CG   1 
ATOM   1328 C  CD1  . LEU A 1 167 ? 13.317  -9.970  -2.657  1.00 46.71  ? 206 LEU A CD1  1 
ATOM   1329 C  CD2  . LEU A 1 167 ? 14.802  -11.546 -1.404  1.00 48.10  ? 206 LEU A CD2  1 
ATOM   1330 N  N    . LYS A 1 168 ? 10.254  -13.218 0.437   1.00 32.90  ? 207 LYS A N    1 
ATOM   1331 C  CA   . LYS A 1 168 ? 9.216   -13.042 1.480   1.00 34.82  ? 207 LYS A CA   1 
ATOM   1332 C  C    . LYS A 1 168 ? 9.648   -13.846 2.719   1.00 40.57  ? 207 LYS A C    1 
ATOM   1333 O  O    . LYS A 1 168 ? 9.746   -13.271 3.838   1.00 39.63  ? 207 LYS A O    1 
ATOM   1334 C  CB   . LYS A 1 168 ? 7.849   -13.541 0.998   1.00 35.94  ? 207 LYS A CB   1 
ATOM   1335 C  CG   . LYS A 1 168 ? 7.243   -12.810 -0.191  1.00 39.43  ? 207 LYS A CG   1 
ATOM   1336 C  CD   . LYS A 1 168 ? 6.284   -11.708 0.186   1.00 39.10  ? 207 LYS A CD   1 
ATOM   1337 C  CE   . LYS A 1 168 ? 5.838   -10.898 -1.010  1.00 36.73  ? 207 LYS A CE   1 
ATOM   1338 N  NZ   . LYS A 1 168 ? 4.556   -10.229 -0.755  1.00 40.99  ? 207 LYS A NZ   1 
ATOM   1339 N  N    . ILE A 1 169 ? 9.923   -15.135 2.521   1.00 38.55  ? 208 ILE A N    1 
ATOM   1340 C  CA   . ILE A 1 169 ? 10.339  -16.046 3.626   1.00 37.40  ? 208 ILE A CA   1 
ATOM   1341 C  C    . ILE A 1 169 ? 11.690  -15.538 4.160   1.00 38.77  ? 208 ILE A C    1 
ATOM   1342 O  O    . ILE A 1 169 ? 11.878  -15.464 5.387   1.00 36.71  ? 208 ILE A O    1 
ATOM   1343 C  CB   . ILE A 1 169 ? 10.383  -17.507 3.124   1.00 36.04  ? 208 ILE A CB   1 
ATOM   1344 C  CG1  . ILE A 1 169 ? 8.999   -18.000 2.699   1.00 32.58  ? 208 ILE A CG1  1 
ATOM   1345 C  CG2  . ILE A 1 169 ? 11.014  -18.407 4.186   1.00 37.52  ? 208 ILE A CG2  1 
ATOM   1346 C  CD1  . ILE A 1 169 ? 9.039   -19.190 1.800   1.00 36.49  ? 208 ILE A CD1  1 
ATOM   1347 N  N    . LYS A 1 170 ? 12.615  -15.150 3.293   1.00 36.93  ? 209 LYS A N    1 
ATOM   1348 C  CA   . LYS A 1 170 ? 13.984  -14.814 3.777   1.00 40.89  ? 209 LYS A CA   1 
ATOM   1349 C  C    . LYS A 1 170 ? 13.926  -13.652 4.776   1.00 39.08  ? 209 LYS A C    1 
ATOM   1350 O  O    . LYS A 1 170 ? 14.652  -13.721 5.787   1.00 41.16  ? 209 LYS A O    1 
ATOM   1351 C  CB   . LYS A 1 170 ? 14.934  -14.519 2.615   1.00 41.22  ? 209 LYS A CB   1 
ATOM   1352 C  CG   . LYS A 1 170 ? 16.414  -14.453 2.970   1.00 45.97  ? 209 LYS A CG   1 
ATOM   1353 C  CD   . LYS A 1 170 ? 17.299  -14.290 1.727   1.00 48.65  ? 209 LYS A CD   1 
ATOM   1354 C  CE   . LYS A 1 170 ? 18.780  -14.520 1.965   1.00 53.96  ? 209 LYS A CE   1 
ATOM   1355 N  NZ   . LYS A 1 170 ? 19.429  -13.335 2.570   1.00 56.88  ? 209 LYS A NZ   1 
ATOM   1356 N  N    . TYR A 1 171 ? 13.107  -12.629 4.523   1.00 38.80  ? 210 TYR A N    1 
ATOM   1357 C  CA   . TYR A 1 171 ? 13.103  -11.366 5.303   1.00 38.90  ? 210 TYR A CA   1 
ATOM   1358 C  C    . TYR A 1 171 ? 11.912  -11.289 6.261   1.00 40.61  ? 210 TYR A C    1 
ATOM   1359 O  O    . TYR A 1 171 ? 11.833  -10.297 6.971   1.00 40.42  ? 210 TYR A O    1 
ATOM   1360 C  CB   . TYR A 1 171 ? 13.227  -10.167 4.353   1.00 42.62  ? 210 TYR A CB   1 
ATOM   1361 C  CG   . TYR A 1 171 ? 14.580  -10.136 3.685   1.00 42.70  ? 210 TYR A CG   1 
ATOM   1362 C  CD1  . TYR A 1 171 ? 15.697  -9.699  4.380   1.00 49.79  ? 210 TYR A CD1  1 
ATOM   1363 C  CD2  . TYR A 1 171 ? 14.767  -10.635 2.407   1.00 44.87  ? 210 TYR A CD2  1 
ATOM   1364 C  CE1  . TYR A 1 171 ? 16.958  -9.714  3.804   1.00 51.52  ? 210 TYR A CE1  1 
ATOM   1365 C  CE2  . TYR A 1 171 ? 16.020  -10.673 1.817   1.00 45.05  ? 210 TYR A CE2  1 
ATOM   1366 C  CZ   . TYR A 1 171 ? 17.116  -10.211 2.524   1.00 53.38  ? 210 TYR A CZ   1 
ATOM   1367 O  OH   . TYR A 1 171 ? 18.355  -10.243 1.966   1.00 55.29  ? 210 TYR A OH   1 
ATOM   1368 N  N    . ASN A 1 172 ? 11.005  -12.262 6.316   1.00 43.55  ? 211 ASN A N    1 
ATOM   1369 C  CA   . ASN A 1 172 ? 9.904   -12.202 7.316   1.00 50.73  ? 211 ASN A CA   1 
ATOM   1370 C  C    . ASN A 1 172 ? 10.416  -12.818 8.625   1.00 60.68  ? 211 ASN A C    1 
ATOM   1371 O  O    . ASN A 1 172 ? 11.452  -13.486 8.628   1.00 61.79  ? 211 ASN A O    1 
ATOM   1372 C  CB   . ASN A 1 172 ? 8.601   -12.801 6.780   1.00 54.94  ? 211 ASN A CB   1 
ATOM   1373 C  CG   . ASN A 1 172 ? 8.571   -14.319 6.751   1.00 56.65  ? 211 ASN A CG   1 
ATOM   1374 O  OD1  . ASN A 1 172 ? 7.667   -14.907 6.146   1.00 50.97  ? 211 ASN A OD1  1 
ATOM   1375 N  ND2  . ASN A 1 172 ? 9.540   -14.960 7.388   1.00 51.41  ? 211 ASN A ND2  1 
HETATM 1376 CD CD   . CD  B 2 .   ? 1.547   7.909   -8.301  0.50 29.00  ? 301 CD  A CD   1 
HETATM 1377 CD CD   . CD  C 2 .   ? 3.800   5.649   -10.107 1.00 30.66  ? 302 CD  A CD   1 
HETATM 1378 CD CD   . CD  D 2 .   ? -14.801 -0.958  0.977   1.00 61.74  ? 303 CD  A CD   1 
HETATM 1379 CD CD   . CD  E 2 .   ? -3.174  0.452   -21.847 1.00 42.49  ? 304 CD  A CD   1 
HETATM 1380 CD CD   . CD  F 2 .   ? -15.242 2.673   0.191   1.00 60.52  ? 305 CD  A CD   1 
HETATM 1381 C  C10  . JHP G 3 .   ? -11.623 10.756  8.824   0.76 61.92  ? 306 JHP A C10  1 
HETATM 1382 C  C13  . JHP G 3 .   ? -10.143 12.385  8.068   0.76 61.03  ? 306 JHP A C13  1 
HETATM 1383 C  C01  . JHP G 3 .   ? -15.372 6.665   12.297  0.76 70.91  ? 306 JHP A C01  1 
HETATM 1384 N  N02  . JHP G 3 .   ? -13.961 7.101   12.227  0.76 72.09  ? 306 JHP A N02  1 
HETATM 1385 C  C03  . JHP G 3 .   ? -12.908 6.620   13.009  0.76 68.50  ? 306 JHP A C03  1 
HETATM 1386 C  C04  . JHP G 3 .   ? -11.781 7.350   12.592  0.76 66.73  ? 306 JHP A C04  1 
HETATM 1387 C  C05  . JHP G 3 .   ? -12.203 8.233   11.575  0.76 66.21  ? 306 JHP A C05  1 
HETATM 1388 N  N06  . JHP G 3 .   ? -13.552 8.079   11.345  0.76 70.13  ? 306 JHP A N06  1 
HETATM 1389 C  C07  . JHP G 3 .   ? -11.374 9.208   10.829  0.76 65.32  ? 306 JHP A C07  1 
HETATM 1390 O  O08  . JHP G 3 .   ? -10.184 9.480   11.131  0.76 58.32  ? 306 JHP A O08  1 
HETATM 1391 N  N09  . JHP G 3 .   ? -12.100 9.764   9.780   0.76 63.44  ? 306 JHP A N09  1 
HETATM 1392 C  C11  . JHP G 3 .   ? -10.910 10.087  7.641   0.76 61.20  ? 306 JHP A C11  1 
HETATM 1393 C  C12  . JHP G 3 .   ? -9.986  11.190  7.122   0.76 63.37  ? 306 JHP A C12  1 
HETATM 1394 C  C14  . JHP G 3 .   ? -10.546 11.727  9.352   0.76 61.56  ? 306 JHP A C14  1 
HETATM 1395 CL CL15 . JHP G 3 .   ? -10.241 7.245   13.164  0.76 61.05  ? 306 JHP A CL15 1 
HETATM 1396 O  O    . HOH H 4 .   ? 14.474  -14.793 -4.447  1.00 41.84  ? 401 HOH A O    1 
HETATM 1397 O  O    . HOH H 4 .   ? 7.035   -11.658 -9.667  1.00 35.77  ? 402 HOH A O    1 
HETATM 1398 O  O    . HOH H 4 .   ? -6.657  -2.049  11.442  1.00 38.67  ? 403 HOH A O    1 
HETATM 1399 O  O    . HOH H 4 .   ? -6.411  8.232   18.341  0.50 55.62  ? 404 HOH A O    1 
HETATM 1400 O  O    . HOH H 4 .   ? 1.838   -0.407  -14.958 1.00 28.87  ? 405 HOH A O    1 
HETATM 1401 O  O    . HOH H 4 .   ? 8.485   0.254   4.589   1.00 35.76  ? 406 HOH A O    1 
HETATM 1402 O  O    . HOH H 4 .   ? 9.754   12.051  12.227  1.00 48.77  ? 407 HOH A O    1 
HETATM 1403 O  O    . HOH H 4 .   ? 1.572   3.386   17.447  1.00 54.44  ? 408 HOH A O    1 
HETATM 1404 O  O    . HOH H 4 .   ? -1.385  -9.207  1.231   1.00 33.73  ? 409 HOH A O    1 
HETATM 1405 O  O    . HOH H 4 .   ? -3.494  -3.529  -13.568 1.00 35.49  ? 410 HOH A O    1 
HETATM 1406 O  O    . HOH H 4 .   ? 6.604   -4.563  -8.117  1.00 37.14  ? 411 HOH A O    1 
HETATM 1407 O  O    . HOH H 4 .   ? -10.067 -10.087 -7.936  1.00 65.18  ? 412 HOH A O    1 
HETATM 1408 O  O    . HOH H 4 .   ? -9.590  -16.902 0.004   1.00 57.85  ? 413 HOH A O    1 
HETATM 1409 O  O    . HOH H 4 .   ? 8.914   -2.101  5.834   1.00 44.78  ? 414 HOH A O    1 
HETATM 1410 O  O    . HOH H 4 .   ? -0.567  -5.385  6.452   1.00 30.57  ? 415 HOH A O    1 
HETATM 1411 O  O    . HOH H 4 .   ? 7.328   9.324   11.222  1.00 43.44  ? 416 HOH A O    1 
HETATM 1412 O  O    . HOH H 4 .   ? 0.347   20.628  8.872   1.00 46.14  ? 417 HOH A O    1 
HETATM 1413 O  O    . HOH H 4 .   ? -11.256 -1.467  -2.093  1.00 39.99  ? 418 HOH A O    1 
HETATM 1414 O  O    . HOH H 4 .   ? -9.019  5.834   -2.942  1.00 40.65  ? 419 HOH A O    1 
HETATM 1415 O  O    . HOH H 4 .   ? 6.416   9.501   -4.952  1.00 52.94  ? 420 HOH A O    1 
HETATM 1416 O  O    . HOH H 4 .   ? -2.754  17.087  -1.591  1.00 45.54  ? 421 HOH A O    1 
HETATM 1417 O  O    . HOH H 4 .   ? -0.351  0.953   16.280  1.00 47.20  ? 422 HOH A O    1 
HETATM 1418 O  O    . HOH H 4 .   ? 17.100  -14.569 6.737   1.00 40.66  ? 423 HOH A O    1 
HETATM 1419 O  O    . HOH H 4 .   ? 2.028   5.152   14.032  1.00 36.71  ? 424 HOH A O    1 
HETATM 1420 O  O    . HOH H 4 .   ? 4.291   6.824   14.557  1.00 37.64  ? 425 HOH A O    1 
HETATM 1421 O  O    . HOH H 4 .   ? -2.045  -0.958  10.167  1.00 30.88  ? 426 HOH A O    1 
HETATM 1422 O  O    . HOH H 4 .   ? -7.837  -3.883  6.659   1.00 41.91  ? 427 HOH A O    1 
HETATM 1423 O  O    . HOH H 4 .   ? 2.804   2.794   13.329  1.00 36.60  ? 428 HOH A O    1 
HETATM 1424 O  O    . HOH H 4 .   ? -0.311  16.296  -1.727  1.00 41.16  ? 429 HOH A O    1 
HETATM 1425 O  O    . HOH H 4 .   ? -7.249  5.718   17.564  1.00 45.42  ? 430 HOH A O    1 
HETATM 1426 O  O    . HOH H 4 .   ? 1.388   -2.394  4.665   1.00 32.80  ? 431 HOH A O    1 
HETATM 1427 O  O    . HOH H 4 .   ? 8.415   -19.311 -10.350 1.00 45.57  ? 432 HOH A O    1 
HETATM 1428 O  O    . HOH H 4 .   ? 7.494   -3.555  -4.377  1.00 33.15  ? 433 HOH A O    1 
HETATM 1429 O  O    . HOH H 4 .   ? 2.816   14.427  -3.623  1.00 53.46  ? 434 HOH A O    1 
HETATM 1430 O  O    . HOH H 4 .   ? 1.190   -18.701 -2.677  1.00 46.79  ? 435 HOH A O    1 
HETATM 1431 O  O    . HOH H 4 .   ? -1.969  17.579  5.262   1.00 48.90  ? 436 HOH A O    1 
HETATM 1432 O  O    . HOH H 4 .   ? 15.148  3.122   3.992   1.00 61.97  ? 437 HOH A O    1 
HETATM 1433 O  O    . HOH H 4 .   ? -3.065  -12.067 7.327   1.00 45.35  ? 438 HOH A O    1 
HETATM 1434 O  O    . HOH H 4 .   ? -2.032  9.829   -7.033  1.00 25.27  ? 439 HOH A O    1 
HETATM 1435 O  O    . HOH H 4 .   ? 8.309   -10.804 -15.018 1.00 45.51  ? 440 HOH A O    1 
HETATM 1436 O  O    . HOH H 4 .   ? -5.700  -6.638  -20.042 1.00 46.06  ? 441 HOH A O    1 
HETATM 1437 O  O    . HOH H 4 .   ? -3.819  -15.081 -8.993  1.00 41.84  ? 442 HOH A O    1 
HETATM 1438 O  O    . HOH H 4 .   ? 8.260   -5.240  6.725   1.00 34.27  ? 443 HOH A O    1 
HETATM 1439 O  O    . HOH H 4 .   ? -4.049  -8.411  14.807  1.00 42.23  ? 444 HOH A O    1 
HETATM 1440 O  O    . HOH H 4 .   ? -0.912  -0.411  12.753  1.00 38.80  ? 445 HOH A O    1 
HETATM 1441 O  O    . HOH H 4 .   ? -3.011  1.388   -18.881 1.00 36.15  ? 446 HOH A O    1 
HETATM 1442 O  O    . HOH H 4 .   ? -13.471 3.872   1.513   1.00 30.04  ? 447 HOH A O    1 
HETATM 1443 O  O    . HOH H 4 .   ? 7.721   14.530  0.555   1.00 43.14  ? 448 HOH A O    1 
HETATM 1444 O  O    . HOH H 4 .   ? -13.240 -2.757  0.187   1.00 32.83  ? 449 HOH A O    1 
HETATM 1445 O  O    . HOH H 4 .   ? 16.928  1.236   3.211   1.00 53.70  ? 450 HOH A O    1 
HETATM 1446 O  O    . HOH H 4 .   ? -4.349  -13.014 11.941  1.00 42.45  ? 451 HOH A O    1 
HETATM 1447 O  O    . HOH H 4 .   ? 1.171   0.678   14.005  1.00 42.91  ? 452 HOH A O    1 
HETATM 1448 O  O    . HOH H 4 .   ? -1.421  -19.037 -1.802  1.00 58.32  ? 453 HOH A O    1 
HETATM 1449 O  O    . HOH H 4 .   ? 3.527   11.632  -4.781  1.00 18.15  ? 454 HOH A O    1 
HETATM 1450 O  O    . HOH H 4 .   ? -0.236  7.382   -9.180  0.50 23.72  ? 455 HOH A O    1 
HETATM 1451 O  O    . HOH H 4 .   ? -4.871  1.527   -21.400 1.00 34.75  ? 456 HOH A O    1 
HETATM 1452 O  O    . HOH H 4 .   ? -12.967 -0.627  3.318   1.00 50.23  ? 457 HOH A O    1 
HETATM 1453 O  O    . HOH H 4 .   ? -15.393 7.803   15.262  1.00 53.09  ? 458 HOH A O    1 
HETATM 1454 O  O    . HOH H 4 .   ? 2.677   4.594   -11.848 1.00 17.99  ? 459 HOH A O    1 
HETATM 1455 O  O    . HOH H 4 .   ? -2.846  -0.153  -24.217 1.00 30.52  ? 460 HOH A O    1 
HETATM 1456 O  O    . HOH H 4 .   ? -1.385  1.075   -20.615 1.00 26.41  ? 461 HOH A O    1 
HETATM 1457 O  O    . HOH H 4 .   ? 17.473  -16.511 -7.316  1.00 44.07  ? 462 HOH A O    1 
HETATM 1458 O  O    . HOH H 4 .   ? 15.879  -14.983 -1.844  1.00 53.46  ? 463 HOH A O    1 
HETATM 1459 O  O    . HOH H 4 .   ? 11.144  2.331   -8.098  1.00 52.51  ? 464 HOH A O    1 
HETATM 1460 O  O    . HOH H 4 .   ? 14.951  -18.117 4.590   1.00 38.78  ? 465 HOH A O    1 
HETATM 1461 O  O    . HOH H 4 .   ? -6.100  -2.760  13.977  1.00 37.51  ? 466 HOH A O    1 
HETATM 1462 O  O    . HOH H 4 .   ? -1.409  19.757  6.587   1.00 38.40  ? 467 HOH A O    1 
HETATM 1463 O  O    . HOH H 4 .   ? 6.649   -22.630 -3.333  1.00 59.53  ? 468 HOH A O    1 
HETATM 1464 O  O    . HOH H 4 .   ? -16.074 1.007   2.059   1.00 41.89  ? 469 HOH A O    1 
HETATM 1465 O  O    . HOH H 4 .   ? -17.199 1.427   -0.887  1.00 52.93  ? 470 HOH A O    1 
# 
